data_6Y4P
# 
_entry.id   6Y4P 
# 
_audit_conform.dict_name       mmcif_pdbx.dic 
_audit_conform.dict_version    5.383 
_audit_conform.dict_location   http://mmcif.pdb.org/dictionaries/ascii/mmcif_pdbx.dic 
# 
loop_
_database_2.database_id 
_database_2.database_code 
_database_2.pdbx_database_accession 
_database_2.pdbx_DOI 
PDB   6Y4P         pdb_00006y4p 10.2210/pdb6y4p/pdb 
WWPDB D_1292106895 ?            ?                   
# 
loop_
_pdbx_audit_revision_history.ordinal 
_pdbx_audit_revision_history.data_content_type 
_pdbx_audit_revision_history.major_revision 
_pdbx_audit_revision_history.minor_revision 
_pdbx_audit_revision_history.revision_date 
1 'Structure model' 1 0 2020-04-29 
2 'Structure model' 1 1 2020-05-06 
3 'Structure model' 1 2 2020-06-10 
4 'Structure model' 1 3 2020-07-29 
5 'Structure model' 1 4 2024-01-24 
# 
_pdbx_audit_revision_details.ordinal             1 
_pdbx_audit_revision_details.revision_ordinal    1 
_pdbx_audit_revision_details.data_content_type   'Structure model' 
_pdbx_audit_revision_details.provider            repository 
_pdbx_audit_revision_details.type                'Initial release' 
_pdbx_audit_revision_details.description         ? 
_pdbx_audit_revision_details.details             ? 
# 
loop_
_pdbx_audit_revision_group.ordinal 
_pdbx_audit_revision_group.revision_ordinal 
_pdbx_audit_revision_group.data_content_type 
_pdbx_audit_revision_group.group 
1 2 'Structure model' 'Database references'    
2 3 'Structure model' 'Database references'    
3 4 'Structure model' 'Database references'    
4 4 'Structure model' 'Source and taxonomy'    
5 4 'Structure model' 'Structure summary'      
6 5 'Structure model' 'Data collection'        
7 5 'Structure model' 'Database references'    
8 5 'Structure model' 'Refinement description' 
# 
loop_
_pdbx_audit_revision_category.ordinal 
_pdbx_audit_revision_category.revision_ordinal 
_pdbx_audit_revision_category.data_content_type 
_pdbx_audit_revision_category.category 
1  2 'Structure model' citation                      
2  2 'Structure model' citation_author               
3  3 'Structure model' citation                      
4  3 'Structure model' citation_author               
5  4 'Structure model' entity                        
6  4 'Structure model' entity_name_com               
7  4 'Structure model' entity_src_gen                
8  4 'Structure model' struct_ref                    
9  4 'Structure model' struct_ref_seq                
10 4 'Structure model' struct_ref_seq_dif            
11 5 'Structure model' chem_comp_atom                
12 5 'Structure model' chem_comp_bond                
13 5 'Structure model' database_2                    
14 5 'Structure model' pdbx_initial_refinement_model 
# 
loop_
_pdbx_audit_revision_item.ordinal 
_pdbx_audit_revision_item.revision_ordinal 
_pdbx_audit_revision_item.data_content_type 
_pdbx_audit_revision_item.item 
1  2 'Structure model' '_citation.pdbx_database_id_DOI'                 
2  2 'Structure model' '_citation.pdbx_database_id_PubMed'              
3  2 'Structure model' '_citation.title'                                
4  2 'Structure model' '_citation_author.identifier_ORCID'              
5  2 'Structure model' '_citation_author.name'                          
6  3 'Structure model' '_citation.journal_volume'                       
7  3 'Structure model' '_citation.page_first'                           
8  3 'Structure model' '_citation.page_last'                            
9  3 'Structure model' '_citation.title'                                
10 3 'Structure model' '_citation_author.identifier_ORCID'              
11 4 'Structure model' '_entity.pdbx_description'                       
12 4 'Structure model' '_entity_src_gen.gene_src_common_name'           
13 4 'Structure model' '_entity_src_gen.pdbx_gene_src_gene'             
14 4 'Structure model' '_entity_src_gen.pdbx_gene_src_ncbi_taxonomy_id' 
15 4 'Structure model' '_entity_src_gen.pdbx_gene_src_scientific_name'  
16 4 'Structure model' '_struct_ref.db_code'                            
17 4 'Structure model' '_struct_ref.pdbx_align_begin'                   
18 4 'Structure model' '_struct_ref.pdbx_db_accession'                  
19 4 'Structure model' '_struct_ref_seq.db_align_beg'                   
20 4 'Structure model' '_struct_ref_seq.db_align_end'                   
21 4 'Structure model' '_struct_ref_seq.pdbx_db_accession'              
22 4 'Structure model' '_struct_ref_seq_dif.pdbx_seq_db_accession_code' 
23 5 'Structure model' '_database_2.pdbx_DOI'                           
24 5 'Structure model' '_database_2.pdbx_database_accession'            
# 
_pdbx_database_status.status_code                     REL 
_pdbx_database_status.status_code_sf                  REL 
_pdbx_database_status.status_code_mr                  ? 
_pdbx_database_status.entry_id                        6Y4P 
_pdbx_database_status.recvd_initial_deposition_date   2020-02-21 
_pdbx_database_status.SG_entry                        N 
_pdbx_database_status.deposit_site                    PDBE 
_pdbx_database_status.process_site                    PDBE 
_pdbx_database_status.status_code_cs                  ? 
_pdbx_database_status.status_code_nmr_data            ? 
_pdbx_database_status.methods_development_category    ? 
_pdbx_database_status.pdb_format_compatible           Y 
# 
loop_
_audit_author.name 
_audit_author.pdbx_ordinal 
_audit_author.identifier_ORCID 
'Lau, K.'         1  ? 
'Nielsen, L.H.'   2  ? 
'Holt, C.'        3  ? 
'Brohus, M.'      4  ? 
'Sorensen, A.B.'  5  ? 
'Larsen, K.T.'    6  ? 
'Sommer, C.'      7  ? 
'Van Petegem, F.' 8  ? 
'Overgaard, M.T.' 9  ? 
'Wimmer, R.'      10 ? 
# 
_citation.abstract                  ? 
_citation.abstract_id_CAS           ? 
_citation.book_id_ISBN              ? 
_citation.book_publisher            ? 
_citation.book_publisher_city       ? 
_citation.book_title                ? 
_citation.coordinate_linkage        ? 
_citation.country                   US 
_citation.database_id_Medline       ? 
_citation.details                   ? 
_citation.id                        primary 
_citation.journal_abbrev            J.Biol.Chem. 
_citation.journal_id_ASTM           JBCHA3 
_citation.journal_id_CSD            0071 
_citation.journal_id_ISSN           1083-351X 
_citation.journal_full              ? 
_citation.journal_issue             ? 
_citation.journal_volume            295 
_citation.language                  ? 
_citation.page_first                7620 
_citation.page_last                 7634 
_citation.title                     
;The arrhythmogenic N53I variant subtly changes the structure and dynamics in the calmodulin N-terminal domain, altering its interaction with the cardiac ryanodine receptor.
;
_citation.year                      2020 
_citation.database_id_CSD           ? 
_citation.pdbx_database_id_DOI      10.1074/jbc.RA120.013430 
_citation.pdbx_database_id_PubMed   32317284 
_citation.unpublished_flag          ? 
# 
loop_
_citation_author.citation_id 
_citation_author.name 
_citation_author.ordinal 
_citation_author.identifier_ORCID 
primary 'Holt, C.'        1  ? 
primary 'Hamborg, L.'     2  ? 
primary 'Lau, K.'         3  ? 
primary 'Brohus, M.'      4  ? 
primary 'Sorensen, A.B.'  5  ? 
primary 'Larsen, K.T.'    6  ? 
primary 'Sommer, C.'      7  ? 
primary 'Van Petegem, F.' 8  ? 
primary 'Overgaard, M.T.' 9  ? 
primary 'Wimmer, R.'      10 ? 
# 
loop_
_entity.id 
_entity.type 
_entity.src_method 
_entity.pdbx_description 
_entity.formula_weight 
_entity.pdbx_number_of_molecules 
_entity.pdbx_ec 
_entity.pdbx_mutation 
_entity.pdbx_fragment 
_entity.details 
1 polymer     man Calmodulin-1           16851.600 1  ? N53I ? ? 
2 polymer     man 'Ryanodine receptor 2' 3478.235  1  ? ?    ? ? 
3 non-polymer syn 'CALCIUM ION'          40.078    4  ? ?    ? ? 
4 water       nat water                  18.015    61 ? ?    ? ? 
# 
_entity_name_com.entity_id   2 
_entity_name_com.name        
'RyR2,Cardiac muscle ryanodine receptor,Cardiac muscle ryanodine receptor-calcium release channel,Type 2 ryanodine receptor' 
# 
loop_
_entity_poly.entity_id 
_entity_poly.type 
_entity_poly.nstd_linkage 
_entity_poly.nstd_monomer 
_entity_poly.pdbx_seq_one_letter_code 
_entity_poly.pdbx_seq_one_letter_code_can 
_entity_poly.pdbx_strand_id 
_entity_poly.pdbx_target_identifier 
1 'polypeptide(L)' no no 
;MADQLTEEQIAEFKEAFSLFDKDGDGTITTKELGTVMRSLGQNPTEAELQDMIIEVDADGNGTIDFPEFLTMMARKMKDT
DSEEEIREAFRVFDKDGNGYISAAELRHVMTNLGEKLTDEEVDEMIREADIDGDGQVNYEEFVQMMTAK
;
;MADQLTEEQIAEFKEAFSLFDKDGDGTITTKELGTVMRSLGQNPTEAELQDMIIEVDADGNGTIDFPEFLTMMARKMKDT
DSEEEIREAFRVFDKDGNGYISAAELRHVMTNLGEKLTDEEVDEMIREADIDGDGQVNYEEFVQMMTAK
;
A ? 
2 'polypeptide(L)' no no SNARSKKAVWHKLLSKQRKRAVVACFRMAP SNARSKKAVWHKLLSKQRKRAVVACFRMAP B ? 
# 
loop_
_pdbx_entity_nonpoly.entity_id 
_pdbx_entity_nonpoly.name 
_pdbx_entity_nonpoly.comp_id 
3 'CALCIUM ION' CA  
4 water         HOH 
# 
loop_
_entity_poly_seq.entity_id 
_entity_poly_seq.num 
_entity_poly_seq.mon_id 
_entity_poly_seq.hetero 
1 1   MET n 
1 2   ALA n 
1 3   ASP n 
1 4   GLN n 
1 5   LEU n 
1 6   THR n 
1 7   GLU n 
1 8   GLU n 
1 9   GLN n 
1 10  ILE n 
1 11  ALA n 
1 12  GLU n 
1 13  PHE n 
1 14  LYS n 
1 15  GLU n 
1 16  ALA n 
1 17  PHE n 
1 18  SER n 
1 19  LEU n 
1 20  PHE n 
1 21  ASP n 
1 22  LYS n 
1 23  ASP n 
1 24  GLY n 
1 25  ASP n 
1 26  GLY n 
1 27  THR n 
1 28  ILE n 
1 29  THR n 
1 30  THR n 
1 31  LYS n 
1 32  GLU n 
1 33  LEU n 
1 34  GLY n 
1 35  THR n 
1 36  VAL n 
1 37  MET n 
1 38  ARG n 
1 39  SER n 
1 40  LEU n 
1 41  GLY n 
1 42  GLN n 
1 43  ASN n 
1 44  PRO n 
1 45  THR n 
1 46  GLU n 
1 47  ALA n 
1 48  GLU n 
1 49  LEU n 
1 50  GLN n 
1 51  ASP n 
1 52  MET n 
1 53  ILE n 
1 54  ILE n 
1 55  GLU n 
1 56  VAL n 
1 57  ASP n 
1 58  ALA n 
1 59  ASP n 
1 60  GLY n 
1 61  ASN n 
1 62  GLY n 
1 63  THR n 
1 64  ILE n 
1 65  ASP n 
1 66  PHE n 
1 67  PRO n 
1 68  GLU n 
1 69  PHE n 
1 70  LEU n 
1 71  THR n 
1 72  MET n 
1 73  MET n 
1 74  ALA n 
1 75  ARG n 
1 76  LYS n 
1 77  MET n 
1 78  LYS n 
1 79  ASP n 
1 80  THR n 
1 81  ASP n 
1 82  SER n 
1 83  GLU n 
1 84  GLU n 
1 85  GLU n 
1 86  ILE n 
1 87  ARG n 
1 88  GLU n 
1 89  ALA n 
1 90  PHE n 
1 91  ARG n 
1 92  VAL n 
1 93  PHE n 
1 94  ASP n 
1 95  LYS n 
1 96  ASP n 
1 97  GLY n 
1 98  ASN n 
1 99  GLY n 
1 100 TYR n 
1 101 ILE n 
1 102 SER n 
1 103 ALA n 
1 104 ALA n 
1 105 GLU n 
1 106 LEU n 
1 107 ARG n 
1 108 HIS n 
1 109 VAL n 
1 110 MET n 
1 111 THR n 
1 112 ASN n 
1 113 LEU n 
1 114 GLY n 
1 115 GLU n 
1 116 LYS n 
1 117 LEU n 
1 118 THR n 
1 119 ASP n 
1 120 GLU n 
1 121 GLU n 
1 122 VAL n 
1 123 ASP n 
1 124 GLU n 
1 125 MET n 
1 126 ILE n 
1 127 ARG n 
1 128 GLU n 
1 129 ALA n 
1 130 ASP n 
1 131 ILE n 
1 132 ASP n 
1 133 GLY n 
1 134 ASP n 
1 135 GLY n 
1 136 GLN n 
1 137 VAL n 
1 138 ASN n 
1 139 TYR n 
1 140 GLU n 
1 141 GLU n 
1 142 PHE n 
1 143 VAL n 
1 144 GLN n 
1 145 MET n 
1 146 MET n 
1 147 THR n 
1 148 ALA n 
1 149 LYS n 
2 1   SER n 
2 2   ASN n 
2 3   ALA n 
2 4   ARG n 
2 5   SER n 
2 6   LYS n 
2 7   LYS n 
2 8   ALA n 
2 9   VAL n 
2 10  TRP n 
2 11  HIS n 
2 12  LYS n 
2 13  LEU n 
2 14  LEU n 
2 15  SER n 
2 16  LYS n 
2 17  GLN n 
2 18  ARG n 
2 19  LYS n 
2 20  ARG n 
2 21  ALA n 
2 22  VAL n 
2 23  VAL n 
2 24  ALA n 
2 25  CYS n 
2 26  PHE n 
2 27  ARG n 
2 28  MET n 
2 29  ALA n 
2 30  PRO n 
# 
loop_
_entity_src_gen.entity_id 
_entity_src_gen.pdbx_src_id 
_entity_src_gen.pdbx_alt_source_flag 
_entity_src_gen.pdbx_seq_type 
_entity_src_gen.pdbx_beg_seq_num 
_entity_src_gen.pdbx_end_seq_num 
_entity_src_gen.gene_src_common_name 
_entity_src_gen.gene_src_genus 
_entity_src_gen.pdbx_gene_src_gene 
_entity_src_gen.gene_src_species 
_entity_src_gen.gene_src_strain 
_entity_src_gen.gene_src_tissue 
_entity_src_gen.gene_src_tissue_fraction 
_entity_src_gen.gene_src_details 
_entity_src_gen.pdbx_gene_src_fragment 
_entity_src_gen.pdbx_gene_src_scientific_name 
_entity_src_gen.pdbx_gene_src_ncbi_taxonomy_id 
_entity_src_gen.pdbx_gene_src_variant 
_entity_src_gen.pdbx_gene_src_cell_line 
_entity_src_gen.pdbx_gene_src_atcc 
_entity_src_gen.pdbx_gene_src_organ 
_entity_src_gen.pdbx_gene_src_organelle 
_entity_src_gen.pdbx_gene_src_cell 
_entity_src_gen.pdbx_gene_src_cellular_location 
_entity_src_gen.host_org_common_name 
_entity_src_gen.pdbx_host_org_scientific_name 
_entity_src_gen.pdbx_host_org_ncbi_taxonomy_id 
_entity_src_gen.host_org_genus 
_entity_src_gen.pdbx_host_org_gene 
_entity_src_gen.pdbx_host_org_organ 
_entity_src_gen.host_org_species 
_entity_src_gen.pdbx_host_org_tissue 
_entity_src_gen.pdbx_host_org_tissue_fraction 
_entity_src_gen.pdbx_host_org_strain 
_entity_src_gen.pdbx_host_org_variant 
_entity_src_gen.pdbx_host_org_cell_line 
_entity_src_gen.pdbx_host_org_atcc 
_entity_src_gen.pdbx_host_org_culture_collection 
_entity_src_gen.pdbx_host_org_cell 
_entity_src_gen.pdbx_host_org_organelle 
_entity_src_gen.pdbx_host_org_cellular_location 
_entity_src_gen.pdbx_host_org_vector_type 
_entity_src_gen.pdbx_host_org_vector 
_entity_src_gen.host_org_details 
_entity_src_gen.expression_system_id 
_entity_src_gen.plasmid_name 
_entity_src_gen.plasmid_details 
_entity_src_gen.pdbx_description 
1 1 sample 'Biological sequence' 1 149 Human ? 'CALM1, CALM, CAM, CAM1' ? ? ? ? ? ? 'Homo sapiens' 9606  ? ? ? ? ? ? ? ? 
'Escherichia coli' 562 ? ? ? ? ? ? ? ? ? ? ? ? ? ? ? ? ? ? ? ? ? 
2 1 sample 'Biological sequence' 1 30  Mouse ? Ryr2                     ? ? ? ? ? ? 'Mus musculus' 10090 ? ? ? ? ? ? ? ? 
'Escherichia coli' 562 ? ? ? ? ? ? ? ? ? ? ? ? ? ? ? ? ? ? ? ? ? 
# 
loop_
_chem_comp.id 
_chem_comp.type 
_chem_comp.mon_nstd_flag 
_chem_comp.name 
_chem_comp.pdbx_synonyms 
_chem_comp.formula 
_chem_comp.formula_weight 
ALA 'L-peptide linking' y ALANINE         ? 'C3 H7 N O2'     89.093  
ARG 'L-peptide linking' y ARGININE        ? 'C6 H15 N4 O2 1' 175.209 
ASN 'L-peptide linking' y ASPARAGINE      ? 'C4 H8 N2 O3'    132.118 
ASP 'L-peptide linking' y 'ASPARTIC ACID' ? 'C4 H7 N O4'     133.103 
CA  non-polymer         . 'CALCIUM ION'   ? 'Ca 2'           40.078  
CYS 'L-peptide linking' y CYSTEINE        ? 'C3 H7 N O2 S'   121.158 
GLN 'L-peptide linking' y GLUTAMINE       ? 'C5 H10 N2 O3'   146.144 
GLU 'L-peptide linking' y 'GLUTAMIC ACID' ? 'C5 H9 N O4'     147.129 
GLY 'peptide linking'   y GLYCINE         ? 'C2 H5 N O2'     75.067  
HIS 'L-peptide linking' y HISTIDINE       ? 'C6 H10 N3 O2 1' 156.162 
HOH non-polymer         . WATER           ? 'H2 O'           18.015  
ILE 'L-peptide linking' y ISOLEUCINE      ? 'C6 H13 N O2'    131.173 
LEU 'L-peptide linking' y LEUCINE         ? 'C6 H13 N O2'    131.173 
LYS 'L-peptide linking' y LYSINE          ? 'C6 H15 N2 O2 1' 147.195 
MET 'L-peptide linking' y METHIONINE      ? 'C5 H11 N O2 S'  149.211 
PHE 'L-peptide linking' y PHENYLALANINE   ? 'C9 H11 N O2'    165.189 
PRO 'L-peptide linking' y PROLINE         ? 'C5 H9 N O2'     115.130 
SER 'L-peptide linking' y SERINE          ? 'C3 H7 N O3'     105.093 
THR 'L-peptide linking' y THREONINE       ? 'C4 H9 N O3'     119.119 
TRP 'L-peptide linking' y TRYPTOPHAN      ? 'C11 H12 N2 O2'  204.225 
TYR 'L-peptide linking' y TYROSINE        ? 'C9 H11 N O3'    181.189 
VAL 'L-peptide linking' y VALINE          ? 'C5 H11 N O2'    117.146 
# 
loop_
_pdbx_poly_seq_scheme.asym_id 
_pdbx_poly_seq_scheme.entity_id 
_pdbx_poly_seq_scheme.seq_id 
_pdbx_poly_seq_scheme.mon_id 
_pdbx_poly_seq_scheme.ndb_seq_num 
_pdbx_poly_seq_scheme.pdb_seq_num 
_pdbx_poly_seq_scheme.auth_seq_num 
_pdbx_poly_seq_scheme.pdb_mon_id 
_pdbx_poly_seq_scheme.auth_mon_id 
_pdbx_poly_seq_scheme.pdb_strand_id 
_pdbx_poly_seq_scheme.pdb_ins_code 
_pdbx_poly_seq_scheme.hetero 
A 1 1   MET 1   0    ?    ?   ?   A . n 
A 1 2   ALA 2   1    ?    ?   ?   A . n 
A 1 3   ASP 3   2    ?    ?   ?   A . n 
A 1 4   GLN 4   3    ?    ?   ?   A . n 
A 1 5   LEU 5   4    4    LEU LEU A . n 
A 1 6   THR 6   5    5    THR THR A . n 
A 1 7   GLU 7   6    6    GLU GLU A . n 
A 1 8   GLU 8   7    7    GLU GLU A . n 
A 1 9   GLN 9   8    8    GLN GLN A . n 
A 1 10  ILE 10  9    9    ILE ILE A . n 
A 1 11  ALA 11  10   10   ALA ALA A . n 
A 1 12  GLU 12  11   11   GLU GLU A . n 
A 1 13  PHE 13  12   12   PHE PHE A . n 
A 1 14  LYS 14  13   13   LYS LYS A . n 
A 1 15  GLU 15  14   14   GLU GLU A . n 
A 1 16  ALA 16  15   15   ALA ALA A . n 
A 1 17  PHE 17  16   16   PHE PHE A . n 
A 1 18  SER 18  17   17   SER SER A . n 
A 1 19  LEU 19  18   18   LEU LEU A . n 
A 1 20  PHE 20  19   19   PHE PHE A . n 
A 1 21  ASP 21  20   20   ASP ASP A . n 
A 1 22  LYS 22  21   21   LYS LYS A . n 
A 1 23  ASP 23  22   22   ASP ASP A . n 
A 1 24  GLY 24  23   23   GLY GLY A . n 
A 1 25  ASP 25  24   24   ASP ASP A . n 
A 1 26  GLY 26  25   25   GLY GLY A . n 
A 1 27  THR 27  26   26   THR THR A . n 
A 1 28  ILE 28  27   27   ILE ILE A . n 
A 1 29  THR 29  28   28   THR THR A . n 
A 1 30  THR 30  29   29   THR THR A . n 
A 1 31  LYS 31  30   30   LYS LYS A . n 
A 1 32  GLU 32  31   31   GLU GLU A . n 
A 1 33  LEU 33  32   32   LEU LEU A . n 
A 1 34  GLY 34  33   33   GLY GLY A . n 
A 1 35  THR 35  34   34   THR THR A . n 
A 1 36  VAL 36  35   35   VAL VAL A . n 
A 1 37  MET 37  36   36   MET MET A . n 
A 1 38  ARG 38  37   37   ARG ARG A . n 
A 1 39  SER 39  38   38   SER SER A . n 
A 1 40  LEU 40  39   39   LEU LEU A . n 
A 1 41  GLY 41  40   40   GLY GLY A . n 
A 1 42  GLN 42  41   41   GLN GLN A . n 
A 1 43  ASN 43  42   42   ASN ASN A . n 
A 1 44  PRO 44  43   43   PRO PRO A . n 
A 1 45  THR 45  44   44   THR THR A . n 
A 1 46  GLU 46  45   45   GLU GLU A . n 
A 1 47  ALA 47  46   46   ALA ALA A . n 
A 1 48  GLU 48  47   47   GLU GLU A . n 
A 1 49  LEU 49  48   48   LEU LEU A . n 
A 1 50  GLN 50  49   49   GLN GLN A . n 
A 1 51  ASP 51  50   50   ASP ASP A . n 
A 1 52  MET 52  51   51   MET MET A . n 
A 1 53  ILE 53  52   52   ILE ILE A . n 
A 1 54  ILE 54  53   53   ILE ILE A . n 
A 1 55  GLU 55  54   54   GLU GLU A . n 
A 1 56  VAL 56  55   55   VAL VAL A . n 
A 1 57  ASP 57  56   56   ASP ASP A . n 
A 1 58  ALA 58  57   57   ALA ALA A . n 
A 1 59  ASP 59  58   58   ASP ASP A . n 
A 1 60  GLY 60  59   59   GLY GLY A . n 
A 1 61  ASN 61  60   60   ASN ASN A . n 
A 1 62  GLY 62  61   61   GLY GLY A . n 
A 1 63  THR 63  62   62   THR THR A . n 
A 1 64  ILE 64  63   63   ILE ILE A . n 
A 1 65  ASP 65  64   64   ASP ASP A . n 
A 1 66  PHE 66  65   65   PHE PHE A . n 
A 1 67  PRO 67  66   66   PRO PRO A . n 
A 1 68  GLU 68  67   67   GLU GLU A . n 
A 1 69  PHE 69  68   68   PHE PHE A . n 
A 1 70  LEU 70  69   69   LEU LEU A . n 
A 1 71  THR 71  70   70   THR THR A . n 
A 1 72  MET 72  71   71   MET MET A . n 
A 1 73  MET 73  72   72   MET MET A . n 
A 1 74  ALA 74  73   73   ALA ALA A . n 
A 1 75  ARG 75  74   74   ARG ARG A . n 
A 1 76  LYS 76  75   75   LYS LYS A . n 
A 1 77  MET 77  76   76   MET MET A . n 
A 1 78  LYS 78  77   77   LYS LYS A . n 
A 1 79  ASP 79  78   ?    ?   ?   A . n 
A 1 80  THR 80  79   ?    ?   ?   A . n 
A 1 81  ASP 81  80   ?    ?   ?   A . n 
A 1 82  SER 82  81   ?    ?   ?   A . n 
A 1 83  GLU 83  82   82   GLU GLU A . n 
A 1 84  GLU 84  83   83   GLU GLU A . n 
A 1 85  GLU 85  84   84   GLU GLU A . n 
A 1 86  ILE 86  85   85   ILE ILE A . n 
A 1 87  ARG 87  86   86   ARG ARG A . n 
A 1 88  GLU 88  87   87   GLU GLU A . n 
A 1 89  ALA 89  88   88   ALA ALA A . n 
A 1 90  PHE 90  89   89   PHE PHE A . n 
A 1 91  ARG 91  90   90   ARG ARG A . n 
A 1 92  VAL 92  91   91   VAL VAL A . n 
A 1 93  PHE 93  92   92   PHE PHE A . n 
A 1 94  ASP 94  93   93   ASP ASP A . n 
A 1 95  LYS 95  94   94   LYS LYS A . n 
A 1 96  ASP 96  95   95   ASP ASP A . n 
A 1 97  GLY 97  96   96   GLY GLY A . n 
A 1 98  ASN 98  97   97   ASN ASN A . n 
A 1 99  GLY 99  98   98   GLY GLY A . n 
A 1 100 TYR 100 99   99   TYR TYR A . n 
A 1 101 ILE 101 100  100  ILE ILE A . n 
A 1 102 SER 102 101  101  SER SER A . n 
A 1 103 ALA 103 102  102  ALA ALA A . n 
A 1 104 ALA 104 103  103  ALA ALA A . n 
A 1 105 GLU 105 104  104  GLU GLU A . n 
A 1 106 LEU 106 105  105  LEU LEU A . n 
A 1 107 ARG 107 106  106  ARG ARG A . n 
A 1 108 HIS 108 107  107  HIS HIS A . n 
A 1 109 VAL 109 108  108  VAL VAL A . n 
A 1 110 MET 110 109  109  MET MET A . n 
A 1 111 THR 111 110  110  THR THR A . n 
A 1 112 ASN 112 111  111  ASN ASN A . n 
A 1 113 LEU 113 112  112  LEU LEU A . n 
A 1 114 GLY 114 113  113  GLY GLY A . n 
A 1 115 GLU 115 114  114  GLU GLU A . n 
A 1 116 LYS 116 115  115  LYS LYS A . n 
A 1 117 LEU 117 116  116  LEU LEU A . n 
A 1 118 THR 118 117  117  THR THR A . n 
A 1 119 ASP 119 118  118  ASP ASP A . n 
A 1 120 GLU 120 119  119  GLU GLU A . n 
A 1 121 GLU 121 120  120  GLU GLU A . n 
A 1 122 VAL 122 121  121  VAL VAL A . n 
A 1 123 ASP 123 122  122  ASP ASP A . n 
A 1 124 GLU 124 123  123  GLU GLU A . n 
A 1 125 MET 125 124  124  MET MET A . n 
A 1 126 ILE 126 125  125  ILE ILE A . n 
A 1 127 ARG 127 126  126  ARG ARG A . n 
A 1 128 GLU 128 127  127  GLU GLU A . n 
A 1 129 ALA 129 128  128  ALA ALA A . n 
A 1 130 ASP 130 129  129  ASP ASP A . n 
A 1 131 ILE 131 130  130  ILE ILE A . n 
A 1 132 ASP 132 131  131  ASP ASP A . n 
A 1 133 GLY 133 132  132  GLY GLY A . n 
A 1 134 ASP 134 133  133  ASP ASP A . n 
A 1 135 GLY 135 134  134  GLY GLY A . n 
A 1 136 GLN 136 135  135  GLN GLN A . n 
A 1 137 VAL 137 136  136  VAL VAL A . n 
A 1 138 ASN 138 137  137  ASN ASN A . n 
A 1 139 TYR 139 138  138  TYR TYR A . n 
A 1 140 GLU 140 139  139  GLU GLU A . n 
A 1 141 GLU 141 140  140  GLU GLU A . n 
A 1 142 PHE 142 141  141  PHE PHE A . n 
A 1 143 VAL 143 142  142  VAL VAL A . n 
A 1 144 GLN 144 143  143  GLN GLN A . n 
A 1 145 MET 145 144  144  MET MET A . n 
A 1 146 MET 146 145  145  MET MET A . n 
A 1 147 THR 147 146  146  THR THR A . n 
A 1 148 ALA 148 147  ?    ?   ?   A . n 
A 1 149 LYS 149 148  ?    ?   ?   A . n 
B 2 1   SER 1   3611 ?    ?   ?   B . n 
B 2 2   ASN 2   3612 ?    ?   ?   B . n 
B 2 3   ALA 3   3613 ?    ?   ?   B . n 
B 2 4   ARG 4   3614 ?    ?   ?   B . n 
B 2 5   SER 5   3615 3615 SER SER B . n 
B 2 6   LYS 6   3616 3616 LYS LYS B . n 
B 2 7   LYS 7   3617 3617 LYS LYS B . n 
B 2 8   ALA 8   3618 3618 ALA ALA B . n 
B 2 9   VAL 9   3619 3619 VAL VAL B . n 
B 2 10  TRP 10  3620 3620 TRP TRP B . n 
B 2 11  HIS 11  3621 3621 HIS HIS B . n 
B 2 12  LYS 12  3622 3622 LYS LYS B . n 
B 2 13  LEU 13  3623 3623 LEU LEU B . n 
B 2 14  LEU 14  3624 3624 LEU LEU B . n 
B 2 15  SER 15  3625 3625 SER SER B . n 
B 2 16  LYS 16  3626 3626 LYS LYS B . n 
B 2 17  GLN 17  3627 3627 GLN GLN B . n 
B 2 18  ARG 18  3628 3628 ARG ARG B . n 
B 2 19  LYS 19  3629 3629 LYS LYS B . n 
B 2 20  ARG 20  3630 3630 ARG ARG B . n 
B 2 21  ALA 21  3631 3631 ALA ALA B . n 
B 2 22  VAL 22  3632 3632 VAL VAL B . n 
B 2 23  VAL 23  3633 3633 VAL VAL B . n 
B 2 24  ALA 24  3634 3634 ALA ALA B . n 
B 2 25  CYS 25  3635 3635 CYS CYS B . n 
B 2 26  PHE 26  3636 3636 PHE PHE B . n 
B 2 27  ARG 27  3637 3637 ARG ARG B . n 
B 2 28  MET 28  3638 3638 MET MET B . n 
B 2 29  ALA 29  3639 3639 ALA ALA B . n 
B 2 30  PRO 30  3640 ?    ?   ?   B . n 
# 
loop_
_pdbx_nonpoly_scheme.asym_id 
_pdbx_nonpoly_scheme.entity_id 
_pdbx_nonpoly_scheme.mon_id 
_pdbx_nonpoly_scheme.ndb_seq_num 
_pdbx_nonpoly_scheme.pdb_seq_num 
_pdbx_nonpoly_scheme.auth_seq_num 
_pdbx_nonpoly_scheme.pdb_mon_id 
_pdbx_nonpoly_scheme.auth_mon_id 
_pdbx_nonpoly_scheme.pdb_strand_id 
_pdbx_nonpoly_scheme.pdb_ins_code 
C 3 CA  1  201  1  CA  CA  A . 
D 3 CA  1  202  2  CA  CA  A . 
E 3 CA  1  203  3  CA  CA  A . 
F 3 CA  1  204  4  CA  CA  A . 
G 4 HOH 1  301  27 HOH HOH A . 
G 4 HOH 2  302  11 HOH HOH A . 
G 4 HOH 3  303  49 HOH HOH A . 
G 4 HOH 4  304  57 HOH HOH A . 
G 4 HOH 5  305  28 HOH HOH A . 
G 4 HOH 6  306  14 HOH HOH A . 
G 4 HOH 7  307  29 HOH HOH A . 
G 4 HOH 8  308  8  HOH HOH A . 
G 4 HOH 9  309  33 HOH HOH A . 
G 4 HOH 10 310  45 HOH HOH A . 
G 4 HOH 11 311  22 HOH HOH A . 
G 4 HOH 12 312  7  HOH HOH A . 
G 4 HOH 13 313  31 HOH HOH A . 
G 4 HOH 14 314  6  HOH HOH A . 
G 4 HOH 15 315  18 HOH HOH A . 
G 4 HOH 16 316  25 HOH HOH A . 
G 4 HOH 17 317  32 HOH HOH A . 
G 4 HOH 18 318  10 HOH HOH A . 
G 4 HOH 19 319  23 HOH HOH A . 
G 4 HOH 20 320  60 HOH HOH A . 
G 4 HOH 21 321  12 HOH HOH A . 
G 4 HOH 22 322  61 HOH HOH A . 
G 4 HOH 23 323  16 HOH HOH A . 
G 4 HOH 24 324  38 HOH HOH A . 
G 4 HOH 25 325  13 HOH HOH A . 
G 4 HOH 26 326  15 HOH HOH A . 
G 4 HOH 27 327  5  HOH HOH A . 
G 4 HOH 28 328  36 HOH HOH A . 
G 4 HOH 29 329  44 HOH HOH A . 
G 4 HOH 30 330  4  HOH HOH A . 
G 4 HOH 31 331  17 HOH HOH A . 
G 4 HOH 32 332  19 HOH HOH A . 
G 4 HOH 33 333  20 HOH HOH A . 
G 4 HOH 34 334  50 HOH HOH A . 
G 4 HOH 35 335  51 HOH HOH A . 
G 4 HOH 36 336  1  HOH HOH A . 
G 4 HOH 37 337  30 HOH HOH A . 
G 4 HOH 38 338  41 HOH HOH A . 
G 4 HOH 39 339  58 HOH HOH A . 
G 4 HOH 40 340  42 HOH HOH A . 
G 4 HOH 41 341  24 HOH HOH A . 
G 4 HOH 42 342  39 HOH HOH A . 
G 4 HOH 43 343  35 HOH HOH A . 
G 4 HOH 44 344  56 HOH HOH A . 
G 4 HOH 45 345  9  HOH HOH A . 
G 4 HOH 46 346  43 HOH HOH A . 
G 4 HOH 47 347  3  HOH HOH A . 
G 4 HOH 48 348  53 HOH HOH A . 
G 4 HOH 49 349  54 HOH HOH A . 
G 4 HOH 50 350  47 HOH HOH A . 
G 4 HOH 51 351  59 HOH HOH A . 
G 4 HOH 52 352  34 HOH HOH A . 
G 4 HOH 53 353  46 HOH HOH A . 
G 4 HOH 54 354  48 HOH HOH A . 
H 4 HOH 1  3701 52 HOH HOH B . 
H 4 HOH 2  3702 40 HOH HOH B . 
H 4 HOH 3  3703 2  HOH HOH B . 
H 4 HOH 4  3704 37 HOH HOH B . 
H 4 HOH 5  3705 21 HOH HOH B . 
H 4 HOH 6  3706 26 HOH HOH B . 
H 4 HOH 7  3707 55 HOH HOH B . 
# 
loop_
_pdbx_unobs_or_zero_occ_atoms.id 
_pdbx_unobs_or_zero_occ_atoms.PDB_model_num 
_pdbx_unobs_or_zero_occ_atoms.polymer_flag 
_pdbx_unobs_or_zero_occ_atoms.occupancy_flag 
_pdbx_unobs_or_zero_occ_atoms.auth_asym_id 
_pdbx_unobs_or_zero_occ_atoms.auth_comp_id 
_pdbx_unobs_or_zero_occ_atoms.auth_seq_id 
_pdbx_unobs_or_zero_occ_atoms.PDB_ins_code 
_pdbx_unobs_or_zero_occ_atoms.auth_atom_id 
_pdbx_unobs_or_zero_occ_atoms.label_alt_id 
_pdbx_unobs_or_zero_occ_atoms.label_asym_id 
_pdbx_unobs_or_zero_occ_atoms.label_comp_id 
_pdbx_unobs_or_zero_occ_atoms.label_seq_id 
_pdbx_unobs_or_zero_occ_atoms.label_atom_id 
1  1 Y 1 A GLU 7   ? CG  ? A GLU 8   CG  
2  1 Y 1 A GLU 7   ? CD  ? A GLU 8   CD  
3  1 Y 1 A GLU 7   ? OE1 ? A GLU 8   OE1 
4  1 Y 1 A GLU 7   ? OE2 ? A GLU 8   OE2 
5  1 Y 1 A GLU 11  ? CG  ? A GLU 12  CG  
6  1 Y 1 A GLU 11  ? CD  ? A GLU 12  CD  
7  1 Y 1 A GLU 11  ? OE1 ? A GLU 12  OE1 
8  1 Y 1 A GLU 11  ? OE2 ? A GLU 12  OE2 
9  1 Y 1 A LYS 13  ? CG  ? A LYS 14  CG  
10 1 Y 1 A LYS 13  ? CD  ? A LYS 14  CD  
11 1 Y 1 A LYS 13  ? CE  ? A LYS 14  CE  
12 1 Y 1 A LYS 13  ? NZ  ? A LYS 14  NZ  
13 1 Y 1 A LYS 21  ? CG  ? A LYS 22  CG  
14 1 Y 1 A LYS 21  ? CD  ? A LYS 22  CD  
15 1 Y 1 A LYS 21  ? CE  ? A LYS 22  CE  
16 1 Y 1 A LYS 21  ? NZ  ? A LYS 22  NZ  
17 1 Y 1 A LYS 30  ? CG  ? A LYS 31  CG  
18 1 Y 1 A LYS 30  ? CD  ? A LYS 31  CD  
19 1 Y 1 A LYS 30  ? CE  ? A LYS 31  CE  
20 1 Y 1 A LYS 30  ? NZ  ? A LYS 31  NZ  
21 1 Y 1 A GLU 47  ? CG  ? A GLU 48  CG  
22 1 Y 1 A GLU 47  ? CD  ? A GLU 48  CD  
23 1 Y 1 A GLU 47  ? OE1 ? A GLU 48  OE1 
24 1 Y 1 A GLU 47  ? OE2 ? A GLU 48  OE2 
25 1 Y 1 A GLN 49  ? CG  ? A GLN 50  CG  
26 1 Y 1 A GLN 49  ? CD  ? A GLN 50  CD  
27 1 Y 1 A GLN 49  ? OE1 ? A GLN 50  OE1 
28 1 Y 1 A GLN 49  ? NE2 ? A GLN 50  NE2 
29 1 Y 1 A ARG 74  ? CG  ? A ARG 75  CG  
30 1 Y 1 A ARG 74  ? CD  ? A ARG 75  CD  
31 1 Y 1 A ARG 74  ? NE  ? A ARG 75  NE  
32 1 Y 1 A ARG 74  ? CZ  ? A ARG 75  CZ  
33 1 Y 1 A ARG 74  ? NH1 ? A ARG 75  NH1 
34 1 Y 1 A ARG 74  ? NH2 ? A ARG 75  NH2 
35 1 Y 1 A LYS 77  ? CG  ? A LYS 78  CG  
36 1 Y 1 A LYS 77  ? CD  ? A LYS 78  CD  
37 1 Y 1 A LYS 77  ? CE  ? A LYS 78  CE  
38 1 Y 1 A LYS 77  ? NZ  ? A LYS 78  NZ  
39 1 Y 1 A GLU 82  ? CG  ? A GLU 83  CG  
40 1 Y 1 A GLU 82  ? CD  ? A GLU 83  CD  
41 1 Y 1 A GLU 82  ? OE1 ? A GLU 83  OE1 
42 1 Y 1 A GLU 82  ? OE2 ? A GLU 83  OE2 
43 1 Y 1 A GLU 83  ? CG  ? A GLU 84  CG  
44 1 Y 1 A GLU 83  ? CD  ? A GLU 84  CD  
45 1 Y 1 A GLU 83  ? OE1 ? A GLU 84  OE1 
46 1 Y 1 A GLU 83  ? OE2 ? A GLU 84  OE2 
47 1 Y 1 A GLU 84  ? CG  ? A GLU 85  CG  
48 1 Y 1 A GLU 84  ? CD  ? A GLU 85  CD  
49 1 Y 1 A GLU 84  ? OE1 ? A GLU 85  OE1 
50 1 Y 1 A GLU 84  ? OE2 ? A GLU 85  OE2 
51 1 Y 1 A GLU 87  ? CG  ? A GLU 88  CG  
52 1 Y 1 A GLU 87  ? CD  ? A GLU 88  CD  
53 1 Y 1 A GLU 87  ? OE1 ? A GLU 88  OE1 
54 1 Y 1 A GLU 87  ? OE2 ? A GLU 88  OE2 
55 1 Y 1 A ARG 90  ? CG  ? A ARG 91  CG  
56 1 Y 1 A ARG 90  ? CD  ? A ARG 91  CD  
57 1 Y 1 A ARG 90  ? NE  ? A ARG 91  NE  
58 1 Y 1 A ARG 90  ? CZ  ? A ARG 91  CZ  
59 1 Y 1 A ARG 90  ? NH1 ? A ARG 91  NH1 
60 1 Y 1 A ARG 90  ? NH2 ? A ARG 91  NH2 
61 1 Y 1 A LYS 115 ? CG  ? A LYS 116 CG  
62 1 Y 1 A LYS 115 ? CD  ? A LYS 116 CD  
63 1 Y 1 A LYS 115 ? CE  ? A LYS 116 CE  
64 1 Y 1 A LYS 115 ? NZ  ? A LYS 116 NZ  
# 
loop_
_software.citation_id 
_software.classification 
_software.compiler_name 
_software.compiler_version 
_software.contact_author 
_software.contact_author_email 
_software.date 
_software.description 
_software.dependencies 
_software.hardware 
_software.language 
_software.location 
_software.mods 
_software.name 
_software.os 
_software.os_version 
_software.type 
_software.version 
_software.pdbx_ordinal 
? refinement       ? ? ? ? ? ? ? ? ? ? ? PHENIX  ? ? ? 1.12_2829 1 
? 'data reduction' ? ? ? ? ? ? ? ? ? ? ? XDS     ? ? ? .         2 
? 'data scaling'   ? ? ? ? ? ? ? ? ? ? ? Aimless ? ? ? .         3 
? phasing          ? ? ? ? ? ? ? ? ? ? ? PHASER  ? ? ? .         4 
# 
_cell.angle_alpha                  90.000 
_cell.angle_alpha_esd              ? 
_cell.angle_beta                   90.000 
_cell.angle_beta_esd               ? 
_cell.angle_gamma                  90.000 
_cell.angle_gamma_esd              ? 
_cell.entry_id                     6Y4P 
_cell.details                      ? 
_cell.formula_units_Z              ? 
_cell.length_a                     37.590 
_cell.length_a_esd                 ? 
_cell.length_b                     42.360 
_cell.length_b_esd                 ? 
_cell.length_c                     90.360 
_cell.length_c_esd                 ? 
_cell.volume                       143880.647 
_cell.volume_esd                   ? 
_cell.Z_PDB                        4 
_cell.reciprocal_angle_alpha       ? 
_cell.reciprocal_angle_beta        ? 
_cell.reciprocal_angle_gamma       ? 
_cell.reciprocal_angle_alpha_esd   ? 
_cell.reciprocal_angle_beta_esd    ? 
_cell.reciprocal_angle_gamma_esd   ? 
_cell.reciprocal_length_a          ? 
_cell.reciprocal_length_b          ? 
_cell.reciprocal_length_c          ? 
_cell.reciprocal_length_a_esd      ? 
_cell.reciprocal_length_b_esd      ? 
_cell.reciprocal_length_c_esd      ? 
_cell.pdbx_unique_axis             ? 
# 
_symmetry.entry_id                         6Y4P 
_symmetry.cell_setting                     ? 
_symmetry.Int_Tables_number                19 
_symmetry.space_group_name_Hall            'P 2ac 2ab' 
_symmetry.space_group_name_H-M             'P 21 21 21' 
_symmetry.pdbx_full_space_group_name_H-M   ? 
# 
_exptl.absorpt_coefficient_mu     ? 
_exptl.absorpt_correction_T_max   ? 
_exptl.absorpt_correction_T_min   ? 
_exptl.absorpt_correction_type    ? 
_exptl.absorpt_process_details    ? 
_exptl.entry_id                   6Y4P 
_exptl.crystals_number            1 
_exptl.details                    ? 
_exptl.method                     'X-RAY DIFFRACTION' 
_exptl.method_details             ? 
# 
_exptl_crystal.colour                      ? 
_exptl_crystal.density_diffrn              ? 
_exptl_crystal.density_Matthews            ? 
_exptl_crystal.density_method              ? 
_exptl_crystal.density_percent_sol         ? 
_exptl_crystal.description                 ? 
_exptl_crystal.F_000                       ? 
_exptl_crystal.id                          1 
_exptl_crystal.preparation                 ? 
_exptl_crystal.size_max                    ? 
_exptl_crystal.size_mid                    ? 
_exptl_crystal.size_min                    ? 
_exptl_crystal.size_rad                    ? 
_exptl_crystal.colour_lustre               ? 
_exptl_crystal.colour_modifier             ? 
_exptl_crystal.colour_primary              ? 
_exptl_crystal.density_meas                ? 
_exptl_crystal.density_meas_esd            ? 
_exptl_crystal.density_meas_gt             ? 
_exptl_crystal.density_meas_lt             ? 
_exptl_crystal.density_meas_temp           ? 
_exptl_crystal.density_meas_temp_esd       ? 
_exptl_crystal.density_meas_temp_gt        ? 
_exptl_crystal.density_meas_temp_lt        ? 
_exptl_crystal.pdbx_crystal_image_url      ? 
_exptl_crystal.pdbx_crystal_image_format   ? 
_exptl_crystal.pdbx_mosaicity              ? 
_exptl_crystal.pdbx_mosaicity_esd          ? 
# 
_exptl_crystal_grow.apparatus       ? 
_exptl_crystal_grow.atmosphere      ? 
_exptl_crystal_grow.crystal_id      1 
_exptl_crystal_grow.details         ? 
_exptl_crystal_grow.method          'VAPOR DIFFUSION, HANGING DROP' 
_exptl_crystal_grow.method_ref      ? 
_exptl_crystal_grow.pH              ? 
_exptl_crystal_grow.pressure        ? 
_exptl_crystal_grow.pressure_esd    ? 
_exptl_crystal_grow.seeding         ? 
_exptl_crystal_grow.seeding_ref     ? 
_exptl_crystal_grow.temp            298.15 
_exptl_crystal_grow.temp_details    ? 
_exptl_crystal_grow.temp_esd        ? 
_exptl_crystal_grow.time            ? 
_exptl_crystal_grow.pdbx_details    '0.1 M Sodium Acetate pH 4.70 and 23 % PEG 550 MME' 
_exptl_crystal_grow.pdbx_pH_range   ? 
# 
_diffrn.ambient_environment              ? 
_diffrn.ambient_temp                     100 
_diffrn.ambient_temp_details             ? 
_diffrn.ambient_temp_esd                 ? 
_diffrn.crystal_id                       1 
_diffrn.crystal_support                  ? 
_diffrn.crystal_treatment                ? 
_diffrn.details                          ? 
_diffrn.id                               1 
_diffrn.ambient_pressure                 ? 
_diffrn.ambient_pressure_esd             ? 
_diffrn.ambient_pressure_gt              ? 
_diffrn.ambient_pressure_lt              ? 
_diffrn.ambient_temp_gt                  ? 
_diffrn.ambient_temp_lt                  ? 
_diffrn.pdbx_serial_crystal_experiment   N 
# 
_diffrn_detector.details                      ? 
_diffrn_detector.detector                     CCD 
_diffrn_detector.diffrn_id                    1 
_diffrn_detector.type                         'RAYONIX MX-225' 
_diffrn_detector.area_resol_mean              ? 
_diffrn_detector.dtime                        ? 
_diffrn_detector.pdbx_frames_total            ? 
_diffrn_detector.pdbx_collection_time_total   ? 
_diffrn_detector.pdbx_collection_date         2014-12-11 
_diffrn_detector.pdbx_frequency               ? 
# 
_diffrn_radiation.collimation                      ? 
_diffrn_radiation.diffrn_id                        1 
_diffrn_radiation.filter_edge                      ? 
_diffrn_radiation.inhomogeneity                    ? 
_diffrn_radiation.monochromator                    ? 
_diffrn_radiation.polarisn_norm                    ? 
_diffrn_radiation.polarisn_ratio                   ? 
_diffrn_radiation.probe                            ? 
_diffrn_radiation.type                             ? 
_diffrn_radiation.xray_symbol                      ? 
_diffrn_radiation.wavelength_id                    1 
_diffrn_radiation.pdbx_monochromatic_or_laue_m_l   M 
_diffrn_radiation.pdbx_wavelength_list             ? 
_diffrn_radiation.pdbx_wavelength                  ? 
_diffrn_radiation.pdbx_diffrn_protocol             'SINGLE WAVELENGTH' 
_diffrn_radiation.pdbx_analyzer                    ? 
_diffrn_radiation.pdbx_scattering_type             x-ray 
# 
_diffrn_radiation_wavelength.id           1 
_diffrn_radiation_wavelength.wavelength   1 
_diffrn_radiation_wavelength.wt           1.0 
# 
_diffrn_source.current                     ? 
_diffrn_source.details                     ? 
_diffrn_source.diffrn_id                   1 
_diffrn_source.power                       ? 
_diffrn_source.size                        ? 
_diffrn_source.source                      SYNCHROTRON 
_diffrn_source.target                      ? 
_diffrn_source.type                        'CLSI BEAMLINE 08B1-1' 
_diffrn_source.voltage                     ? 
_diffrn_source.take-off_angle              ? 
_diffrn_source.pdbx_wavelength_list        1 
_diffrn_source.pdbx_wavelength             ? 
_diffrn_source.pdbx_synchrotron_beamline   08B1-1 
_diffrn_source.pdbx_synchrotron_site       CLSI 
# 
_reflns.B_iso_Wilson_estimate            24.3986621334 
_reflns.entry_id                         6Y4P 
_reflns.data_reduction_details           ? 
_reflns.data_reduction_method            ? 
_reflns.d_resolution_high                2.133 
_reflns.d_resolution_low                 45.18 
_reflns.details                          ? 
_reflns.limit_h_max                      ? 
_reflns.limit_h_min                      ? 
_reflns.limit_k_max                      ? 
_reflns.limit_k_min                      ? 
_reflns.limit_l_max                      ? 
_reflns.limit_l_min                      ? 
_reflns.number_all                       ? 
_reflns.number_obs                       8489 
_reflns.observed_criterion               ? 
_reflns.observed_criterion_F_max         ? 
_reflns.observed_criterion_F_min         ? 
_reflns.observed_criterion_I_max         ? 
_reflns.observed_criterion_I_min         ? 
_reflns.observed_criterion_sigma_F       ? 
_reflns.observed_criterion_sigma_I       ? 
_reflns.percent_possible_obs             99.76 
_reflns.R_free_details                   ? 
_reflns.Rmerge_F_all                     ? 
_reflns.Rmerge_F_obs                     ? 
_reflns.Friedel_coverage                 ? 
_reflns.number_gt                        ? 
_reflns.threshold_expression             ? 
_reflns.pdbx_redundancy                  5.9 
_reflns.pdbx_Rmerge_I_obs                ? 
_reflns.pdbx_Rmerge_I_all                ? 
_reflns.pdbx_Rsym_value                  ? 
_reflns.pdbx_netI_over_av_sigmaI         ? 
_reflns.pdbx_netI_over_sigmaI            9.45 
_reflns.pdbx_res_netI_over_av_sigmaI_2   ? 
_reflns.pdbx_res_netI_over_sigmaI_2      ? 
_reflns.pdbx_chi_squared                 ? 
_reflns.pdbx_scaling_rejects             ? 
_reflns.pdbx_d_res_high_opt              ? 
_reflns.pdbx_d_res_low_opt               ? 
_reflns.pdbx_d_res_opt_method            ? 
_reflns.phase_calculation_details        ? 
_reflns.pdbx_Rrim_I_all                  ? 
_reflns.pdbx_Rpim_I_all                  ? 
_reflns.pdbx_d_opt                       ? 
_reflns.pdbx_number_measured_all         ? 
_reflns.pdbx_diffrn_id                   1 
_reflns.pdbx_ordinal                     1 
_reflns.pdbx_CC_half                     0.993 
_reflns.pdbx_CC_star                     ? 
_reflns.pdbx_R_split                     ? 
# 
_reflns_shell.d_res_high                  2.133 
_reflns_shell.d_res_low                   2.209 
_reflns_shell.meanI_over_sigI_all         ? 
_reflns_shell.meanI_over_sigI_obs         ? 
_reflns_shell.number_measured_all         ? 
_reflns_shell.number_measured_obs         ? 
_reflns_shell.number_possible             ? 
_reflns_shell.number_unique_all           ? 
_reflns_shell.number_unique_obs           831 
_reflns_shell.percent_possible_all        ? 
_reflns_shell.percent_possible_obs        ? 
_reflns_shell.Rmerge_F_all                ? 
_reflns_shell.Rmerge_F_obs                ? 
_reflns_shell.Rmerge_I_all                ? 
_reflns_shell.Rmerge_I_obs                ? 
_reflns_shell.meanI_over_sigI_gt          ? 
_reflns_shell.meanI_over_uI_all           ? 
_reflns_shell.meanI_over_uI_gt            ? 
_reflns_shell.number_measured_gt          ? 
_reflns_shell.number_unique_gt            ? 
_reflns_shell.percent_possible_gt         ? 
_reflns_shell.Rmerge_F_gt                 ? 
_reflns_shell.Rmerge_I_gt                 ? 
_reflns_shell.pdbx_redundancy             ? 
_reflns_shell.pdbx_Rsym_value             ? 
_reflns_shell.pdbx_chi_squared            ? 
_reflns_shell.pdbx_netI_over_sigmaI_all   ? 
_reflns_shell.pdbx_netI_over_sigmaI_obs   ? 
_reflns_shell.pdbx_Rrim_I_all             ? 
_reflns_shell.pdbx_Rpim_I_all             ? 
_reflns_shell.pdbx_rejects                ? 
_reflns_shell.pdbx_ordinal                1 
_reflns_shell.pdbx_diffrn_id              1 
_reflns_shell.pdbx_CC_half                0.946 
_reflns_shell.pdbx_CC_star                ? 
_reflns_shell.pdbx_R_split                ? 
# 
_refine.aniso_B[1][1]                            ? 
_refine.aniso_B[1][2]                            ? 
_refine.aniso_B[1][3]                            ? 
_refine.aniso_B[2][2]                            ? 
_refine.aniso_B[2][3]                            ? 
_refine.aniso_B[3][3]                            ? 
_refine.B_iso_max                                ? 
_refine.B_iso_mean                               29.4527987444 
_refine.B_iso_min                                ? 
_refine.correlation_coeff_Fo_to_Fc               ? 
_refine.correlation_coeff_Fo_to_Fc_free          ? 
_refine.details                                  ? 
_refine.diff_density_max                         ? 
_refine.diff_density_max_esd                     ? 
_refine.diff_density_min                         ? 
_refine.diff_density_min_esd                     ? 
_refine.diff_density_rms                         ? 
_refine.diff_density_rms_esd                     ? 
_refine.entry_id                                 6Y4P 
_refine.pdbx_refine_id                           'X-RAY DIFFRACTION' 
_refine.ls_abs_structure_details                 ? 
_refine.ls_abs_structure_Flack                   ? 
_refine.ls_abs_structure_Flack_esd               ? 
_refine.ls_abs_structure_Rogers                  ? 
_refine.ls_abs_structure_Rogers_esd              ? 
_refine.ls_d_res_high                            2.13325578805 
_refine.ls_d_res_low                             45.1799 
_refine.ls_extinction_coef                       ? 
_refine.ls_extinction_coef_esd                   ? 
_refine.ls_extinction_expression                 ? 
_refine.ls_extinction_method                     ? 
_refine.ls_goodness_of_fit_all                   ? 
_refine.ls_goodness_of_fit_all_esd               ? 
_refine.ls_goodness_of_fit_obs                   ? 
_refine.ls_goodness_of_fit_obs_esd               ? 
_refine.ls_hydrogen_treatment                    ? 
_refine.ls_matrix_type                           ? 
_refine.ls_number_constraints                    ? 
_refine.ls_number_parameters                     ? 
_refine.ls_number_reflns_all                     ? 
_refine.ls_number_reflns_obs                     8489 
_refine.ls_number_reflns_R_free                  848 
_refine.ls_number_reflns_R_work                  ? 
_refine.ls_number_restraints                     ? 
_refine.ls_percent_reflns_obs                    99.7649547538 
_refine.ls_percent_reflns_R_free                 9.98939804453 
_refine.ls_R_factor_all                          ? 
_refine.ls_R_factor_obs                          0.188711047719 
_refine.ls_R_factor_R_free                       0.246214623017 
_refine.ls_R_factor_R_free_error                 ? 
_refine.ls_R_factor_R_free_error_details         ? 
_refine.ls_R_factor_R_work                       0.182375524054 
_refine.ls_R_Fsqd_factor_obs                     ? 
_refine.ls_R_I_factor_obs                        ? 
_refine.ls_redundancy_reflns_all                 ? 
_refine.ls_redundancy_reflns_obs                 ? 
_refine.ls_restrained_S_all                      ? 
_refine.ls_restrained_S_obs                      ? 
_refine.ls_shift_over_esd_max                    ? 
_refine.ls_shift_over_esd_mean                   ? 
_refine.ls_structure_factor_coef                 ? 
_refine.ls_weighting_details                     ? 
_refine.ls_weighting_scheme                      ? 
_refine.ls_wR_factor_all                         ? 
_refine.ls_wR_factor_obs                         ? 
_refine.ls_wR_factor_R_free                      ? 
_refine.ls_wR_factor_R_work                      ? 
_refine.occupancy_max                            ? 
_refine.occupancy_min                            ? 
_refine.solvent_model_details                    ? 
_refine.solvent_model_param_bsol                 ? 
_refine.solvent_model_param_ksol                 ? 
_refine.pdbx_R_complete                          ? 
_refine.ls_R_factor_gt                           ? 
_refine.ls_goodness_of_fit_gt                    ? 
_refine.ls_goodness_of_fit_ref                   ? 
_refine.ls_shift_over_su_max                     ? 
_refine.ls_shift_over_su_max_lt                  ? 
_refine.ls_shift_over_su_mean                    ? 
_refine.ls_shift_over_su_mean_lt                 ? 
_refine.pdbx_ls_sigma_I                          ? 
_refine.pdbx_ls_sigma_F                          1.43770529883 
_refine.pdbx_ls_sigma_Fsqd                       ? 
_refine.pdbx_data_cutoff_high_absF               ? 
_refine.pdbx_data_cutoff_high_rms_absF           ? 
_refine.pdbx_data_cutoff_low_absF                ? 
_refine.pdbx_isotropic_thermal_model             ? 
_refine.pdbx_ls_cross_valid_method               'FREE R-VALUE' 
_refine.pdbx_method_to_determine_struct          'MOLECULAR REPLACEMENT' 
_refine.pdbx_starting_model                      2bcx 
_refine.pdbx_stereochemistry_target_values       ? 
_refine.pdbx_R_Free_selection_details            ? 
_refine.pdbx_stereochem_target_val_spec_case     ? 
_refine.pdbx_overall_ESU_R                       ? 
_refine.pdbx_overall_ESU_R_Free                  ? 
_refine.pdbx_solvent_vdw_probe_radii             1.11 
_refine.pdbx_solvent_ion_probe_radii             ? 
_refine.pdbx_solvent_shrinkage_radii             0.9 
_refine.pdbx_real_space_R                        ? 
_refine.pdbx_density_correlation                 ? 
_refine.pdbx_pd_number_of_powder_patterns        ? 
_refine.pdbx_pd_number_of_points                 ? 
_refine.pdbx_pd_meas_number_of_points            ? 
_refine.pdbx_pd_proc_ls_prof_R_factor            ? 
_refine.pdbx_pd_proc_ls_prof_wR_factor           ? 
_refine.pdbx_pd_Marquardt_correlation_coeff      ? 
_refine.pdbx_pd_Fsqrd_R_factor                   ? 
_refine.pdbx_pd_ls_matrix_band_width             ? 
_refine.pdbx_overall_phase_error                 21.642731085 
_refine.pdbx_overall_SU_R_free_Cruickshank_DPI   ? 
_refine.pdbx_overall_SU_R_free_Blow_DPI          ? 
_refine.pdbx_overall_SU_R_Blow_DPI               ? 
_refine.pdbx_TLS_residual_ADP_flag               ? 
_refine.pdbx_diffrn_id                           1 
_refine.overall_SU_B                             ? 
_refine.overall_SU_ML                            0.232891903909 
_refine.overall_SU_R_Cruickshank_DPI             ? 
_refine.overall_SU_R_free                        ? 
_refine.overall_FOM_free_R_set                   ? 
_refine.overall_FOM_work_R_set                   ? 
_refine.pdbx_average_fsc_overall                 ? 
_refine.pdbx_average_fsc_work                    ? 
_refine.pdbx_average_fsc_free                    ? 
# 
_refine_hist.pdbx_refine_id                   'X-RAY DIFFRACTION' 
_refine_hist.cycle_id                         LAST 
_refine_hist.details                          ? 
_refine_hist.d_res_high                       2.13325578805 
_refine_hist.d_res_low                        45.1799 
_refine_hist.number_atoms_solvent             61 
_refine_hist.number_atoms_total               1306 
_refine_hist.number_reflns_all                ? 
_refine_hist.number_reflns_obs                ? 
_refine_hist.number_reflns_R_free             ? 
_refine_hist.number_reflns_R_work             ? 
_refine_hist.R_factor_all                     ? 
_refine_hist.R_factor_obs                     ? 
_refine_hist.R_factor_R_free                  ? 
_refine_hist.R_factor_R_work                  ? 
_refine_hist.pdbx_number_residues_total       ? 
_refine_hist.pdbx_B_iso_mean_ligand           ? 
_refine_hist.pdbx_B_iso_mean_solvent          ? 
_refine_hist.pdbx_number_atoms_protein        1241 
_refine_hist.pdbx_number_atoms_nucleic_acid   0 
_refine_hist.pdbx_number_atoms_ligand         4 
_refine_hist.pdbx_number_atoms_lipid          ? 
_refine_hist.pdbx_number_atoms_carb           ? 
_refine_hist.pdbx_pseudo_atom_details         ? 
# 
loop_
_refine_ls_restr.pdbx_refine_id 
_refine_ls_restr.criterion 
_refine_ls_restr.dev_ideal 
_refine_ls_restr.dev_ideal_target 
_refine_ls_restr.number 
_refine_ls_restr.rejects 
_refine_ls_restr.type 
_refine_ls_restr.weight 
_refine_ls_restr.pdbx_restraint_function 
'X-RAY DIFFRACTION' ? 0.0076399486566  ? 1259 ? f_bond_d           ? ? 
'X-RAY DIFFRACTION' ? 0.735484649126   ? 1696 ? f_angle_d          ? ? 
'X-RAY DIFFRACTION' ? 0.0413301689464  ? 195  ? f_chiral_restr     ? ? 
'X-RAY DIFFRACTION' ? 0.00517412175929 ? 223  ? f_plane_restr      ? ? 
'X-RAY DIFFRACTION' ? 2.41324828376    ? 816  ? f_dihedral_angle_d ? ? 
# 
loop_
_refine_ls_shell.pdbx_refine_id 
_refine_ls_shell.d_res_high 
_refine_ls_shell.d_res_low 
_refine_ls_shell.number_reflns_all 
_refine_ls_shell.number_reflns_obs 
_refine_ls_shell.number_reflns_R_free 
_refine_ls_shell.number_reflns_R_work 
_refine_ls_shell.percent_reflns_obs 
_refine_ls_shell.percent_reflns_R_free 
_refine_ls_shell.R_factor_all 
_refine_ls_shell.R_factor_obs 
_refine_ls_shell.R_factor_R_free 
_refine_ls_shell.R_factor_R_free_error 
_refine_ls_shell.R_factor_R_work 
_refine_ls_shell.redundancy_reflns_all 
_refine_ls_shell.redundancy_reflns_obs 
_refine_ls_shell.wR_factor_all 
_refine_ls_shell.wR_factor_obs 
_refine_ls_shell.wR_factor_R_free 
_refine_ls_shell.wR_factor_R_work 
_refine_ls_shell.pdbx_R_complete 
_refine_ls_shell.pdbx_total_number_of_bins_used 
_refine_ls_shell.pdbx_phase_error 
_refine_ls_shell.pdbx_fsc_work 
_refine_ls_shell.pdbx_fsc_free 
'X-RAY DIFFRACTION' 2.1333 2.2669  . . 139 1260 99.71489665   . . . 0.252070596754 . 0.180567190806 . . . . . . . . . . . 
'X-RAY DIFFRACTION' 2.2669 2.4419  . . 137 1228 99.707815924  . . . 0.281140823422 . 0.179300550969 . . . . . . . . . . . 
'X-RAY DIFFRACTION' 2.4419 2.6876  . . 140 1255 99.6428571429 . . . 0.25973482746  . 0.187443133485 . . . . . . . . . . . 
'X-RAY DIFFRACTION' 2.6876 3.0765  . . 140 1255 100.0         . . . 0.213151164477 . 0.199304920453 . . . . . . . . . . . 
'X-RAY DIFFRACTION' 3.0765 3.8757  . . 142 1281 99.8596491228 . . . 0.274330101512 . 0.178804763465 . . . . . . . . . . . 
'X-RAY DIFFRACTION' 3.8757 45.1799 . . 150 1362 99.7361477573 . . . 0.22632542998  . 0.177301957497 . . . . . . . . . . . 
# 
_struct.entry_id                     6Y4P 
_struct.title                        'Calmodulin N53I variant bound to cardiac ryanodine receptor (RyR2) calmodulin binding domain' 
_struct.pdbx_model_details           ? 
_struct.pdbx_formula_weight          ? 
_struct.pdbx_formula_weight_method   ? 
_struct.pdbx_model_type_details      ? 
_struct.pdbx_CASP_flag               N 
# 
_struct_keywords.entry_id        6Y4P 
_struct_keywords.text            'ion channel, calcium, calmodulin, MEMBRANE PROTEIN' 
_struct_keywords.pdbx_keywords   'MEMBRANE PROTEIN' 
# 
loop_
_struct_asym.id 
_struct_asym.pdbx_blank_PDB_chainid_flag 
_struct_asym.pdbx_modified 
_struct_asym.entity_id 
_struct_asym.details 
A N N 1 ? 
B N N 2 ? 
C N N 3 ? 
D N N 3 ? 
E N N 3 ? 
F N N 3 ? 
G N N 4 ? 
H N N 4 ? 
# 
loop_
_struct_ref.id 
_struct_ref.db_name 
_struct_ref.db_code 
_struct_ref.pdbx_db_accession 
_struct_ref.pdbx_db_isoform 
_struct_ref.entity_id 
_struct_ref.pdbx_seq_one_letter_code 
_struct_ref.pdbx_align_begin 
1 UNP CALM1_HUMAN P0DP23 ? 1 
;MADQLTEEQIAEFKEAFSLFDKDGDGTITTKELGTVMRSLGQNPTEAELQDMINEVDADGNGTIDFPEFLTMMARKMKDT
DSEEEIREAFRVFDKDGNGYISAAELRHVMTNLGEKLTDEEVDEMIREADIDGDGQVNYEEFVQMMTAK
;
1    
2 UNP RYR2_MOUSE  E9Q401 ? 2 RSKKAVWHKLLSKQRKRAVVACFRMAP 3580 
# 
loop_
_struct_ref_seq.align_id 
_struct_ref_seq.ref_id 
_struct_ref_seq.pdbx_PDB_id_code 
_struct_ref_seq.pdbx_strand_id 
_struct_ref_seq.seq_align_beg 
_struct_ref_seq.pdbx_seq_align_beg_ins_code 
_struct_ref_seq.seq_align_end 
_struct_ref_seq.pdbx_seq_align_end_ins_code 
_struct_ref_seq.pdbx_db_accession 
_struct_ref_seq.db_align_beg 
_struct_ref_seq.pdbx_db_align_beg_ins_code 
_struct_ref_seq.db_align_end 
_struct_ref_seq.pdbx_db_align_end_ins_code 
_struct_ref_seq.pdbx_auth_seq_align_beg 
_struct_ref_seq.pdbx_auth_seq_align_end 
1 1 6Y4P A 1 ? 149 ? P0DP23 1    ? 149  ? 0    148  
2 2 6Y4P B 4 ? 30  ? E9Q401 3580 ? 3606 ? 3614 3640 
# 
loop_
_struct_ref_seq_dif.align_id 
_struct_ref_seq_dif.pdbx_pdb_id_code 
_struct_ref_seq_dif.mon_id 
_struct_ref_seq_dif.pdbx_pdb_strand_id 
_struct_ref_seq_dif.seq_num 
_struct_ref_seq_dif.pdbx_pdb_ins_code 
_struct_ref_seq_dif.pdbx_seq_db_name 
_struct_ref_seq_dif.pdbx_seq_db_accession_code 
_struct_ref_seq_dif.db_mon_id 
_struct_ref_seq_dif.pdbx_seq_db_seq_num 
_struct_ref_seq_dif.details 
_struct_ref_seq_dif.pdbx_auth_seq_num 
_struct_ref_seq_dif.pdbx_ordinal 
1 6Y4P ILE A 54 ? UNP P0DP23 ASN 54 'engineered mutation' 53   1 
2 6Y4P SER B 1  ? UNP E9Q401 ?   ?  'expression tag'      3611 2 
2 6Y4P ASN B 2  ? UNP E9Q401 ?   ?  'expression tag'      3612 3 
2 6Y4P ALA B 3  ? UNP E9Q401 ?   ?  'expression tag'      3613 4 
# 
_pdbx_struct_assembly.id                   1 
_pdbx_struct_assembly.details              author_and_software_defined_assembly 
_pdbx_struct_assembly.method_details       PISA 
_pdbx_struct_assembly.oligomeric_details   dimeric 
_pdbx_struct_assembly.oligomeric_count     2 
# 
loop_
_pdbx_struct_assembly_prop.biol_id 
_pdbx_struct_assembly_prop.type 
_pdbx_struct_assembly_prop.value 
_pdbx_struct_assembly_prop.details 
1 'ABSA (A^2)' 3430 ? 
1 MORE         -78  ? 
1 'SSA (A^2)'  8500 ? 
# 
_pdbx_struct_assembly_gen.assembly_id       1 
_pdbx_struct_assembly_gen.oper_expression   1 
_pdbx_struct_assembly_gen.asym_id_list      A,B,C,D,E,F,G,H 
# 
_pdbx_struct_assembly_auth_evidence.id                     1 
_pdbx_struct_assembly_auth_evidence.assembly_id            1 
_pdbx_struct_assembly_auth_evidence.experimental_support   'isothermal titration calorimetry' 
_pdbx_struct_assembly_auth_evidence.details                ? 
# 
_pdbx_struct_oper_list.id                   1 
_pdbx_struct_oper_list.type                 'identity operation' 
_pdbx_struct_oper_list.name                 1_555 
_pdbx_struct_oper_list.symmetry_operation   x,y,z 
_pdbx_struct_oper_list.matrix[1][1]         1.0000000000 
_pdbx_struct_oper_list.matrix[1][2]         0.0000000000 
_pdbx_struct_oper_list.matrix[1][3]         0.0000000000 
_pdbx_struct_oper_list.vector[1]            0.0000000000 
_pdbx_struct_oper_list.matrix[2][1]         0.0000000000 
_pdbx_struct_oper_list.matrix[2][2]         1.0000000000 
_pdbx_struct_oper_list.matrix[2][3]         0.0000000000 
_pdbx_struct_oper_list.vector[2]            0.0000000000 
_pdbx_struct_oper_list.matrix[3][1]         0.0000000000 
_pdbx_struct_oper_list.matrix[3][2]         0.0000000000 
_pdbx_struct_oper_list.matrix[3][3]         1.0000000000 
_pdbx_struct_oper_list.vector[3]            0.0000000000 
# 
loop_
_struct_conf.conf_type_id 
_struct_conf.id 
_struct_conf.pdbx_PDB_helix_id 
_struct_conf.beg_label_comp_id 
_struct_conf.beg_label_asym_id 
_struct_conf.beg_label_seq_id 
_struct_conf.pdbx_beg_PDB_ins_code 
_struct_conf.end_label_comp_id 
_struct_conf.end_label_asym_id 
_struct_conf.end_label_seq_id 
_struct_conf.pdbx_end_PDB_ins_code 
_struct_conf.beg_auth_comp_id 
_struct_conf.beg_auth_asym_id 
_struct_conf.beg_auth_seq_id 
_struct_conf.end_auth_comp_id 
_struct_conf.end_auth_asym_id 
_struct_conf.end_auth_seq_id 
_struct_conf.pdbx_PDB_helix_class 
_struct_conf.details 
_struct_conf.pdbx_PDB_helix_length 
HELX_P HELX_P1 AA1 THR A 6   ? LEU A 19  ? THR A 5    LEU A 18   1 ? 14 
HELX_P HELX_P2 AA2 THR A 29  ? LEU A 40  ? THR A 28   LEU A 39   1 ? 12 
HELX_P HELX_P3 AA3 THR A 45  ? ASP A 57  ? THR A 44   ASP A 56   1 ? 13 
HELX_P HELX_P4 AA4 PHE A 66  ? LYS A 78  ? PHE A 65   LYS A 77   1 ? 13 
HELX_P HELX_P5 AA5 GLU A 84  ? ASP A 94  ? GLU A 83   ASP A 93   1 ? 11 
HELX_P HELX_P6 AA6 SER A 102 ? LEU A 113 ? SER A 101  LEU A 112  1 ? 12 
HELX_P HELX_P7 AA7 THR A 118 ? ASP A 130 ? THR A 117  ASP A 129  1 ? 13 
HELX_P HELX_P8 AA8 TYR A 139 ? THR A 147 ? TYR A 138  THR A 146  1 ? 9  
HELX_P HELX_P9 AA9 LYS B 6   ? ALA B 29  ? LYS B 3616 ALA B 3639 1 ? 24 
# 
_struct_conf_type.id          HELX_P 
_struct_conf_type.criteria    ? 
_struct_conf_type.reference   ? 
# 
loop_
_struct_conn.id 
_struct_conn.conn_type_id 
_struct_conn.pdbx_leaving_atom_flag 
_struct_conn.pdbx_PDB_id 
_struct_conn.ptnr1_label_asym_id 
_struct_conn.ptnr1_label_comp_id 
_struct_conn.ptnr1_label_seq_id 
_struct_conn.ptnr1_label_atom_id 
_struct_conn.pdbx_ptnr1_label_alt_id 
_struct_conn.pdbx_ptnr1_PDB_ins_code 
_struct_conn.pdbx_ptnr1_standard_comp_id 
_struct_conn.ptnr1_symmetry 
_struct_conn.ptnr2_label_asym_id 
_struct_conn.ptnr2_label_comp_id 
_struct_conn.ptnr2_label_seq_id 
_struct_conn.ptnr2_label_atom_id 
_struct_conn.pdbx_ptnr2_label_alt_id 
_struct_conn.pdbx_ptnr2_PDB_ins_code 
_struct_conn.ptnr1_auth_asym_id 
_struct_conn.ptnr1_auth_comp_id 
_struct_conn.ptnr1_auth_seq_id 
_struct_conn.ptnr2_auth_asym_id 
_struct_conn.ptnr2_auth_comp_id 
_struct_conn.ptnr2_auth_seq_id 
_struct_conn.ptnr2_symmetry 
_struct_conn.pdbx_ptnr3_label_atom_id 
_struct_conn.pdbx_ptnr3_label_seq_id 
_struct_conn.pdbx_ptnr3_label_comp_id 
_struct_conn.pdbx_ptnr3_label_asym_id 
_struct_conn.pdbx_ptnr3_label_alt_id 
_struct_conn.pdbx_ptnr3_PDB_ins_code 
_struct_conn.details 
_struct_conn.pdbx_dist_value 
_struct_conn.pdbx_value_order 
_struct_conn.pdbx_role 
metalc1  metalc ? ? A ASP 21  OD1 ? ? ? 1_555 C CA  . CA ? ? A ASP 20  A CA  201 1_555 ? ? ? ? ? ? ? 2.333 ? ? 
metalc2  metalc ? ? A ASP 23  OD1 ? ? ? 1_555 C CA  . CA ? ? A ASP 22  A CA  201 1_555 ? ? ? ? ? ? ? 2.253 ? ? 
metalc3  metalc ? ? A ASP 25  OD1 ? ? ? 1_555 C CA  . CA ? ? A ASP 24  A CA  201 1_555 ? ? ? ? ? ? ? 2.340 ? ? 
metalc4  metalc ? ? A THR 27  O   ? ? ? 1_555 C CA  . CA ? ? A THR 26  A CA  201 1_555 ? ? ? ? ? ? ? 2.320 ? ? 
metalc5  metalc ? ? A GLU 32  OE1 ? ? ? 1_555 C CA  . CA ? ? A GLU 31  A CA  201 1_555 ? ? ? ? ? ? ? 2.711 ? ? 
metalc6  metalc ? ? A GLU 32  OE2 ? ? ? 1_555 C CA  . CA ? ? A GLU 31  A CA  201 1_555 ? ? ? ? ? ? ? 2.240 ? ? 
metalc7  metalc ? ? A ASP 57  OD1 ? ? ? 1_555 D CA  . CA ? ? A ASP 56  A CA  202 1_555 ? ? ? ? ? ? ? 2.191 ? ? 
metalc8  metalc ? ? A ASP 59  OD1 ? ? ? 1_555 D CA  . CA ? ? A ASP 58  A CA  202 1_555 ? ? ? ? ? ? ? 2.607 ? ? 
metalc9  metalc ? ? A ASN 61  OD1 ? ? ? 1_555 D CA  . CA ? ? A ASN 60  A CA  202 1_555 ? ? ? ? ? ? ? 2.394 ? ? 
metalc10 metalc ? ? A THR 63  O   ? ? ? 1_555 D CA  . CA ? ? A THR 62  A CA  202 1_555 ? ? ? ? ? ? ? 2.265 ? ? 
metalc11 metalc ? ? A GLU 68  OE1 ? ? ? 1_555 D CA  . CA ? ? A GLU 67  A CA  202 1_555 ? ? ? ? ? ? ? 2.488 ? ? 
metalc12 metalc ? ? A GLU 68  OE2 ? ? ? 1_555 D CA  . CA ? ? A GLU 67  A CA  202 1_555 ? ? ? ? ? ? ? 2.459 ? ? 
metalc13 metalc ? ? A ASP 94  OD1 ? ? ? 1_555 E CA  . CA ? ? A ASP 93  A CA  203 1_555 ? ? ? ? ? ? ? 2.327 ? ? 
metalc14 metalc ? ? A ASP 96  OD1 ? ? ? 1_555 E CA  . CA ? ? A ASP 95  A CA  203 1_555 ? ? ? ? ? ? ? 2.236 ? ? 
metalc15 metalc ? ? A ASN 98  OD1 ? ? ? 1_555 E CA  . CA ? ? A ASN 97  A CA  203 1_555 ? ? ? ? ? ? ? 2.443 ? ? 
metalc16 metalc ? ? A TYR 100 O   ? ? ? 1_555 E CA  . CA ? ? A TYR 99  A CA  203 1_555 ? ? ? ? ? ? ? 2.273 ? ? 
metalc17 metalc ? ? A GLU 105 OE1 ? ? ? 1_555 E CA  . CA ? ? A GLU 104 A CA  203 1_555 ? ? ? ? ? ? ? 2.527 ? ? 
metalc18 metalc ? ? A GLU 105 OE2 ? ? ? 1_555 E CA  . CA ? ? A GLU 104 A CA  203 1_555 ? ? ? ? ? ? ? 2.437 ? ? 
metalc19 metalc ? ? A ASP 130 OD1 ? ? ? 1_555 F CA  . CA ? ? A ASP 129 A CA  204 1_555 ? ? ? ? ? ? ? 2.206 ? ? 
metalc20 metalc ? ? A ASP 132 OD1 ? ? ? 1_555 F CA  . CA ? ? A ASP 131 A CA  204 1_555 ? ? ? ? ? ? ? 2.358 ? ? 
metalc21 metalc ? ? A ASP 134 OD1 ? ? ? 1_555 F CA  . CA ? ? A ASP 133 A CA  204 1_555 ? ? ? ? ? ? ? 2.325 ? ? 
metalc22 metalc ? ? A GLN 136 O   ? ? ? 1_555 F CA  . CA ? ? A GLN 135 A CA  204 1_555 ? ? ? ? ? ? ? 2.306 ? ? 
metalc23 metalc ? ? A GLU 141 OE1 ? ? ? 1_555 F CA  . CA ? ? A GLU 140 A CA  204 1_555 ? ? ? ? ? ? ? 2.491 ? ? 
metalc24 metalc ? ? A GLU 141 OE2 ? ? ? 1_555 F CA  . CA ? ? A GLU 140 A CA  204 1_555 ? ? ? ? ? ? ? 2.602 ? ? 
metalc25 metalc ? ? C CA  .   CA  ? ? ? 1_555 G HOH . O  ? ? A CA  201 A HOH 325 1_555 ? ? ? ? ? ? ? 2.375 ? ? 
metalc26 metalc ? ? D CA  .   CA  ? ? ? 1_555 G HOH . O  ? ? A CA  202 A HOH 310 1_555 ? ? ? ? ? ? ? 2.377 ? ? 
metalc27 metalc ? ? E CA  .   CA  ? ? ? 1_555 G HOH . O  ? ? A CA  203 A HOH 336 1_555 ? ? ? ? ? ? ? 2.238 ? ? 
metalc28 metalc ? ? F CA  .   CA  ? ? ? 1_555 G HOH . O  ? ? A CA  204 A HOH 320 1_555 ? ? ? ? ? ? ? 2.219 ? ? 
# 
_struct_conn_type.id          metalc 
_struct_conn_type.criteria    ? 
_struct_conn_type.reference   ? 
# 
loop_
_pdbx_struct_conn_angle.id 
_pdbx_struct_conn_angle.ptnr1_label_atom_id 
_pdbx_struct_conn_angle.ptnr1_label_alt_id 
_pdbx_struct_conn_angle.ptnr1_label_asym_id 
_pdbx_struct_conn_angle.ptnr1_label_comp_id 
_pdbx_struct_conn_angle.ptnr1_label_seq_id 
_pdbx_struct_conn_angle.ptnr1_auth_atom_id 
_pdbx_struct_conn_angle.ptnr1_auth_asym_id 
_pdbx_struct_conn_angle.ptnr1_auth_comp_id 
_pdbx_struct_conn_angle.ptnr1_auth_seq_id 
_pdbx_struct_conn_angle.ptnr1_PDB_ins_code 
_pdbx_struct_conn_angle.ptnr1_symmetry 
_pdbx_struct_conn_angle.ptnr2_label_atom_id 
_pdbx_struct_conn_angle.ptnr2_label_alt_id 
_pdbx_struct_conn_angle.ptnr2_label_asym_id 
_pdbx_struct_conn_angle.ptnr2_label_comp_id 
_pdbx_struct_conn_angle.ptnr2_label_seq_id 
_pdbx_struct_conn_angle.ptnr2_auth_atom_id 
_pdbx_struct_conn_angle.ptnr2_auth_asym_id 
_pdbx_struct_conn_angle.ptnr2_auth_comp_id 
_pdbx_struct_conn_angle.ptnr2_auth_seq_id 
_pdbx_struct_conn_angle.ptnr2_PDB_ins_code 
_pdbx_struct_conn_angle.ptnr2_symmetry 
_pdbx_struct_conn_angle.ptnr3_label_atom_id 
_pdbx_struct_conn_angle.ptnr3_label_alt_id 
_pdbx_struct_conn_angle.ptnr3_label_asym_id 
_pdbx_struct_conn_angle.ptnr3_label_comp_id 
_pdbx_struct_conn_angle.ptnr3_label_seq_id 
_pdbx_struct_conn_angle.ptnr3_auth_atom_id 
_pdbx_struct_conn_angle.ptnr3_auth_asym_id 
_pdbx_struct_conn_angle.ptnr3_auth_comp_id 
_pdbx_struct_conn_angle.ptnr3_auth_seq_id 
_pdbx_struct_conn_angle.ptnr3_PDB_ins_code 
_pdbx_struct_conn_angle.ptnr3_symmetry 
_pdbx_struct_conn_angle.value 
_pdbx_struct_conn_angle.value_esd 
1  OD1 ? A ASP 21  ? A ASP 20  ? 1_555 CA ? C CA . ? A CA 201 ? 1_555 OD1 ? A ASP 23  ? A ASP 22  ? 1_555 78.1  ? 
2  OD1 ? A ASP 21  ? A ASP 20  ? 1_555 CA ? C CA . ? A CA 201 ? 1_555 OD1 ? A ASP 25  ? A ASP 24  ? 1_555 82.6  ? 
3  OD1 ? A ASP 23  ? A ASP 22  ? 1_555 CA ? C CA . ? A CA 201 ? 1_555 OD1 ? A ASP 25  ? A ASP 24  ? 1_555 80.4  ? 
4  OD1 ? A ASP 21  ? A ASP 20  ? 1_555 CA ? C CA . ? A CA 201 ? 1_555 O   ? A THR 27  ? A THR 26  ? 1_555 84.4  ? 
5  OD1 ? A ASP 23  ? A ASP 22  ? 1_555 CA ? C CA . ? A CA 201 ? 1_555 O   ? A THR 27  ? A THR 26  ? 1_555 158.3 ? 
6  OD1 ? A ASP 25  ? A ASP 24  ? 1_555 CA ? C CA . ? A CA 201 ? 1_555 O   ? A THR 27  ? A THR 26  ? 1_555 84.9  ? 
7  OD1 ? A ASP 21  ? A ASP 20  ? 1_555 CA ? C CA . ? A CA 201 ? 1_555 OE1 ? A GLU 32  ? A GLU 31  ? 1_555 115.9 ? 
8  OD1 ? A ASP 23  ? A ASP 22  ? 1_555 CA ? C CA . ? A CA 201 ? 1_555 OE1 ? A GLU 32  ? A GLU 31  ? 1_555 129.9 ? 
9  OD1 ? A ASP 25  ? A ASP 24  ? 1_555 CA ? C CA . ? A CA 201 ? 1_555 OE1 ? A GLU 32  ? A GLU 31  ? 1_555 145.6 ? 
10 O   ? A THR 27  ? A THR 26  ? 1_555 CA ? C CA . ? A CA 201 ? 1_555 OE1 ? A GLU 32  ? A GLU 31  ? 1_555 69.6  ? 
11 OD1 ? A ASP 21  ? A ASP 20  ? 1_555 CA ? C CA . ? A CA 201 ? 1_555 OE2 ? A GLU 32  ? A GLU 31  ? 1_555 102.5 ? 
12 OD1 ? A ASP 23  ? A ASP 22  ? 1_555 CA ? C CA . ? A CA 201 ? 1_555 OE2 ? A GLU 32  ? A GLU 31  ? 1_555 78.6  ? 
13 OD1 ? A ASP 25  ? A ASP 24  ? 1_555 CA ? C CA . ? A CA 201 ? 1_555 OE2 ? A GLU 32  ? A GLU 31  ? 1_555 156.8 ? 
14 O   ? A THR 27  ? A THR 26  ? 1_555 CA ? C CA . ? A CA 201 ? 1_555 OE2 ? A GLU 32  ? A GLU 31  ? 1_555 118.0 ? 
15 OE1 ? A GLU 32  ? A GLU 31  ? 1_555 CA ? C CA . ? A CA 201 ? 1_555 OE2 ? A GLU 32  ? A GLU 31  ? 1_555 51.8  ? 
16 OD1 ? A ASP 21  ? A ASP 20  ? 1_555 CA ? C CA . ? A CA 201 ? 1_555 O   ? G HOH .   ? A HOH 325 ? 1_555 162.6 ? 
17 OD1 ? A ASP 23  ? A ASP 22  ? 1_555 CA ? C CA . ? A CA 201 ? 1_555 O   ? G HOH .   ? A HOH 325 ? 1_555 87.6  ? 
18 OD1 ? A ASP 25  ? A ASP 24  ? 1_555 CA ? C CA . ? A CA 201 ? 1_555 O   ? G HOH .   ? A HOH 325 ? 1_555 85.3  ? 
19 O   ? A THR 27  ? A THR 26  ? 1_555 CA ? C CA . ? A CA 201 ? 1_555 O   ? G HOH .   ? A HOH 325 ? 1_555 107.0 ? 
20 OE1 ? A GLU 32  ? A GLU 31  ? 1_555 CA ? C CA . ? A CA 201 ? 1_555 O   ? G HOH .   ? A HOH 325 ? 1_555 80.8  ? 
21 OE2 ? A GLU 32  ? A GLU 31  ? 1_555 CA ? C CA . ? A CA 201 ? 1_555 O   ? G HOH .   ? A HOH 325 ? 1_555 84.0  ? 
22 OD1 ? A ASP 57  ? A ASP 56  ? 1_555 CA ? D CA . ? A CA 202 ? 1_555 OD1 ? A ASP 59  ? A ASP 58  ? 1_555 80.8  ? 
23 OD1 ? A ASP 57  ? A ASP 56  ? 1_555 CA ? D CA . ? A CA 202 ? 1_555 OD1 ? A ASN 61  ? A ASN 60  ? 1_555 90.8  ? 
24 OD1 ? A ASP 59  ? A ASP 58  ? 1_555 CA ? D CA . ? A CA 202 ? 1_555 OD1 ? A ASN 61  ? A ASN 60  ? 1_555 74.2  ? 
25 OD1 ? A ASP 57  ? A ASP 56  ? 1_555 CA ? D CA . ? A CA 202 ? 1_555 O   ? A THR 63  ? A THR 62  ? 1_555 83.0  ? 
26 OD1 ? A ASP 59  ? A ASP 58  ? 1_555 CA ? D CA . ? A CA 202 ? 1_555 O   ? A THR 63  ? A THR 62  ? 1_555 147.4 ? 
27 OD1 ? A ASN 61  ? A ASN 60  ? 1_555 CA ? D CA . ? A CA 202 ? 1_555 O   ? A THR 63  ? A THR 62  ? 1_555 78.0  ? 
28 OD1 ? A ASP 57  ? A ASP 56  ? 1_555 CA ? D CA . ? A CA 202 ? 1_555 OE1 ? A GLU 68  ? A GLU 67  ? 1_555 99.2  ? 
29 OD1 ? A ASP 59  ? A ASP 58  ? 1_555 CA ? D CA . ? A CA 202 ? 1_555 OE1 ? A GLU 68  ? A GLU 67  ? 1_555 129.9 ? 
30 OD1 ? A ASN 61  ? A ASN 60  ? 1_555 CA ? D CA . ? A CA 202 ? 1_555 OE1 ? A GLU 68  ? A GLU 67  ? 1_555 154.9 ? 
31 O   ? A THR 63  ? A THR 62  ? 1_555 CA ? D CA . ? A CA 202 ? 1_555 OE1 ? A GLU 68  ? A GLU 67  ? 1_555 80.5  ? 
32 OD1 ? A ASP 57  ? A ASP 56  ? 1_555 CA ? D CA . ? A CA 202 ? 1_555 OE2 ? A GLU 68  ? A GLU 67  ? 1_555 84.8  ? 
33 OD1 ? A ASP 59  ? A ASP 58  ? 1_555 CA ? D CA . ? A CA 202 ? 1_555 OE2 ? A GLU 68  ? A GLU 67  ? 1_555 77.3  ? 
34 OD1 ? A ASN 61  ? A ASN 60  ? 1_555 CA ? D CA . ? A CA 202 ? 1_555 OE2 ? A GLU 68  ? A GLU 67  ? 1_555 151.5 ? 
35 O   ? A THR 63  ? A THR 62  ? 1_555 CA ? D CA . ? A CA 202 ? 1_555 OE2 ? A GLU 68  ? A GLU 67  ? 1_555 129.1 ? 
36 OE1 ? A GLU 68  ? A GLU 67  ? 1_555 CA ? D CA . ? A CA 202 ? 1_555 OE2 ? A GLU 68  ? A GLU 67  ? 1_555 53.1  ? 
37 OD1 ? A ASP 57  ? A ASP 56  ? 1_555 CA ? D CA . ? A CA 202 ? 1_555 O   ? G HOH .   ? A HOH 310 ? 1_555 159.6 ? 
38 OD1 ? A ASP 59  ? A ASP 58  ? 1_555 CA ? D CA . ? A CA 202 ? 1_555 O   ? G HOH .   ? A HOH 310 ? 1_555 80.4  ? 
39 OD1 ? A ASN 61  ? A ASN 60  ? 1_555 CA ? D CA . ? A CA 202 ? 1_555 O   ? G HOH .   ? A HOH 310 ? 1_555 91.7  ? 
40 O   ? A THR 63  ? A THR 62  ? 1_555 CA ? D CA . ? A CA 202 ? 1_555 O   ? G HOH .   ? A HOH 310 ? 1_555 117.3 ? 
41 OE1 ? A GLU 68  ? A GLU 67  ? 1_555 CA ? D CA . ? A CA 202 ? 1_555 O   ? G HOH .   ? A HOH 310 ? 1_555 86.9  ? 
42 OE2 ? A GLU 68  ? A GLU 67  ? 1_555 CA ? D CA . ? A CA 202 ? 1_555 O   ? G HOH .   ? A HOH 310 ? 1_555 83.4  ? 
43 OD1 ? A ASP 94  ? A ASP 93  ? 1_555 CA ? E CA . ? A CA 203 ? 1_555 OD1 ? A ASP 96  ? A ASP 95  ? 1_555 86.5  ? 
44 OD1 ? A ASP 94  ? A ASP 93  ? 1_555 CA ? E CA . ? A CA 203 ? 1_555 OD1 ? A ASN 98  ? A ASN 97  ? 1_555 78.8  ? 
45 OD1 ? A ASP 96  ? A ASP 95  ? 1_555 CA ? E CA . ? A CA 203 ? 1_555 OD1 ? A ASN 98  ? A ASN 97  ? 1_555 79.2  ? 
46 OD1 ? A ASP 94  ? A ASP 93  ? 1_555 CA ? E CA . ? A CA 203 ? 1_555 O   ? A TYR 100 ? A TYR 99  ? 1_555 84.3  ? 
47 OD1 ? A ASP 96  ? A ASP 95  ? 1_555 CA ? E CA . ? A CA 203 ? 1_555 O   ? A TYR 100 ? A TYR 99  ? 1_555 157.5 ? 
48 OD1 ? A ASN 98  ? A ASN 97  ? 1_555 CA ? E CA . ? A CA 203 ? 1_555 O   ? A TYR 100 ? A TYR 99  ? 1_555 78.9  ? 
49 OD1 ? A ASP 94  ? A ASP 93  ? 1_555 CA ? E CA . ? A CA 203 ? 1_555 OE1 ? A GLU 105 ? A GLU 104 ? 1_555 98.0  ? 
50 OD1 ? A ASP 96  ? A ASP 95  ? 1_555 CA ? E CA . ? A CA 203 ? 1_555 OE1 ? A GLU 105 ? A GLU 104 ? 1_555 74.7  ? 
51 OD1 ? A ASN 98  ? A ASN 97  ? 1_555 CA ? E CA . ? A CA 203 ? 1_555 OE1 ? A GLU 105 ? A GLU 104 ? 1_555 153.9 ? 
52 O   ? A TYR 100 ? A TYR 99  ? 1_555 CA ? E CA . ? A CA 203 ? 1_555 OE1 ? A GLU 105 ? A GLU 104 ? 1_555 126.9 ? 
53 OD1 ? A ASP 94  ? A ASP 93  ? 1_555 CA ? E CA . ? A CA 203 ? 1_555 OE2 ? A GLU 105 ? A GLU 104 ? 1_555 102.2 ? 
54 OD1 ? A ASP 96  ? A ASP 95  ? 1_555 CA ? E CA . ? A CA 203 ? 1_555 OE2 ? A GLU 105 ? A GLU 104 ? 1_555 127.0 ? 
55 OD1 ? A ASN 98  ? A ASN 97  ? 1_555 CA ? E CA . ? A CA 203 ? 1_555 OE2 ? A GLU 105 ? A GLU 104 ? 1_555 153.7 ? 
56 O   ? A TYR 100 ? A TYR 99  ? 1_555 CA ? E CA . ? A CA 203 ? 1_555 OE2 ? A GLU 105 ? A GLU 104 ? 1_555 75.1  ? 
57 OE1 ? A GLU 105 ? A GLU 104 ? 1_555 CA ? E CA . ? A CA 203 ? 1_555 OE2 ? A GLU 105 ? A GLU 104 ? 1_555 52.4  ? 
58 OD1 ? A ASP 94  ? A ASP 93  ? 1_555 CA ? E CA . ? A CA 203 ? 1_555 O   ? G HOH .   ? A HOH 336 ? 1_555 156.1 ? 
59 OD1 ? A ASP 96  ? A ASP 95  ? 1_555 CA ? E CA . ? A CA 203 ? 1_555 O   ? G HOH .   ? A HOH 336 ? 1_555 101.5 ? 
60 OD1 ? A ASN 98  ? A ASN 97  ? 1_555 CA ? E CA . ? A CA 203 ? 1_555 O   ? G HOH .   ? A HOH 336 ? 1_555 80.6  ? 
61 O   ? A TYR 100 ? A TYR 99  ? 1_555 CA ? E CA . ? A CA 203 ? 1_555 O   ? G HOH .   ? A HOH 336 ? 1_555 79.8  ? 
62 OE1 ? A GLU 105 ? A GLU 104 ? 1_555 CA ? E CA . ? A CA 203 ? 1_555 O   ? G HOH .   ? A HOH 336 ? 1_555 105.8 ? 
63 OE2 ? A GLU 105 ? A GLU 104 ? 1_555 CA ? E CA . ? A CA 203 ? 1_555 O   ? G HOH .   ? A HOH 336 ? 1_555 90.9  ? 
64 OD1 ? A ASP 130 ? A ASP 129 ? 1_555 CA ? F CA . ? A CA 204 ? 1_555 OD1 ? A ASP 132 ? A ASP 131 ? 1_555 79.9  ? 
65 OD1 ? A ASP 130 ? A ASP 129 ? 1_555 CA ? F CA . ? A CA 204 ? 1_555 OD1 ? A ASP 134 ? A ASP 133 ? 1_555 91.6  ? 
66 OD1 ? A ASP 132 ? A ASP 131 ? 1_555 CA ? F CA . ? A CA 204 ? 1_555 OD1 ? A ASP 134 ? A ASP 133 ? 1_555 84.5  ? 
67 OD1 ? A ASP 130 ? A ASP 129 ? 1_555 CA ? F CA . ? A CA 204 ? 1_555 O   ? A GLN 136 ? A GLN 135 ? 1_555 87.9  ? 
68 OD1 ? A ASP 132 ? A ASP 131 ? 1_555 CA ? F CA . ? A CA 204 ? 1_555 O   ? A GLN 136 ? A GLN 135 ? 1_555 157.1 ? 
69 OD1 ? A ASP 134 ? A ASP 133 ? 1_555 CA ? F CA . ? A CA 204 ? 1_555 O   ? A GLN 136 ? A GLN 135 ? 1_555 76.4  ? 
70 OD1 ? A ASP 130 ? A ASP 129 ? 1_555 CA ? F CA . ? A CA 204 ? 1_555 OE1 ? A GLU 141 ? A GLU 140 ? 1_555 100.6 ? 
71 OD1 ? A ASP 132 ? A ASP 131 ? 1_555 CA ? F CA . ? A CA 204 ? 1_555 OE1 ? A GLU 141 ? A GLU 140 ? 1_555 123.4 ? 
72 OD1 ? A ASP 134 ? A ASP 133 ? 1_555 CA ? F CA . ? A CA 204 ? 1_555 OE1 ? A GLU 141 ? A GLU 140 ? 1_555 150.9 ? 
73 O   ? A GLN 136 ? A GLN 135 ? 1_555 CA ? F CA . ? A CA 204 ? 1_555 OE1 ? A GLU 141 ? A GLU 140 ? 1_555 77.7  ? 
74 OD1 ? A ASP 130 ? A ASP 129 ? 1_555 CA ? F CA . ? A CA 204 ? 1_555 OE2 ? A GLU 141 ? A GLU 140 ? 1_555 89.9  ? 
75 OD1 ? A ASP 132 ? A ASP 131 ? 1_555 CA ? F CA . ? A CA 204 ? 1_555 OE2 ? A GLU 141 ? A GLU 140 ? 1_555 72.5  ? 
76 OD1 ? A ASP 134 ? A ASP 133 ? 1_555 CA ? F CA . ? A CA 204 ? 1_555 OE2 ? A GLU 141 ? A GLU 140 ? 1_555 156.3 ? 
77 O   ? A GLN 136 ? A GLN 135 ? 1_555 CA ? F CA . ? A CA 204 ? 1_555 OE2 ? A GLU 141 ? A GLU 140 ? 1_555 127.2 ? 
78 OE1 ? A GLU 141 ? A GLU 140 ? 1_555 CA ? F CA . ? A CA 204 ? 1_555 OE2 ? A GLU 141 ? A GLU 140 ? 1_555 51.0  ? 
79 OD1 ? A ASP 130 ? A ASP 129 ? 1_555 CA ? F CA . ? A CA 204 ? 1_555 O   ? G HOH .   ? A HOH 320 ? 1_555 167.4 ? 
80 OD1 ? A ASP 132 ? A ASP 131 ? 1_555 CA ? F CA . ? A CA 204 ? 1_555 O   ? G HOH .   ? A HOH 320 ? 1_555 88.4  ? 
81 OD1 ? A ASP 134 ? A ASP 133 ? 1_555 CA ? F CA . ? A CA 204 ? 1_555 O   ? G HOH .   ? A HOH 320 ? 1_555 82.4  ? 
82 O   ? A GLN 136 ? A GLN 135 ? 1_555 CA ? F CA . ? A CA 204 ? 1_555 O   ? G HOH .   ? A HOH 320 ? 1_555 101.3 ? 
83 OE1 ? A GLU 141 ? A GLU 140 ? 1_555 CA ? F CA . ? A CA 204 ? 1_555 O   ? G HOH .   ? A HOH 320 ? 1_555 89.9  ? 
84 OE2 ? A GLU 141 ? A GLU 140 ? 1_555 CA ? F CA . ? A CA 204 ? 1_555 O   ? G HOH .   ? A HOH 320 ? 1_555 91.3  ? 
# 
loop_
_struct_sheet.id 
_struct_sheet.type 
_struct_sheet.number_strands 
_struct_sheet.details 
AA1 ? 2 ? 
AA2 ? 2 ? 
# 
loop_
_struct_sheet_order.sheet_id 
_struct_sheet_order.range_id_1 
_struct_sheet_order.range_id_2 
_struct_sheet_order.offset 
_struct_sheet_order.sense 
AA1 1 2 ? anti-parallel 
AA2 1 2 ? anti-parallel 
# 
loop_
_struct_sheet_range.sheet_id 
_struct_sheet_range.id 
_struct_sheet_range.beg_label_comp_id 
_struct_sheet_range.beg_label_asym_id 
_struct_sheet_range.beg_label_seq_id 
_struct_sheet_range.pdbx_beg_PDB_ins_code 
_struct_sheet_range.end_label_comp_id 
_struct_sheet_range.end_label_asym_id 
_struct_sheet_range.end_label_seq_id 
_struct_sheet_range.pdbx_end_PDB_ins_code 
_struct_sheet_range.beg_auth_comp_id 
_struct_sheet_range.beg_auth_asym_id 
_struct_sheet_range.beg_auth_seq_id 
_struct_sheet_range.end_auth_comp_id 
_struct_sheet_range.end_auth_asym_id 
_struct_sheet_range.end_auth_seq_id 
AA1 1 THR A 27  ? ILE A 28  ? THR A 26  ILE A 27  
AA1 2 ILE A 64  ? ASP A 65  ? ILE A 63  ASP A 64  
AA2 1 TYR A 100 ? ILE A 101 ? TYR A 99  ILE A 100 
AA2 2 VAL A 137 ? ASN A 138 ? VAL A 136 ASN A 137 
# 
loop_
_pdbx_struct_sheet_hbond.sheet_id 
_pdbx_struct_sheet_hbond.range_id_1 
_pdbx_struct_sheet_hbond.range_id_2 
_pdbx_struct_sheet_hbond.range_1_label_atom_id 
_pdbx_struct_sheet_hbond.range_1_label_comp_id 
_pdbx_struct_sheet_hbond.range_1_label_asym_id 
_pdbx_struct_sheet_hbond.range_1_label_seq_id 
_pdbx_struct_sheet_hbond.range_1_PDB_ins_code 
_pdbx_struct_sheet_hbond.range_1_auth_atom_id 
_pdbx_struct_sheet_hbond.range_1_auth_comp_id 
_pdbx_struct_sheet_hbond.range_1_auth_asym_id 
_pdbx_struct_sheet_hbond.range_1_auth_seq_id 
_pdbx_struct_sheet_hbond.range_2_label_atom_id 
_pdbx_struct_sheet_hbond.range_2_label_comp_id 
_pdbx_struct_sheet_hbond.range_2_label_asym_id 
_pdbx_struct_sheet_hbond.range_2_label_seq_id 
_pdbx_struct_sheet_hbond.range_2_PDB_ins_code 
_pdbx_struct_sheet_hbond.range_2_auth_atom_id 
_pdbx_struct_sheet_hbond.range_2_auth_comp_id 
_pdbx_struct_sheet_hbond.range_2_auth_asym_id 
_pdbx_struct_sheet_hbond.range_2_auth_seq_id 
AA1 1 2 N ILE A 28  ? N ILE A 27  O ILE A 64  ? O ILE A 63  
AA2 1 2 N ILE A 101 ? N ILE A 100 O VAL A 137 ? O VAL A 136 
# 
loop_
_struct_site.id 
_struct_site.pdbx_evidence_code 
_struct_site.pdbx_auth_asym_id 
_struct_site.pdbx_auth_comp_id 
_struct_site.pdbx_auth_seq_id 
_struct_site.pdbx_auth_ins_code 
_struct_site.pdbx_num_residues 
_struct_site.details 
AC1 Software A CA 201 ? 6 'binding site for residue CA A 201' 
AC2 Software A CA 202 ? 6 'binding site for residue CA A 202' 
AC3 Software A CA 203 ? 6 'binding site for residue CA A 203' 
AC4 Software A CA 204 ? 6 'binding site for residue CA A 204' 
# 
loop_
_struct_site_gen.id 
_struct_site_gen.site_id 
_struct_site_gen.pdbx_num_res 
_struct_site_gen.label_comp_id 
_struct_site_gen.label_asym_id 
_struct_site_gen.label_seq_id 
_struct_site_gen.pdbx_auth_ins_code 
_struct_site_gen.auth_comp_id 
_struct_site_gen.auth_asym_id 
_struct_site_gen.auth_seq_id 
_struct_site_gen.label_atom_id 
_struct_site_gen.label_alt_id 
_struct_site_gen.symmetry 
_struct_site_gen.details 
1  AC1 6 ASP A 21  ? ASP A 20  . ? 1_555 ? 
2  AC1 6 ASP A 23  ? ASP A 22  . ? 1_555 ? 
3  AC1 6 ASP A 25  ? ASP A 24  . ? 1_555 ? 
4  AC1 6 THR A 27  ? THR A 26  . ? 1_555 ? 
5  AC1 6 GLU A 32  ? GLU A 31  . ? 1_555 ? 
6  AC1 6 HOH G .   ? HOH A 325 . ? 1_555 ? 
7  AC2 6 ASP A 57  ? ASP A 56  . ? 1_555 ? 
8  AC2 6 ASP A 59  ? ASP A 58  . ? 1_555 ? 
9  AC2 6 ASN A 61  ? ASN A 60  . ? 1_555 ? 
10 AC2 6 THR A 63  ? THR A 62  . ? 1_555 ? 
11 AC2 6 GLU A 68  ? GLU A 67  . ? 1_555 ? 
12 AC2 6 HOH G .   ? HOH A 310 . ? 1_555 ? 
13 AC3 6 ASP A 94  ? ASP A 93  . ? 1_555 ? 
14 AC3 6 ASP A 96  ? ASP A 95  . ? 1_555 ? 
15 AC3 6 ASN A 98  ? ASN A 97  . ? 1_555 ? 
16 AC3 6 TYR A 100 ? TYR A 99  . ? 1_555 ? 
17 AC3 6 GLU A 105 ? GLU A 104 . ? 1_555 ? 
18 AC3 6 HOH G .   ? HOH A 336 . ? 1_555 ? 
19 AC4 6 ASP A 130 ? ASP A 129 . ? 1_555 ? 
20 AC4 6 ASP A 132 ? ASP A 131 . ? 1_555 ? 
21 AC4 6 ASP A 134 ? ASP A 133 . ? 1_555 ? 
22 AC4 6 GLN A 136 ? GLN A 135 . ? 1_555 ? 
23 AC4 6 GLU A 141 ? GLU A 140 . ? 1_555 ? 
24 AC4 6 HOH G .   ? HOH A 320 . ? 1_555 ? 
# 
loop_
_space_group_symop.id 
_space_group_symop.operation_xyz 
1 x,y,z           
2 x+1/2,-y+1/2,-z 
3 -x,y+1/2,-z+1/2 
4 -x+1/2,-y,z+1/2 
# 
_pdbx_entry_details.entry_id                 6Y4P 
_pdbx_entry_details.has_ligand_of_interest   Y 
_pdbx_entry_details.compound_details         ? 
_pdbx_entry_details.source_details           ? 
_pdbx_entry_details.nonpolymer_details       ? 
_pdbx_entry_details.sequence_details         ? 
# 
loop_
_pdbx_unobs_or_zero_occ_residues.id 
_pdbx_unobs_or_zero_occ_residues.PDB_model_num 
_pdbx_unobs_or_zero_occ_residues.polymer_flag 
_pdbx_unobs_or_zero_occ_residues.occupancy_flag 
_pdbx_unobs_or_zero_occ_residues.auth_asym_id 
_pdbx_unobs_or_zero_occ_residues.auth_comp_id 
_pdbx_unobs_or_zero_occ_residues.auth_seq_id 
_pdbx_unobs_or_zero_occ_residues.PDB_ins_code 
_pdbx_unobs_or_zero_occ_residues.label_asym_id 
_pdbx_unobs_or_zero_occ_residues.label_comp_id 
_pdbx_unobs_or_zero_occ_residues.label_seq_id 
1  1 Y 1 A MET 0    ? A MET 1   
2  1 Y 1 A ALA 1    ? A ALA 2   
3  1 Y 1 A ASP 2    ? A ASP 3   
4  1 Y 1 A GLN 3    ? A GLN 4   
5  1 Y 1 A ASP 78   ? A ASP 79  
6  1 Y 1 A THR 79   ? A THR 80  
7  1 Y 1 A ASP 80   ? A ASP 81  
8  1 Y 1 A SER 81   ? A SER 82  
9  1 Y 1 A ALA 147  ? A ALA 148 
10 1 Y 1 A LYS 148  ? A LYS 149 
11 1 Y 1 B SER 3611 ? B SER 1   
12 1 Y 1 B ASN 3612 ? B ASN 2   
13 1 Y 1 B ALA 3613 ? B ALA 3   
14 1 Y 1 B ARG 3614 ? B ARG 4   
15 1 Y 1 B PRO 3640 ? B PRO 30  
# 
loop_
_chem_comp_atom.comp_id 
_chem_comp_atom.atom_id 
_chem_comp_atom.type_symbol 
_chem_comp_atom.pdbx_aromatic_flag 
_chem_comp_atom.pdbx_stereo_config 
_chem_comp_atom.pdbx_ordinal 
ALA N    N  N N 1   
ALA CA   C  N S 2   
ALA C    C  N N 3   
ALA O    O  N N 4   
ALA CB   C  N N 5   
ALA OXT  O  N N 6   
ALA H    H  N N 7   
ALA H2   H  N N 8   
ALA HA   H  N N 9   
ALA HB1  H  N N 10  
ALA HB2  H  N N 11  
ALA HB3  H  N N 12  
ALA HXT  H  N N 13  
ARG N    N  N N 14  
ARG CA   C  N S 15  
ARG C    C  N N 16  
ARG O    O  N N 17  
ARG CB   C  N N 18  
ARG CG   C  N N 19  
ARG CD   C  N N 20  
ARG NE   N  N N 21  
ARG CZ   C  N N 22  
ARG NH1  N  N N 23  
ARG NH2  N  N N 24  
ARG OXT  O  N N 25  
ARG H    H  N N 26  
ARG H2   H  N N 27  
ARG HA   H  N N 28  
ARG HB2  H  N N 29  
ARG HB3  H  N N 30  
ARG HG2  H  N N 31  
ARG HG3  H  N N 32  
ARG HD2  H  N N 33  
ARG HD3  H  N N 34  
ARG HE   H  N N 35  
ARG HH11 H  N N 36  
ARG HH12 H  N N 37  
ARG HH21 H  N N 38  
ARG HH22 H  N N 39  
ARG HXT  H  N N 40  
ASN N    N  N N 41  
ASN CA   C  N S 42  
ASN C    C  N N 43  
ASN O    O  N N 44  
ASN CB   C  N N 45  
ASN CG   C  N N 46  
ASN OD1  O  N N 47  
ASN ND2  N  N N 48  
ASN OXT  O  N N 49  
ASN H    H  N N 50  
ASN H2   H  N N 51  
ASN HA   H  N N 52  
ASN HB2  H  N N 53  
ASN HB3  H  N N 54  
ASN HD21 H  N N 55  
ASN HD22 H  N N 56  
ASN HXT  H  N N 57  
ASP N    N  N N 58  
ASP CA   C  N S 59  
ASP C    C  N N 60  
ASP O    O  N N 61  
ASP CB   C  N N 62  
ASP CG   C  N N 63  
ASP OD1  O  N N 64  
ASP OD2  O  N N 65  
ASP OXT  O  N N 66  
ASP H    H  N N 67  
ASP H2   H  N N 68  
ASP HA   H  N N 69  
ASP HB2  H  N N 70  
ASP HB3  H  N N 71  
ASP HD2  H  N N 72  
ASP HXT  H  N N 73  
CA  CA   CA N N 74  
CYS N    N  N N 75  
CYS CA   C  N R 76  
CYS C    C  N N 77  
CYS O    O  N N 78  
CYS CB   C  N N 79  
CYS SG   S  N N 80  
CYS OXT  O  N N 81  
CYS H    H  N N 82  
CYS H2   H  N N 83  
CYS HA   H  N N 84  
CYS HB2  H  N N 85  
CYS HB3  H  N N 86  
CYS HG   H  N N 87  
CYS HXT  H  N N 88  
GLN N    N  N N 89  
GLN CA   C  N S 90  
GLN C    C  N N 91  
GLN O    O  N N 92  
GLN CB   C  N N 93  
GLN CG   C  N N 94  
GLN CD   C  N N 95  
GLN OE1  O  N N 96  
GLN NE2  N  N N 97  
GLN OXT  O  N N 98  
GLN H    H  N N 99  
GLN H2   H  N N 100 
GLN HA   H  N N 101 
GLN HB2  H  N N 102 
GLN HB3  H  N N 103 
GLN HG2  H  N N 104 
GLN HG3  H  N N 105 
GLN HE21 H  N N 106 
GLN HE22 H  N N 107 
GLN HXT  H  N N 108 
GLU N    N  N N 109 
GLU CA   C  N S 110 
GLU C    C  N N 111 
GLU O    O  N N 112 
GLU CB   C  N N 113 
GLU CG   C  N N 114 
GLU CD   C  N N 115 
GLU OE1  O  N N 116 
GLU OE2  O  N N 117 
GLU OXT  O  N N 118 
GLU H    H  N N 119 
GLU H2   H  N N 120 
GLU HA   H  N N 121 
GLU HB2  H  N N 122 
GLU HB3  H  N N 123 
GLU HG2  H  N N 124 
GLU HG3  H  N N 125 
GLU HE2  H  N N 126 
GLU HXT  H  N N 127 
GLY N    N  N N 128 
GLY CA   C  N N 129 
GLY C    C  N N 130 
GLY O    O  N N 131 
GLY OXT  O  N N 132 
GLY H    H  N N 133 
GLY H2   H  N N 134 
GLY HA2  H  N N 135 
GLY HA3  H  N N 136 
GLY HXT  H  N N 137 
HIS N    N  N N 138 
HIS CA   C  N S 139 
HIS C    C  N N 140 
HIS O    O  N N 141 
HIS CB   C  N N 142 
HIS CG   C  Y N 143 
HIS ND1  N  Y N 144 
HIS CD2  C  Y N 145 
HIS CE1  C  Y N 146 
HIS NE2  N  Y N 147 
HIS OXT  O  N N 148 
HIS H    H  N N 149 
HIS H2   H  N N 150 
HIS HA   H  N N 151 
HIS HB2  H  N N 152 
HIS HB3  H  N N 153 
HIS HD1  H  N N 154 
HIS HD2  H  N N 155 
HIS HE1  H  N N 156 
HIS HE2  H  N N 157 
HIS HXT  H  N N 158 
HOH O    O  N N 159 
HOH H1   H  N N 160 
HOH H2   H  N N 161 
ILE N    N  N N 162 
ILE CA   C  N S 163 
ILE C    C  N N 164 
ILE O    O  N N 165 
ILE CB   C  N S 166 
ILE CG1  C  N N 167 
ILE CG2  C  N N 168 
ILE CD1  C  N N 169 
ILE OXT  O  N N 170 
ILE H    H  N N 171 
ILE H2   H  N N 172 
ILE HA   H  N N 173 
ILE HB   H  N N 174 
ILE HG12 H  N N 175 
ILE HG13 H  N N 176 
ILE HG21 H  N N 177 
ILE HG22 H  N N 178 
ILE HG23 H  N N 179 
ILE HD11 H  N N 180 
ILE HD12 H  N N 181 
ILE HD13 H  N N 182 
ILE HXT  H  N N 183 
LEU N    N  N N 184 
LEU CA   C  N S 185 
LEU C    C  N N 186 
LEU O    O  N N 187 
LEU CB   C  N N 188 
LEU CG   C  N N 189 
LEU CD1  C  N N 190 
LEU CD2  C  N N 191 
LEU OXT  O  N N 192 
LEU H    H  N N 193 
LEU H2   H  N N 194 
LEU HA   H  N N 195 
LEU HB2  H  N N 196 
LEU HB3  H  N N 197 
LEU HG   H  N N 198 
LEU HD11 H  N N 199 
LEU HD12 H  N N 200 
LEU HD13 H  N N 201 
LEU HD21 H  N N 202 
LEU HD22 H  N N 203 
LEU HD23 H  N N 204 
LEU HXT  H  N N 205 
LYS N    N  N N 206 
LYS CA   C  N S 207 
LYS C    C  N N 208 
LYS O    O  N N 209 
LYS CB   C  N N 210 
LYS CG   C  N N 211 
LYS CD   C  N N 212 
LYS CE   C  N N 213 
LYS NZ   N  N N 214 
LYS OXT  O  N N 215 
LYS H    H  N N 216 
LYS H2   H  N N 217 
LYS HA   H  N N 218 
LYS HB2  H  N N 219 
LYS HB3  H  N N 220 
LYS HG2  H  N N 221 
LYS HG3  H  N N 222 
LYS HD2  H  N N 223 
LYS HD3  H  N N 224 
LYS HE2  H  N N 225 
LYS HE3  H  N N 226 
LYS HZ1  H  N N 227 
LYS HZ2  H  N N 228 
LYS HZ3  H  N N 229 
LYS HXT  H  N N 230 
MET N    N  N N 231 
MET CA   C  N S 232 
MET C    C  N N 233 
MET O    O  N N 234 
MET CB   C  N N 235 
MET CG   C  N N 236 
MET SD   S  N N 237 
MET CE   C  N N 238 
MET OXT  O  N N 239 
MET H    H  N N 240 
MET H2   H  N N 241 
MET HA   H  N N 242 
MET HB2  H  N N 243 
MET HB3  H  N N 244 
MET HG2  H  N N 245 
MET HG3  H  N N 246 
MET HE1  H  N N 247 
MET HE2  H  N N 248 
MET HE3  H  N N 249 
MET HXT  H  N N 250 
PHE N    N  N N 251 
PHE CA   C  N S 252 
PHE C    C  N N 253 
PHE O    O  N N 254 
PHE CB   C  N N 255 
PHE CG   C  Y N 256 
PHE CD1  C  Y N 257 
PHE CD2  C  Y N 258 
PHE CE1  C  Y N 259 
PHE CE2  C  Y N 260 
PHE CZ   C  Y N 261 
PHE OXT  O  N N 262 
PHE H    H  N N 263 
PHE H2   H  N N 264 
PHE HA   H  N N 265 
PHE HB2  H  N N 266 
PHE HB3  H  N N 267 
PHE HD1  H  N N 268 
PHE HD2  H  N N 269 
PHE HE1  H  N N 270 
PHE HE2  H  N N 271 
PHE HZ   H  N N 272 
PHE HXT  H  N N 273 
PRO N    N  N N 274 
PRO CA   C  N S 275 
PRO C    C  N N 276 
PRO O    O  N N 277 
PRO CB   C  N N 278 
PRO CG   C  N N 279 
PRO CD   C  N N 280 
PRO OXT  O  N N 281 
PRO H    H  N N 282 
PRO HA   H  N N 283 
PRO HB2  H  N N 284 
PRO HB3  H  N N 285 
PRO HG2  H  N N 286 
PRO HG3  H  N N 287 
PRO HD2  H  N N 288 
PRO HD3  H  N N 289 
PRO HXT  H  N N 290 
SER N    N  N N 291 
SER CA   C  N S 292 
SER C    C  N N 293 
SER O    O  N N 294 
SER CB   C  N N 295 
SER OG   O  N N 296 
SER OXT  O  N N 297 
SER H    H  N N 298 
SER H2   H  N N 299 
SER HA   H  N N 300 
SER HB2  H  N N 301 
SER HB3  H  N N 302 
SER HG   H  N N 303 
SER HXT  H  N N 304 
THR N    N  N N 305 
THR CA   C  N S 306 
THR C    C  N N 307 
THR O    O  N N 308 
THR CB   C  N R 309 
THR OG1  O  N N 310 
THR CG2  C  N N 311 
THR OXT  O  N N 312 
THR H    H  N N 313 
THR H2   H  N N 314 
THR HA   H  N N 315 
THR HB   H  N N 316 
THR HG1  H  N N 317 
THR HG21 H  N N 318 
THR HG22 H  N N 319 
THR HG23 H  N N 320 
THR HXT  H  N N 321 
TRP N    N  N N 322 
TRP CA   C  N S 323 
TRP C    C  N N 324 
TRP O    O  N N 325 
TRP CB   C  N N 326 
TRP CG   C  Y N 327 
TRP CD1  C  Y N 328 
TRP CD2  C  Y N 329 
TRP NE1  N  Y N 330 
TRP CE2  C  Y N 331 
TRP CE3  C  Y N 332 
TRP CZ2  C  Y N 333 
TRP CZ3  C  Y N 334 
TRP CH2  C  Y N 335 
TRP OXT  O  N N 336 
TRP H    H  N N 337 
TRP H2   H  N N 338 
TRP HA   H  N N 339 
TRP HB2  H  N N 340 
TRP HB3  H  N N 341 
TRP HD1  H  N N 342 
TRP HE1  H  N N 343 
TRP HE3  H  N N 344 
TRP HZ2  H  N N 345 
TRP HZ3  H  N N 346 
TRP HH2  H  N N 347 
TRP HXT  H  N N 348 
TYR N    N  N N 349 
TYR CA   C  N S 350 
TYR C    C  N N 351 
TYR O    O  N N 352 
TYR CB   C  N N 353 
TYR CG   C  Y N 354 
TYR CD1  C  Y N 355 
TYR CD2  C  Y N 356 
TYR CE1  C  Y N 357 
TYR CE2  C  Y N 358 
TYR CZ   C  Y N 359 
TYR OH   O  N N 360 
TYR OXT  O  N N 361 
TYR H    H  N N 362 
TYR H2   H  N N 363 
TYR HA   H  N N 364 
TYR HB2  H  N N 365 
TYR HB3  H  N N 366 
TYR HD1  H  N N 367 
TYR HD2  H  N N 368 
TYR HE1  H  N N 369 
TYR HE2  H  N N 370 
TYR HH   H  N N 371 
TYR HXT  H  N N 372 
VAL N    N  N N 373 
VAL CA   C  N S 374 
VAL C    C  N N 375 
VAL O    O  N N 376 
VAL CB   C  N N 377 
VAL CG1  C  N N 378 
VAL CG2  C  N N 379 
VAL OXT  O  N N 380 
VAL H    H  N N 381 
VAL H2   H  N N 382 
VAL HA   H  N N 383 
VAL HB   H  N N 384 
VAL HG11 H  N N 385 
VAL HG12 H  N N 386 
VAL HG13 H  N N 387 
VAL HG21 H  N N 388 
VAL HG22 H  N N 389 
VAL HG23 H  N N 390 
VAL HXT  H  N N 391 
# 
loop_
_chem_comp_bond.comp_id 
_chem_comp_bond.atom_id_1 
_chem_comp_bond.atom_id_2 
_chem_comp_bond.value_order 
_chem_comp_bond.pdbx_aromatic_flag 
_chem_comp_bond.pdbx_stereo_config 
_chem_comp_bond.pdbx_ordinal 
ALA N   CA   sing N N 1   
ALA N   H    sing N N 2   
ALA N   H2   sing N N 3   
ALA CA  C    sing N N 4   
ALA CA  CB   sing N N 5   
ALA CA  HA   sing N N 6   
ALA C   O    doub N N 7   
ALA C   OXT  sing N N 8   
ALA CB  HB1  sing N N 9   
ALA CB  HB2  sing N N 10  
ALA CB  HB3  sing N N 11  
ALA OXT HXT  sing N N 12  
ARG N   CA   sing N N 13  
ARG N   H    sing N N 14  
ARG N   H2   sing N N 15  
ARG CA  C    sing N N 16  
ARG CA  CB   sing N N 17  
ARG CA  HA   sing N N 18  
ARG C   O    doub N N 19  
ARG C   OXT  sing N N 20  
ARG CB  CG   sing N N 21  
ARG CB  HB2  sing N N 22  
ARG CB  HB3  sing N N 23  
ARG CG  CD   sing N N 24  
ARG CG  HG2  sing N N 25  
ARG CG  HG3  sing N N 26  
ARG CD  NE   sing N N 27  
ARG CD  HD2  sing N N 28  
ARG CD  HD3  sing N N 29  
ARG NE  CZ   sing N N 30  
ARG NE  HE   sing N N 31  
ARG CZ  NH1  sing N N 32  
ARG CZ  NH2  doub N N 33  
ARG NH1 HH11 sing N N 34  
ARG NH1 HH12 sing N N 35  
ARG NH2 HH21 sing N N 36  
ARG NH2 HH22 sing N N 37  
ARG OXT HXT  sing N N 38  
ASN N   CA   sing N N 39  
ASN N   H    sing N N 40  
ASN N   H2   sing N N 41  
ASN CA  C    sing N N 42  
ASN CA  CB   sing N N 43  
ASN CA  HA   sing N N 44  
ASN C   O    doub N N 45  
ASN C   OXT  sing N N 46  
ASN CB  CG   sing N N 47  
ASN CB  HB2  sing N N 48  
ASN CB  HB3  sing N N 49  
ASN CG  OD1  doub N N 50  
ASN CG  ND2  sing N N 51  
ASN ND2 HD21 sing N N 52  
ASN ND2 HD22 sing N N 53  
ASN OXT HXT  sing N N 54  
ASP N   CA   sing N N 55  
ASP N   H    sing N N 56  
ASP N   H2   sing N N 57  
ASP CA  C    sing N N 58  
ASP CA  CB   sing N N 59  
ASP CA  HA   sing N N 60  
ASP C   O    doub N N 61  
ASP C   OXT  sing N N 62  
ASP CB  CG   sing N N 63  
ASP CB  HB2  sing N N 64  
ASP CB  HB3  sing N N 65  
ASP CG  OD1  doub N N 66  
ASP CG  OD2  sing N N 67  
ASP OD2 HD2  sing N N 68  
ASP OXT HXT  sing N N 69  
CYS N   CA   sing N N 70  
CYS N   H    sing N N 71  
CYS N   H2   sing N N 72  
CYS CA  C    sing N N 73  
CYS CA  CB   sing N N 74  
CYS CA  HA   sing N N 75  
CYS C   O    doub N N 76  
CYS C   OXT  sing N N 77  
CYS CB  SG   sing N N 78  
CYS CB  HB2  sing N N 79  
CYS CB  HB3  sing N N 80  
CYS SG  HG   sing N N 81  
CYS OXT HXT  sing N N 82  
GLN N   CA   sing N N 83  
GLN N   H    sing N N 84  
GLN N   H2   sing N N 85  
GLN CA  C    sing N N 86  
GLN CA  CB   sing N N 87  
GLN CA  HA   sing N N 88  
GLN C   O    doub N N 89  
GLN C   OXT  sing N N 90  
GLN CB  CG   sing N N 91  
GLN CB  HB2  sing N N 92  
GLN CB  HB3  sing N N 93  
GLN CG  CD   sing N N 94  
GLN CG  HG2  sing N N 95  
GLN CG  HG3  sing N N 96  
GLN CD  OE1  doub N N 97  
GLN CD  NE2  sing N N 98  
GLN NE2 HE21 sing N N 99  
GLN NE2 HE22 sing N N 100 
GLN OXT HXT  sing N N 101 
GLU N   CA   sing N N 102 
GLU N   H    sing N N 103 
GLU N   H2   sing N N 104 
GLU CA  C    sing N N 105 
GLU CA  CB   sing N N 106 
GLU CA  HA   sing N N 107 
GLU C   O    doub N N 108 
GLU C   OXT  sing N N 109 
GLU CB  CG   sing N N 110 
GLU CB  HB2  sing N N 111 
GLU CB  HB3  sing N N 112 
GLU CG  CD   sing N N 113 
GLU CG  HG2  sing N N 114 
GLU CG  HG3  sing N N 115 
GLU CD  OE1  doub N N 116 
GLU CD  OE2  sing N N 117 
GLU OE2 HE2  sing N N 118 
GLU OXT HXT  sing N N 119 
GLY N   CA   sing N N 120 
GLY N   H    sing N N 121 
GLY N   H2   sing N N 122 
GLY CA  C    sing N N 123 
GLY CA  HA2  sing N N 124 
GLY CA  HA3  sing N N 125 
GLY C   O    doub N N 126 
GLY C   OXT  sing N N 127 
GLY OXT HXT  sing N N 128 
HIS N   CA   sing N N 129 
HIS N   H    sing N N 130 
HIS N   H2   sing N N 131 
HIS CA  C    sing N N 132 
HIS CA  CB   sing N N 133 
HIS CA  HA   sing N N 134 
HIS C   O    doub N N 135 
HIS C   OXT  sing N N 136 
HIS CB  CG   sing N N 137 
HIS CB  HB2  sing N N 138 
HIS CB  HB3  sing N N 139 
HIS CG  ND1  sing Y N 140 
HIS CG  CD2  doub Y N 141 
HIS ND1 CE1  doub Y N 142 
HIS ND1 HD1  sing N N 143 
HIS CD2 NE2  sing Y N 144 
HIS CD2 HD2  sing N N 145 
HIS CE1 NE2  sing Y N 146 
HIS CE1 HE1  sing N N 147 
HIS NE2 HE2  sing N N 148 
HIS OXT HXT  sing N N 149 
HOH O   H1   sing N N 150 
HOH O   H2   sing N N 151 
ILE N   CA   sing N N 152 
ILE N   H    sing N N 153 
ILE N   H2   sing N N 154 
ILE CA  C    sing N N 155 
ILE CA  CB   sing N N 156 
ILE CA  HA   sing N N 157 
ILE C   O    doub N N 158 
ILE C   OXT  sing N N 159 
ILE CB  CG1  sing N N 160 
ILE CB  CG2  sing N N 161 
ILE CB  HB   sing N N 162 
ILE CG1 CD1  sing N N 163 
ILE CG1 HG12 sing N N 164 
ILE CG1 HG13 sing N N 165 
ILE CG2 HG21 sing N N 166 
ILE CG2 HG22 sing N N 167 
ILE CG2 HG23 sing N N 168 
ILE CD1 HD11 sing N N 169 
ILE CD1 HD12 sing N N 170 
ILE CD1 HD13 sing N N 171 
ILE OXT HXT  sing N N 172 
LEU N   CA   sing N N 173 
LEU N   H    sing N N 174 
LEU N   H2   sing N N 175 
LEU CA  C    sing N N 176 
LEU CA  CB   sing N N 177 
LEU CA  HA   sing N N 178 
LEU C   O    doub N N 179 
LEU C   OXT  sing N N 180 
LEU CB  CG   sing N N 181 
LEU CB  HB2  sing N N 182 
LEU CB  HB3  sing N N 183 
LEU CG  CD1  sing N N 184 
LEU CG  CD2  sing N N 185 
LEU CG  HG   sing N N 186 
LEU CD1 HD11 sing N N 187 
LEU CD1 HD12 sing N N 188 
LEU CD1 HD13 sing N N 189 
LEU CD2 HD21 sing N N 190 
LEU CD2 HD22 sing N N 191 
LEU CD2 HD23 sing N N 192 
LEU OXT HXT  sing N N 193 
LYS N   CA   sing N N 194 
LYS N   H    sing N N 195 
LYS N   H2   sing N N 196 
LYS CA  C    sing N N 197 
LYS CA  CB   sing N N 198 
LYS CA  HA   sing N N 199 
LYS C   O    doub N N 200 
LYS C   OXT  sing N N 201 
LYS CB  CG   sing N N 202 
LYS CB  HB2  sing N N 203 
LYS CB  HB3  sing N N 204 
LYS CG  CD   sing N N 205 
LYS CG  HG2  sing N N 206 
LYS CG  HG3  sing N N 207 
LYS CD  CE   sing N N 208 
LYS CD  HD2  sing N N 209 
LYS CD  HD3  sing N N 210 
LYS CE  NZ   sing N N 211 
LYS CE  HE2  sing N N 212 
LYS CE  HE3  sing N N 213 
LYS NZ  HZ1  sing N N 214 
LYS NZ  HZ2  sing N N 215 
LYS NZ  HZ3  sing N N 216 
LYS OXT HXT  sing N N 217 
MET N   CA   sing N N 218 
MET N   H    sing N N 219 
MET N   H2   sing N N 220 
MET CA  C    sing N N 221 
MET CA  CB   sing N N 222 
MET CA  HA   sing N N 223 
MET C   O    doub N N 224 
MET C   OXT  sing N N 225 
MET CB  CG   sing N N 226 
MET CB  HB2  sing N N 227 
MET CB  HB3  sing N N 228 
MET CG  SD   sing N N 229 
MET CG  HG2  sing N N 230 
MET CG  HG3  sing N N 231 
MET SD  CE   sing N N 232 
MET CE  HE1  sing N N 233 
MET CE  HE2  sing N N 234 
MET CE  HE3  sing N N 235 
MET OXT HXT  sing N N 236 
PHE N   CA   sing N N 237 
PHE N   H    sing N N 238 
PHE N   H2   sing N N 239 
PHE CA  C    sing N N 240 
PHE CA  CB   sing N N 241 
PHE CA  HA   sing N N 242 
PHE C   O    doub N N 243 
PHE C   OXT  sing N N 244 
PHE CB  CG   sing N N 245 
PHE CB  HB2  sing N N 246 
PHE CB  HB3  sing N N 247 
PHE CG  CD1  doub Y N 248 
PHE CG  CD2  sing Y N 249 
PHE CD1 CE1  sing Y N 250 
PHE CD1 HD1  sing N N 251 
PHE CD2 CE2  doub Y N 252 
PHE CD2 HD2  sing N N 253 
PHE CE1 CZ   doub Y N 254 
PHE CE1 HE1  sing N N 255 
PHE CE2 CZ   sing Y N 256 
PHE CE2 HE2  sing N N 257 
PHE CZ  HZ   sing N N 258 
PHE OXT HXT  sing N N 259 
PRO N   CA   sing N N 260 
PRO N   CD   sing N N 261 
PRO N   H    sing N N 262 
PRO CA  C    sing N N 263 
PRO CA  CB   sing N N 264 
PRO CA  HA   sing N N 265 
PRO C   O    doub N N 266 
PRO C   OXT  sing N N 267 
PRO CB  CG   sing N N 268 
PRO CB  HB2  sing N N 269 
PRO CB  HB3  sing N N 270 
PRO CG  CD   sing N N 271 
PRO CG  HG2  sing N N 272 
PRO CG  HG3  sing N N 273 
PRO CD  HD2  sing N N 274 
PRO CD  HD3  sing N N 275 
PRO OXT HXT  sing N N 276 
SER N   CA   sing N N 277 
SER N   H    sing N N 278 
SER N   H2   sing N N 279 
SER CA  C    sing N N 280 
SER CA  CB   sing N N 281 
SER CA  HA   sing N N 282 
SER C   O    doub N N 283 
SER C   OXT  sing N N 284 
SER CB  OG   sing N N 285 
SER CB  HB2  sing N N 286 
SER CB  HB3  sing N N 287 
SER OG  HG   sing N N 288 
SER OXT HXT  sing N N 289 
THR N   CA   sing N N 290 
THR N   H    sing N N 291 
THR N   H2   sing N N 292 
THR CA  C    sing N N 293 
THR CA  CB   sing N N 294 
THR CA  HA   sing N N 295 
THR C   O    doub N N 296 
THR C   OXT  sing N N 297 
THR CB  OG1  sing N N 298 
THR CB  CG2  sing N N 299 
THR CB  HB   sing N N 300 
THR OG1 HG1  sing N N 301 
THR CG2 HG21 sing N N 302 
THR CG2 HG22 sing N N 303 
THR CG2 HG23 sing N N 304 
THR OXT HXT  sing N N 305 
TRP N   CA   sing N N 306 
TRP N   H    sing N N 307 
TRP N   H2   sing N N 308 
TRP CA  C    sing N N 309 
TRP CA  CB   sing N N 310 
TRP CA  HA   sing N N 311 
TRP C   O    doub N N 312 
TRP C   OXT  sing N N 313 
TRP CB  CG   sing N N 314 
TRP CB  HB2  sing N N 315 
TRP CB  HB3  sing N N 316 
TRP CG  CD1  doub Y N 317 
TRP CG  CD2  sing Y N 318 
TRP CD1 NE1  sing Y N 319 
TRP CD1 HD1  sing N N 320 
TRP CD2 CE2  doub Y N 321 
TRP CD2 CE3  sing Y N 322 
TRP NE1 CE2  sing Y N 323 
TRP NE1 HE1  sing N N 324 
TRP CE2 CZ2  sing Y N 325 
TRP CE3 CZ3  doub Y N 326 
TRP CE3 HE3  sing N N 327 
TRP CZ2 CH2  doub Y N 328 
TRP CZ2 HZ2  sing N N 329 
TRP CZ3 CH2  sing Y N 330 
TRP CZ3 HZ3  sing N N 331 
TRP CH2 HH2  sing N N 332 
TRP OXT HXT  sing N N 333 
TYR N   CA   sing N N 334 
TYR N   H    sing N N 335 
TYR N   H2   sing N N 336 
TYR CA  C    sing N N 337 
TYR CA  CB   sing N N 338 
TYR CA  HA   sing N N 339 
TYR C   O    doub N N 340 
TYR C   OXT  sing N N 341 
TYR CB  CG   sing N N 342 
TYR CB  HB2  sing N N 343 
TYR CB  HB3  sing N N 344 
TYR CG  CD1  doub Y N 345 
TYR CG  CD2  sing Y N 346 
TYR CD1 CE1  sing Y N 347 
TYR CD1 HD1  sing N N 348 
TYR CD2 CE2  doub Y N 349 
TYR CD2 HD2  sing N N 350 
TYR CE1 CZ   doub Y N 351 
TYR CE1 HE1  sing N N 352 
TYR CE2 CZ   sing Y N 353 
TYR CE2 HE2  sing N N 354 
TYR CZ  OH   sing N N 355 
TYR OH  HH   sing N N 356 
TYR OXT HXT  sing N N 357 
VAL N   CA   sing N N 358 
VAL N   H    sing N N 359 
VAL N   H2   sing N N 360 
VAL CA  C    sing N N 361 
VAL CA  CB   sing N N 362 
VAL CA  HA   sing N N 363 
VAL C   O    doub N N 364 
VAL C   OXT  sing N N 365 
VAL CB  CG1  sing N N 366 
VAL CB  CG2  sing N N 367 
VAL CB  HB   sing N N 368 
VAL CG1 HG11 sing N N 369 
VAL CG1 HG12 sing N N 370 
VAL CG1 HG13 sing N N 371 
VAL CG2 HG21 sing N N 372 
VAL CG2 HG22 sing N N 373 
VAL CG2 HG23 sing N N 374 
VAL OXT HXT  sing N N 375 
# 
loop_
_pdbx_audit_support.funding_organization 
_pdbx_audit_support.country 
_pdbx_audit_support.grant_number 
_pdbx_audit_support.ordinal 
'Danish Council for Independent Research'       Denmark DFF-1323-00344 1 
'Novo Nordisk Foundation'                       Denmark NNF18OC0053032 2 
'European Union (EU)'                           Germany 261863         3 
'Canadian Institutes of Health Research (CIHR)' Canada  PJT-148632     4 
# 
_pdbx_entity_instance_feature.ordinal        1 
_pdbx_entity_instance_feature.comp_id        CA 
_pdbx_entity_instance_feature.asym_id        ? 
_pdbx_entity_instance_feature.seq_num        ? 
_pdbx_entity_instance_feature.auth_comp_id   CA 
_pdbx_entity_instance_feature.auth_asym_id   ? 
_pdbx_entity_instance_feature.auth_seq_num   ? 
_pdbx_entity_instance_feature.feature_type   'SUBJECT OF INVESTIGATION' 
_pdbx_entity_instance_feature.details        ? 
# 
_pdbx_initial_refinement_model.id               1 
_pdbx_initial_refinement_model.entity_id_list   ? 
_pdbx_initial_refinement_model.type             'experimental model' 
_pdbx_initial_refinement_model.source_name      PDB 
_pdbx_initial_refinement_model.accession_code   2BCX 
_pdbx_initial_refinement_model.details          ? 
# 
_space_group.name_H-M_alt     'P 21 21 21' 
_space_group.name_Hall        'P 2ac 2ab' 
_space_group.IT_number        19 
_space_group.crystal_system   orthorhombic 
_space_group.id               1 
# 
_atom_sites.entry_id                    6Y4P 
_atom_sites.Cartn_transf_matrix[1][1]   ? 
_atom_sites.Cartn_transf_matrix[1][2]   ? 
_atom_sites.Cartn_transf_matrix[1][3]   ? 
_atom_sites.Cartn_transf_matrix[2][1]   ? 
_atom_sites.Cartn_transf_matrix[2][2]   ? 
_atom_sites.Cartn_transf_matrix[2][3]   ? 
_atom_sites.Cartn_transf_matrix[3][1]   ? 
_atom_sites.Cartn_transf_matrix[3][2]   ? 
_atom_sites.Cartn_transf_matrix[3][3]   ? 
_atom_sites.Cartn_transf_vector[1]      ? 
_atom_sites.Cartn_transf_vector[2]      ? 
_atom_sites.Cartn_transf_vector[3]      ? 
_atom_sites.fract_transf_matrix[1][1]   0.00430084 
_atom_sites.fract_transf_matrix[1][2]   -0.00745043 
_atom_sites.fract_transf_matrix[1][3]   0.02517367 
_atom_sites.fract_transf_matrix[2][1]   -0.00775796 
_atom_sites.fract_transf_matrix[2][2]   0.02098372 
_atom_sites.fract_transf_matrix[2][3]   0.00753579 
_atom_sites.fract_transf_matrix[3][1]   -0.01029806 
_atom_sites.fract_transf_matrix[3][2]   -0.00401268 
_atom_sites.fract_transf_matrix[3][3]   0.00057179 
_atom_sites.fract_transf_vector[1]      -0.640821 
_atom_sites.fract_transf_vector[2]      1.122695 
_atom_sites.fract_transf_vector[3]      0.198452 
_atom_sites.solution_primary            ? 
_atom_sites.solution_secondary          ? 
_atom_sites.solution_hydrogens          ? 
_atom_sites.special_details             ? 
# 
loop_
_atom_type.symbol 
_atom_type.scat_dispersion_real 
_atom_type.scat_dispersion_imag 
_atom_type.scat_Cromer_Mann_a1 
_atom_type.scat_Cromer_Mann_a2 
_atom_type.scat_Cromer_Mann_b1 
_atom_type.scat_Cromer_Mann_b2 
_atom_type.scat_Cromer_Mann_c 
_atom_type.scat_source 
_atom_type.scat_dispersion_source 
C  ? ? 3.54356  2.42580 25.62398 1.50364  0.0 
;2-Gaussian fit: Grosse-Kunstleve RW, Sauter NK, Adams PD: Newsletter of the IUCr Commission on Crystallographic Computing 2004, 3, 22-31.
;
? 
CA ? ? 16.26893 3.65395 3.58509  77.28589 0.0 
;2-Gaussian fit: Grosse-Kunstleve RW, Sauter NK, Adams PD: Newsletter of the IUCr Commission on Crystallographic Computing 2004, 3, 22-31.
;
? 
N  ? ? 4.01032  2.96436 19.97189 1.75589  0.0 
;2-Gaussian fit: Grosse-Kunstleve RW, Sauter NK, Adams PD: Newsletter of the IUCr Commission on Crystallographic Computing 2004, 3, 22-31.
;
? 
O  ? ? 4.49882  3.47563 15.80542 1.70748  0.0 
;2-Gaussian fit: Grosse-Kunstleve RW, Sauter NK, Adams PD: Newsletter of the IUCr Commission on Crystallographic Computing 2004, 3, 22-31.
;
? 
S  ? ? 9.55732  6.39887 1.23737  29.19336 0.0 
;2-Gaussian fit: Grosse-Kunstleve RW, Sauter NK, Adams PD: Newsletter of the IUCr Commission on Crystallographic Computing 2004, 3, 22-31.
;
? 
# 
loop_
_atom_site.group_PDB 
_atom_site.id 
_atom_site.type_symbol 
_atom_site.label_atom_id 
_atom_site.label_alt_id 
_atom_site.label_comp_id 
_atom_site.label_asym_id 
_atom_site.label_entity_id 
_atom_site.label_seq_id 
_atom_site.pdbx_PDB_ins_code 
_atom_site.Cartn_x 
_atom_site.Cartn_y 
_atom_site.Cartn_z 
_atom_site.occupancy 
_atom_site.B_iso_or_equiv 
_atom_site.pdbx_formal_charge 
_atom_site.auth_seq_id 
_atom_site.auth_comp_id 
_atom_site.auth_asym_id 
_atom_site.auth_atom_id 
_atom_site.pdbx_PDB_model_num 
ATOM   1    N  N   . LEU A 1 5   ? -19.46537 -2.41124  -7.57729  1.000 48.67271 ? 4    LEU A N   1 
ATOM   2    C  CA  . LEU A 1 5   ? -18.02585 -2.41321  -7.85236  1.000 46.89106 ? 4    LEU A CA  1 
ATOM   3    C  C   . LEU A 1 5   ? -17.70886 -3.11117  -9.16843  1.000 43.74872 ? 4    LEU A C   1 
ATOM   4    O  O   . LEU A 1 5   ? -18.34296 -4.10457  -9.51943  1.000 49.24000 ? 4    LEU A O   1 
ATOM   5    C  CB  . LEU A 1 5   ? -17.25967 -3.10835  -6.72409  1.000 41.48634 ? 4    LEU A CB  1 
ATOM   6    C  CG  . LEU A 1 5   ? -16.84060 -2.32702  -5.47612  1.000 46.13894 ? 4    LEU A CG  1 
ATOM   7    C  CD1 . LEU A 1 5   ? -16.30537 -3.28894  -4.42755  1.000 42.20413 ? 4    LEU A CD1 1 
ATOM   8    C  CD2 . LEU A 1 5   ? -15.79692 -1.27432  -5.79910  1.000 46.21748 ? 4    LEU A CD2 1 
ATOM   9    N  N   . THR A 1 6   ? -16.72201 -2.60545  -9.89712  1.000 41.17241 ? 5    THR A N   1 
ATOM   10   C  CA  . THR A 1 6   ? -16.27672 -3.33288  -11.07398 1.000 44.86529 ? 5    THR A CA  1 
ATOM   11   C  C   . THR A 1 6   ? -15.43025 -4.52694  -10.65107 1.000 40.99339 ? 5    THR A C   1 
ATOM   12   O  O   . THR A 1 6   ? -14.84504 -4.55265  -9.56578  1.000 40.89127 ? 5    THR A O   1 
ATOM   13   C  CB  . THR A 1 6   ? -15.46806 -2.43875  -12.01493 1.000 39.08593 ? 5    THR A CB  1 
ATOM   14   O  OG1 . THR A 1 6   ? -14.25996 -2.03174  -11.36813 1.000 36.65576 ? 5    THR A OG1 1 
ATOM   15   C  CG2 . THR A 1 6   ? -16.26653 -1.20121  -12.41850 1.000 47.92207 ? 5    THR A CG2 1 
ATOM   16   N  N   . GLU A 1 7   ? -15.37169 -5.53107  -11.52364 1.000 36.75185 ? 6    GLU A N   1 
ATOM   17   C  CA  . GLU A 1 7   ? -14.53389 -6.68371  -11.22443 1.000 39.09157 ? 6    GLU A CA  1 
ATOM   18   C  C   . GLU A 1 7   ? -13.06775 -6.28688  -11.09210 1.000 37.74701 ? 6    GLU A C   1 
ATOM   19   O  O   . GLU A 1 7   ? -12.34027 -6.88048  -10.28678 1.000 36.58878 ? 6    GLU A O   1 
ATOM   20   C  CB  . GLU A 1 7   ? -14.71825 -7.76303  -12.29451 1.000 33.94711 ? 6    GLU A CB  1 
ATOM   21   C  CG  . GLU A 1 7   ? -16.14354 -8.27357  -12.39678 1.000 32.44135 ? 6    GLU A CG  1 
ATOM   22   C  CD  . GLU A 1 7   ? -16.62696 -8.94848  -11.11672 1.000 39.01084 ? 6    GLU A CD  1 
ATOM   23   O  OE1 . GLU A 1 7   ? -16.06415 -10.00124 -10.75042 1.000 33.60290 ? 6    GLU A OE1 1 
ATOM   24   O  OE2 . GLU A 1 7   ? -17.56559 -8.42314  -10.47268 1.000 43.41404 ? 6    GLU A OE2 1 
ATOM   25   N  N   . GLU A 1 8   ? -12.61944 -5.27933  -11.85266 1.000 35.96789 ? 7    GLU A N   1 
ATOM   26   C  CA  . GLU A 1 8   ? -11.24058 -4.80863  -11.72427 1.000 33.66900 ? 7    GLU A CA  1 
ATOM   27   C  C   . GLU A 1 8   ? -10.97549 -4.23856  -10.33498 1.000 28.96049 ? 7    GLU A C   1 
ATOM   28   O  O   . GLU A 1 8   ? -9.91970  -4.49433  -9.73872  1.000 31.24841 ? 7    GLU A O   1 
ATOM   29   C  CB  . GLU A 1 8   ? -10.93781 -3.75630  -12.79131 1.000 34.24503 ? 7    GLU A CB  1 
ATOM   30   N  N   . GLN A 1 9   ? -11.91770 -3.45376  -9.80728  1.000 32.54351 ? 8    GLN A N   1 
ATOM   31   C  CA  . GLN A 1 9   ? -11.78127 -2.94445  -8.44700  1.000 32.04326 ? 8    GLN A CA  1 
ATOM   32   C  C   . GLN A 1 9   ? -11.86872 -4.06817  -7.41839  1.000 33.50162 ? 8    GLN A C   1 
ATOM   33   O  O   . GLN A 1 9   ? -11.17086 -4.03508  -6.39786  1.000 34.45362 ? 8    GLN A O   1 
ATOM   34   C  CB  . GLN A 1 9   ? -12.84130 -1.88047  -8.17804  1.000 34.22277 ? 8    GLN A CB  1 
ATOM   35   C  CG  . GLN A 1 9   ? -12.58054 -0.57436  -8.89579  1.000 41.87187 ? 8    GLN A CG  1 
ATOM   36   C  CD  . GLN A 1 9   ? -13.84797 0.06181   -9.41140  1.000 56.34836 ? 8    GLN A CD  1 
ATOM   37   O  OE1 . GLN A 1 9   ? -14.93896 -0.19353  -8.89369  1.000 56.40936 ? 8    GLN A OE1 1 
ATOM   38   N  NE2 . GLN A 1 9   ? -13.72141 0.87436   -10.45776 1.000 72.17145 ? 8    GLN A NE2 1 
ATOM   39   N  N   . ILE A 1 10  ? -12.72444 -5.06712  -7.66006  1.000 34.73362 ? 9    ILE A N   1 
ATOM   40   C  CA  . ILE A 1 10  ? -12.77572 -6.21543  -6.75810  1.000 33.03390 ? 9    ILE A CA  1 
ATOM   41   C  C   . ILE A 1 10  ? -11.46802 -6.99806  -6.81975  1.000 29.80309 ? 9    ILE A C   1 
ATOM   42   O  O   . ILE A 1 10  ? -10.98872 -7.50943  -5.79827  1.000 31.30169 ? 9    ILE A O   1 
ATOM   43   C  CB  . ILE A 1 10  ? -14.00126 -7.09355  -7.08677  1.000 41.03217 ? 9    ILE A CB  1 
ATOM   44   C  CG1 . ILE A 1 10  ? -15.28669 -6.30211  -6.82280  1.000 38.46106 ? 9    ILE A CG1 1 
ATOM   45   C  CG2 . ILE A 1 10  ? -13.98924 -8.41002  -6.27628  1.000 33.47412 ? 9    ILE A CG2 1 
ATOM   46   C  CD1 . ILE A 1 10  ? -16.55338 -7.08605  -7.01515  1.000 38.92359 ? 9    ILE A CD1 1 
ATOM   47   N  N   . ALA A 1 11  ? -10.84306 -7.06390  -7.99654  1.000 31.45029 ? 10   ALA A N   1 
ATOM   48   C  CA  . ALA A 1 11  ? -9.58272  -7.78952  -8.12315  1.000 30.34312 ? 10   ALA A CA  1 
ATOM   49   C  C   . ALA A 1 11  ? -8.44754  -7.05240  -7.42597  1.000 31.88298 ? 10   ALA A C   1 
ATOM   50   O  O   . ALA A 1 11  ? -7.56649  -7.68179  -6.82706  1.000 32.13635 ? 10   ALA A O   1 
ATOM   51   C  CB  . ALA A 1 11  ? -9.25263  -8.01386  -9.59439  1.000 24.49075 ? 10   ALA A CB  1 
ATOM   52   N  N   . GLU A 1 12  ? -8.44827  -5.71755  -7.49676  1.000 30.35989 ? 11   GLU A N   1 
ATOM   53   C  CA  . GLU A 1 12  ? -7.44686  -4.94439  -6.77205  1.000 28.22888 ? 11   GLU A CA  1 
ATOM   54   C  C   . GLU A 1 12  ? -7.60614  -5.13808  -5.27360  1.000 33.18989 ? 11   GLU A C   1 
ATOM   55   O  O   . GLU A 1 12  ? -6.62037  -5.32050  -4.54950  1.000 30.07637 ? 11   GLU A O   1 
ATOM   56   C  CB  . GLU A 1 12  ? -7.55669  -3.46059  -7.13654  1.000 25.43896 ? 11   GLU A CB  1 
ATOM   57   N  N   . PHE A 1 13  ? -8.84590  -5.11401  -4.79764  1.000 28.97049 ? 12   PHE A N   1 
ATOM   58   C  CA  . PHE A 1 13  ? -9.09232  -5.29381  -3.37544  1.000 28.94747 ? 12   PHE A CA  1 
ATOM   59   C  C   . PHE A 1 13  ? -8.69351  -6.68982  -2.91700  1.000 25.16090 ? 12   PHE A C   1 
ATOM   60   O  O   . PHE A 1 13  ? -8.07345  -6.84231  -1.85821  1.000 24.39430 ? 12   PHE A O   1 
ATOM   61   C  CB  . PHE A 1 13  ? -10.55727 -5.00182  -3.08574  1.000 27.08897 ? 12   PHE A CB  1 
ATOM   62   C  CG  . PHE A 1 13  ? -10.92340 -3.56905  -3.31508  1.000 29.31055 ? 12   PHE A CG  1 
ATOM   63   C  CD1 . PHE A 1 13  ? -12.22514 -3.19890  -3.58665  1.000 33.87886 ? 12   PHE A CD1 1 
ATOM   64   C  CD2 . PHE A 1 13  ? -9.95101  -2.58450  -3.24383  1.000 37.72507 ? 12   PHE A CD2 1 
ATOM   65   C  CE1 . PHE A 1 13  ? -12.55795 -1.87668  -3.78089  1.000 38.27318 ? 12   PHE A CE1 1 
ATOM   66   C  CE2 . PHE A 1 13  ? -10.27236 -1.25659  -3.44212  1.000 43.63412 ? 12   PHE A CE2 1 
ATOM   67   C  CZ  . PHE A 1 13  ? -11.58417 -0.90450  -3.71281  1.000 45.18607 ? 12   PHE A CZ  1 
ATOM   68   N  N   . LYS A 1 14  ? -9.01952  -7.71270  -3.71043  1.000 24.11651 ? 13   LYS A N   1 
ATOM   69   C  CA  . LYS A 1 14  ? -8.56590  -9.06335  -3.40760  1.000 27.39143 ? 13   LYS A CA  1 
ATOM   70   C  C   . LYS A 1 14  ? -7.05380  -9.08970  -3.21737  1.000 31.21370 ? 13   LYS A C   1 
ATOM   71   O  O   . LYS A 1 14  ? -6.54365  -9.66030  -2.24411  1.000 28.78332 ? 13   LYS A O   1 
ATOM   72   C  CB  . LYS A 1 14  ? -9.00029  -10.02647 -4.51606  1.000 26.37554 ? 13   LYS A CB  1 
ATOM   73   N  N   . GLU A 1 15  ? -6.31824  -8.44603  -4.12480  1.000 27.82814 ? 14   GLU A N   1 
ATOM   74   C  CA  . GLU A 1 15  ? -4.87515  -8.36310  -3.94577  1.000 29.77505 ? 14   GLU A CA  1 
ATOM   75   C  C   . GLU A 1 15  ? -4.51605  -7.60355  -2.67080  1.000 31.35478 ? 14   GLU A C   1 
ATOM   76   O  O   . GLU A 1 15  ? -3.60269  -8.00640  -1.93969  1.000 25.37313 ? 14   GLU A O   1 
ATOM   77   C  CB  . GLU A 1 15  ? -4.22577  -7.72240  -5.17214  1.000 36.99571 ? 14   GLU A CB  1 
ATOM   78   C  CG  . GLU A 1 15  ? -2.71493  -7.50186  -5.03853  1.000 49.41218 ? 14   GLU A CG  1 
ATOM   79   C  CD  . GLU A 1 15  ? -1.92904  -8.74677  -4.61081  1.000 57.03483 ? 14   GLU A CD  1 
ATOM   80   O  OE1 . GLU A 1 15  ? -0.83148  -8.57683  -4.03063  1.000 61.59036 ? 14   GLU A OE1 1 
ATOM   81   O  OE2 . GLU A 1 15  ? -2.38601  -9.88717  -4.86434  1.000 57.12996 ? 14   GLU A OE2 1 
ATOM   82   N  N   . ALA A 1 16  ? -5.23206  -6.51594  -2.36890  1.000 26.00586 ? 15   ALA A N   1 
ATOM   83   C  CA  . ALA A 1 16  ? -4.97403  -5.80821  -1.11594  1.000 28.02448 ? 15   ALA A CA  1 
ATOM   84   C  C   . ALA A 1 16  ? -5.22855  -6.71524  0.08923   1.000 22.29674 ? 15   ALA A C   1 
ATOM   85   O  O   . ALA A 1 16  ? -4.40878  -6.78637  1.01207   1.000 23.64730 ? 15   ALA A O   1 
ATOM   86   C  CB  . ALA A 1 16  ? -5.82248  -4.53753  -1.04163  1.000 21.83433 ? 15   ALA A CB  1 
ATOM   87   N  N   . PHE A 1 17  ? -6.36312  -7.41962  0.09197   1.000 21.16383 ? 16   PHE A N   1 
ATOM   88   C  CA  . PHE A 1 17  ? -6.65469  -8.39787  1.14117   1.000 26.04539 ? 16   PHE A CA  1 
ATOM   89   C  C   . PHE A 1 17  ? -5.51351  -9.39336  1.29676   1.000 23.47601 ? 16   PHE A C   1 
ATOM   90   O  O   . PHE A 1 17  ? -5.07149  -9.67578  2.41212   1.000 22.21752 ? 16   PHE A O   1 
ATOM   91   C  CB  . PHE A 1 17  ? -7.96088  -9.12212  0.81313   1.000 21.34238 ? 16   PHE A CB  1 
ATOM   92   C  CG  . PHE A 1 17  ? -8.49990  -10.00735 1.91958   1.000 20.08367 ? 16   PHE A CG  1 
ATOM   93   C  CD1 . PHE A 1 17  ? -9.40719  -9.51463  2.83957   1.000 22.79021 ? 16   PHE A CD1 1 
ATOM   94   C  CD2 . PHE A 1 17  ? -8.16161  -11.34959 1.98225   1.000 20.11631 ? 16   PHE A CD2 1 
ATOM   95   C  CE1 . PHE A 1 17  ? -9.93934  -10.33691 3.83895   1.000 23.98354 ? 16   PHE A CE1 1 
ATOM   96   C  CE2 . PHE A 1 17  ? -8.67988  -12.17718 2.97216   1.000 25.29923 ? 16   PHE A CE2 1 
ATOM   97   C  CZ  . PHE A 1 17  ? -9.57503  -11.66809 3.90398   1.000 25.78377 ? 16   PHE A CZ  1 
ATOM   98   N  N   . SER A 1 18  ? -4.99348  -9.90068  0.18358   1.000 24.98118 ? 17   SER A N   1 
ATOM   99   C  CA  . SER A 1 18  ? -3.97495  -10.93152 0.24910   1.000 19.39403 ? 17   SER A CA  1 
ATOM   100  C  C   . SER A 1 18  ? -2.66725  -10.43154 0.84716   1.000 25.67406 ? 17   SER A C   1 
ATOM   101  O  O   . SER A 1 18  ? -1.81922  -11.26046 1.20387   1.000 24.89908 ? 17   SER A O   1 
ATOM   102  C  CB  . SER A 1 18  ? -3.74813  -11.50475 -1.15074  1.000 24.57932 ? 17   SER A CB  1 
ATOM   103  O  OG  . SER A 1 18  ? -2.73445  -10.77782 -1.82618  1.000 40.95864 ? 17   SER A OG  1 
ATOM   104  N  N   . LEU A 1 19  ? -2.47720  -9.10606  0.97714   1.000 23.95482 ? 18   LEU A N   1 
ATOM   105  C  CA  . LEU A 1 19  ? -1.27204  -8.59820  1.63688   1.000 21.59110 ? 18   LEU A CA  1 
ATOM   106  C  C   . LEU A 1 19  ? -1.32526  -8.82021  3.14401   1.000 26.61065 ? 18   LEU A C   1 
ATOM   107  O  O   . LEU A 1 19  ? -0.28210  -8.76884  3.80666   1.000 23.23121 ? 18   LEU A O   1 
ATOM   108  C  CB  . LEU A 1 19  ? -1.06434  -7.09849  1.33747   1.000 21.38809 ? 18   LEU A CB  1 
ATOM   109  C  CG  . LEU A 1 19  ? -0.70901  -6.69756  -0.11366  1.000 26.90652 ? 18   LEU A CG  1 
ATOM   110  C  CD1 . LEU A 1 19  ? -0.65521  -5.20766  -0.29495  1.000 22.92695 ? 18   LEU A CD1 1 
ATOM   111  C  CD2 . LEU A 1 19  ? 0.60461   -7.31965  -0.59400  1.000 26.39354 ? 18   LEU A CD2 1 
ATOM   112  N  N   . PHE A 1 20  ? -2.51976  -9.08856  3.68796   1.000 21.40019 ? 19   PHE A N   1 
ATOM   113  C  CA  . PHE A 1 20  ? -2.72952  -9.26664  5.11541   1.000 19.74963 ? 19   PHE A CA  1 
ATOM   114  C  C   . PHE A 1 20  ? -3.02376  -10.69860 5.51324   1.000 22.30259 ? 19   PHE A C   1 
ATOM   115  O  O   . PHE A 1 20  ? -2.72030  -11.07643 6.64632   1.000 29.12879 ? 19   PHE A O   1 
ATOM   116  C  CB  . PHE A 1 20  ? -3.88452  -8.37128  5.59717   1.000 20.44876 ? 19   PHE A CB  1 
ATOM   117  C  CG  . PHE A 1 20  ? -3.55658  -6.91894  5.55197   1.000 22.81285 ? 19   PHE A CG  1 
ATOM   118  C  CD1 . PHE A 1 20  ? -3.22072  -6.23054  6.71308   1.000 25.18850 ? 19   PHE A CD1 1 
ATOM   119  C  CD2 . PHE A 1 20  ? -3.52527  -6.24617  4.33859   1.000 21.52385 ? 19   PHE A CD2 1 
ATOM   120  C  CE1 . PHE A 1 20  ? -2.88722  -4.89487  6.66741   1.000 22.11222 ? 19   PHE A CE1 1 
ATOM   121  C  CE2 . PHE A 1 20  ? -3.18305  -4.91525  4.28364   1.000 22.45447 ? 19   PHE A CE2 1 
ATOM   122  C  CZ  . PHE A 1 20  ? -2.85729  -4.23538  5.44676   1.000 18.74152 ? 19   PHE A CZ  1 
ATOM   123  N  N   . ASP A 1 21  ? -3.55952  -11.50571 4.59994   1.000 21.86035 ? 20   ASP A N   1 
ATOM   124  C  CA  . ASP A 1 21  ? -4.03494  -12.85889 4.88717   1.000 23.15435 ? 20   ASP A CA  1 
ATOM   125  C  C   . ASP A 1 21  ? -2.85285  -13.82640 4.83661   1.000 26.37599 ? 20   ASP A C   1 
ATOM   126  O  O   . ASP A 1 21  ? -2.62598  -14.52201 3.84582   1.000 26.19033 ? 20   ASP A O   1 
ATOM   127  C  CB  . ASP A 1 21  ? -5.12506  -13.23912 3.88857   1.000 23.27674 ? 20   ASP A CB  1 
ATOM   128  C  CG  . ASP A 1 21  ? -5.77249  -14.57812 4.19267   1.000 23.98423 ? 20   ASP A CG  1 
ATOM   129  O  OD1 . ASP A 1 21  ? -5.60303  -15.12156 5.30255   1.000 20.79478 ? 20   ASP A OD1 1 
ATOM   130  O  OD2 . ASP A 1 21  ? -6.44306  -15.09637 3.29133   1.000 28.41608 ? 20   ASP A OD2 1 
ATOM   131  N  N   . LYS A 1 22  ? -2.13080  -13.91172 5.96765   1.000 22.25047 ? 21   LYS A N   1 
ATOM   132  C  CA  . LYS A 1 22  ? -0.84272  -14.60995 6.03197   1.000 27.58788 ? 21   LYS A CA  1 
ATOM   133  C  C   . LYS A 1 22  ? -0.96182  -16.11796 5.82000   1.000 32.15638 ? 21   LYS A C   1 
ATOM   134  O  O   . LYS A 1 22  ? -0.02734  -16.74112 5.29455   1.000 29.18359 ? 21   LYS A O   1 
ATOM   135  C  CB  . LYS A 1 22  ? -0.16219  -14.33205 7.38248   1.000 28.01677 ? 21   LYS A CB  1 
ATOM   136  N  N   . ASP A 1 23  ? -2.06803  -16.72994 6.24516   1.000 28.99472 ? 22   ASP A N   1 
ATOM   137  C  CA  . ASP A 1 23  ? -2.29943  -18.15099 6.01407   1.000 21.34606 ? 22   ASP A CA  1 
ATOM   138  C  C   . ASP A 1 23  ? -3.20144  -18.41210 4.81846   1.000 29.06255 ? 22   ASP A C   1 
ATOM   139  O  O   . ASP A 1 23  ? -3.52654  -19.57047 4.54719   1.000 32.70197 ? 22   ASP A O   1 
ATOM   140  C  CB  . ASP A 1 23  ? -2.89614  -18.79490 7.26421   1.000 23.12655 ? 22   ASP A CB  1 
ATOM   141  C  CG  . ASP A 1 23  ? -4.03762  -17.98344 7.83681   1.000 28.23040 ? 22   ASP A CG  1 
ATOM   142  O  OD1 . ASP A 1 23  ? -4.58289  -17.14129 7.09924   1.000 26.80696 ? 22   ASP A OD1 1 
ATOM   143  O  OD2 . ASP A 1 23  ? -4.38892  -18.17489 9.01604   1.000 31.47929 ? 22   ASP A OD2 1 
ATOM   144  N  N   . GLY A 1 24  ? -3.63308  -17.36552 4.11836   1.000 24.84182 ? 23   GLY A N   1 
ATOM   145  C  CA  . GLY A 1 24  ? -4.43623  -17.52019 2.92917   1.000 27.27098 ? 23   GLY A CA  1 
ATOM   146  C  C   . GLY A 1 24  ? -5.80442  -18.11367 3.14569   1.000 30.32656 ? 23   GLY A C   1 
ATOM   147  O  O   . GLY A 1 24  ? -6.42455  -18.55278 2.17631   1.000 28.37432 ? 23   GLY A O   1 
ATOM   148  N  N   . ASP A 1 25  ? -6.30053  -18.13363 4.38238   1.000 25.78698 ? 24   ASP A N   1 
ATOM   149  C  CA  . ASP A 1 25  ? -7.56483  -18.78352 4.69629   1.000 27.43552 ? 24   ASP A CA  1 
ATOM   150  C  C   . ASP A 1 25  ? -8.76653  -17.88909 4.45046   1.000 27.69460 ? 24   ASP A C   1 
ATOM   151  O  O   . ASP A 1 25  ? -9.88126  -18.27277 4.80486   1.000 32.22027 ? 24   ASP A O   1 
ATOM   152  C  CB  . ASP A 1 25  ? -7.57410  -19.26691 6.15470   1.000 23.69005 ? 24   ASP A CB  1 
ATOM   153  C  CG  . ASP A 1 25  ? -7.80579  -18.13655 7.15362   1.000 25.27114 ? 24   ASP A CG  1 
ATOM   154  O  OD1 . ASP A 1 25  ? -7.53169  -16.95242 6.86711   1.000 29.11221 ? 24   ASP A OD1 1 
ATOM   155  O  OD2 . ASP A 1 25  ? -8.26393  -18.43082 8.25319   1.000 30.77226 ? 24   ASP A OD2 1 
ATOM   156  N  N   . GLY A 1 26  ? -8.57225  -16.71482 3.86870   1.000 24.28835 ? 25   GLY A N   1 
ATOM   157  C  CA  . GLY A 1 26  ? -9.68186  -15.86143 3.52657   1.000 23.57172 ? 25   GLY A CA  1 
ATOM   158  C  C   . GLY A 1 26  ? -10.24559 -15.04374 4.66384   1.000 27.96405 ? 25   GLY A C   1 
ATOM   159  O  O   . GLY A 1 26  ? -11.33409 -14.47839 4.51043   1.000 25.08637 ? 25   GLY A O   1 
ATOM   160  N  N   . THR A 1 27  ? -9.56106  -14.97679 5.80640   1.000 24.76543 ? 26   THR A N   1 
ATOM   161  C  CA  . THR A 1 27  ? -9.96512  -14.09902 6.89457   1.000 25.44772 ? 26   THR A CA  1 
ATOM   162  C  C   . THR A 1 27  ? -8.74109  -13.34050 7.37936   1.000 20.53611 ? 26   THR A C   1 
ATOM   163  O  O   . THR A 1 27  ? -7.62148  -13.84115 7.31435   1.000 22.48457 ? 26   THR A O   1 
ATOM   164  C  CB  . THR A 1 27  ? -10.61342 -14.86199 8.09008   1.000 27.48151 ? 26   THR A CB  1 
ATOM   165  O  OG1 . THR A 1 27  ? -9.69466  -15.83170 8.59801   1.000 31.25964 ? 26   THR A OG1 1 
ATOM   166  C  CG2 . THR A 1 27  ? -11.88237 -15.57463 7.67626   1.000 25.16862 ? 26   THR A CG2 1 
ATOM   167  N  N   . ILE A 1 28  ? -8.95537  -12.11521 7.83789   1.000 22.05460 ? 27   ILE A N   1 
ATOM   168  C  CA  . ILE A 1 28  ? -7.91113  -11.32543 8.48152   1.000 19.72707 ? 27   ILE A CA  1 
ATOM   169  C  C   . ILE A 1 28  ? -8.23971  -11.26991 9.96210   1.000 23.24275 ? 27   ILE A C   1 
ATOM   170  O  O   . ILE A 1 28  ? -9.31728  -10.80244 10.35084  1.000 23.14496 ? 27   ILE A O   1 
ATOM   171  C  CB  . ILE A 1 28  ? -7.80641  -9.90938  7.89259   1.000 22.15783 ? 27   ILE A CB  1 
ATOM   172  C  CG1 . ILE A 1 28  ? -7.50322  -9.98302  6.39519   1.000 23.17000 ? 27   ILE A CG1 1 
ATOM   173  C  CG2 . ILE A 1 28  ? -6.71243  -9.14083  8.60364   1.000 21.35755 ? 27   ILE A CG2 1 
ATOM   174  C  CD1 . ILE A 1 28  ? -7.45486  -8.60749  5.69585   1.000 24.60330 ? 27   ILE A CD1 1 
ATOM   175  N  N   . THR A 1 29  ? -7.32681  -11.76559 10.78136  1.000 24.87734 ? 28   THR A N   1 
ATOM   176  C  CA  . THR A 1 29  ? -7.47272  -11.72799 12.22043  1.000 23.93361 ? 28   THR A CA  1 
ATOM   177  C  C   . THR A 1 29  ? -6.75091  -10.51417 12.76814  1.000 24.17372 ? 28   THR A C   1 
ATOM   178  O  O   . THR A 1 29  ? -6.02315  -9.81718  12.05696  1.000 25.11955 ? 28   THR A O   1 
ATOM   179  C  CB  . THR A 1 29  ? -6.90460  -12.99715 12.85209  1.000 26.77004 ? 28   THR A CB  1 
ATOM   180  O  OG1 . THR A 1 29  ? -5.47661  -12.98408 12.72513  1.000 29.33819 ? 28   THR A OG1 1 
ATOM   181  C  CG2 . THR A 1 29  ? -7.46021  -14.23725 12.15111  1.000 27.77710 ? 28   THR A CG2 1 
ATOM   182  N  N   . THR A 1 30  ? -6.94565  -10.27668 14.06421  1.000 24.16062 ? 29   THR A N   1 
ATOM   183  C  CA  . THR A 1 30  ? -6.18436  -9.22965  14.73320  1.000 25.84889 ? 29   THR A CA  1 
ATOM   184  C  C   . THR A 1 30  ? -4.69030  -9.50083  14.63936  1.000 27.44570 ? 29   THR A C   1 
ATOM   185  O  O   . THR A 1 30  ? -3.89166  -8.57475  14.45992  1.000 27.18561 ? 29   THR A O   1 
ATOM   186  C  CB  . THR A 1 30  ? -6.59883  -9.13632  16.19951  1.000 35.15329 ? 29   THR A CB  1 
ATOM   187  O  OG1 . THR A 1 30  ? -6.30143  -10.38451 16.84512  1.000 36.03277 ? 29   THR A OG1 1 
ATOM   188  C  CG2 . THR A 1 30  ? -8.06871  -8.87413  16.30394  1.000 35.60367 ? 29   THR A CG2 1 
ATOM   189  N  N   . LYS A 1 31  ? -4.28739  -10.76624 14.77486  1.000 26.74980 ? 30   LYS A N   1 
ATOM   190  C  CA  . LYS A 1 31  ? -2.86089  -11.05997 14.75370  1.000 27.32219 ? 30   LYS A CA  1 
ATOM   191  C  C   . LYS A 1 31  ? -2.27051  -10.80266 13.37342  1.000 29.31968 ? 30   LYS A C   1 
ATOM   192  O  O   . LYS A 1 31  ? -1.13861  -10.31898 13.25891  1.000 30.79469 ? 30   LYS A O   1 
ATOM   193  C  CB  . LYS A 1 31  ? -2.61313  -12.49896 15.19266  1.000 36.96061 ? 30   LYS A CB  1 
ATOM   194  N  N   . GLU A 1 32  ? -3.02594  -11.11039 12.31252  1.000 28.39105 ? 31   GLU A N   1 
ATOM   195  C  CA  . GLU A 1 32  ? -2.54858  -10.83691 10.96209  1.000 31.01168 ? 31   GLU A CA  1 
ATOM   196  C  C   . GLU A 1 32  ? -2.48074  -9.34281  10.69527  1.000 26.42580 ? 31   GLU A C   1 
ATOM   197  O  O   . GLU A 1 32  ? -1.53797  -8.86945  10.06015  1.000 22.72770 ? 31   GLU A O   1 
ATOM   198  C  CB  . GLU A 1 32  ? -3.44503  -11.52232 9.93386   1.000 28.86095 ? 31   GLU A CB  1 
ATOM   199  C  CG  . GLU A 1 32  ? -3.23382  -13.01849 9.87659   1.000 27.52062 ? 31   GLU A CG  1 
ATOM   200  C  CD  . GLU A 1 32  ? -4.30500  -13.69831 9.10315   1.000 24.98350 ? 31   GLU A CD  1 
ATOM   201  O  OE1 . GLU A 1 32  ? -5.46797  -13.22762 9.13968   1.000 27.20396 ? 31   GLU A OE1 1 
ATOM   202  O  OE2 . GLU A 1 32  ? -3.98576  -14.71013 8.45469   1.000 29.37856 ? 31   GLU A OE2 1 
ATOM   203  N  N   . LEU A 1 33  ? -3.47003  -8.58851  11.17738  1.000 26.80274 ? 32   LEU A N   1 
ATOM   204  C  CA  . LEU A 1 33  ? -3.41236  -7.13207  11.08139  1.000 24.01249 ? 32   LEU A CA  1 
ATOM   205  C  C   . LEU A 1 33  ? -2.20796  -6.57804  11.83844  1.000 28.67416 ? 32   LEU A C   1 
ATOM   206  O  O   . LEU A 1 33  ? -1.45587  -5.75014  11.31170  1.000 25.77159 ? 32   LEU A O   1 
ATOM   207  C  CB  . LEU A 1 33  ? -4.71040  -6.52769  11.61635  1.000 23.24085 ? 32   LEU A CB  1 
ATOM   208  C  CG  . LEU A 1 33  ? -4.80603  -5.00291  11.61993  1.000 30.33643 ? 32   LEU A CG  1 
ATOM   209  C  CD1 . LEU A 1 33  ? -4.27724  -4.41612  10.30454  1.000 23.22119 ? 32   LEU A CD1 1 
ATOM   210  C  CD2 . LEU A 1 33  ? -6.24786  -4.60207  11.84285  1.000 26.54111 ? 32   LEU A CD2 1 
ATOM   211  N  N   . GLY A 1 34  ? -2.00960  -7.02173  13.08440  1.000 28.27496 ? 33   GLY A N   1 
ATOM   212  C  CA  . GLY A 1 34  ? -0.88680  -6.52077  13.86534  1.000 22.75661 ? 33   GLY A CA  1 
ATOM   213  C  C   . GLY A 1 34  ? 0.45620   -6.88497  13.26820  1.000 28.20752 ? 33   GLY A C   1 
ATOM   214  O  O   . GLY A 1 34  ? 1.40906   -6.10418  13.34694  1.000 34.99836 ? 33   GLY A O   1 
ATOM   215  N  N   . THR A 1 35  ? 0.55322   -8.07354  12.67366  1.000 27.34974 ? 34   THR A N   1 
ATOM   216  C  CA  . THR A 1 35  ? 1.78021   -8.48889  12.00761  1.000 28.25764 ? 34   THR A CA  1 
ATOM   217  C  C   . THR A 1 35  ? 2.16804   -7.49104  10.92719  1.000 28.11918 ? 34   THR A C   1 
ATOM   218  O  O   . THR A 1 35  ? 3.27405   -6.94254  10.93647  1.000 32.14508 ? 34   THR A O   1 
ATOM   219  C  CB  . THR A 1 35  ? 1.60067   -9.88002  11.39455  1.000 29.67283 ? 34   THR A CB  1 
ATOM   220  O  OG1 . THR A 1 35  ? 1.37877   -10.84726 12.42835  1.000 32.90767 ? 34   THR A OG1 1 
ATOM   221  C  CG2 . THR A 1 35  ? 2.84499   -10.26679 10.56690  1.000 38.89808 ? 34   THR A CG2 1 
ATOM   222  N  N   . VAL A 1 36  ? 1.25116   -7.23150  9.99249   1.000 23.74765 ? 35   VAL A N   1 
ATOM   223  C  CA  . VAL A 1 36  ? 1.51820   -6.25642  8.94296   1.000 23.45858 ? 35   VAL A CA  1 
ATOM   224  C  C   . VAL A 1 36  ? 1.85074   -4.89743  9.54061   1.000 27.39112 ? 35   VAL A C   1 
ATOM   225  O  O   . VAL A 1 36  ? 2.78602   -4.22148  9.09825   1.000 26.08801 ? 35   VAL A O   1 
ATOM   226  C  CB  . VAL A 1 36  ? 0.32707   -6.16484  7.97801   1.000 24.19231 ? 35   VAL A CB  1 
ATOM   227  C  CG1 . VAL A 1 36  ? 0.51872   -5.00120  7.04220   1.000 21.73452 ? 35   VAL A CG1 1 
ATOM   228  C  CG2 . VAL A 1 36  ? 0.17887   -7.47306  7.19458   1.000 30.81866 ? 35   VAL A CG2 1 
ATOM   229  N  N   . MET A 1 37  ? 1.09749   -4.46897  10.55005  1.000 25.92653 ? 36   MET A N   1 
ATOM   230  C  CA  . MET A 1 37  ? 1.37795   -3.16475  11.14051  1.000 34.46026 ? 36   MET A CA  1 
ATOM   231  C  C   . MET A 1 37  ? 2.78918   -3.11358  11.70874  1.000 31.77059 ? 36   MET A C   1 
ATOM   232  O  O   . MET A 1 37  ? 3.53067   -2.15205  11.47351  1.000 33.62621 ? 36   MET A O   1 
ATOM   233  C  CB  . MET A 1 37  ? 0.33969   -2.84187  12.20451  1.000 32.69412 ? 36   MET A CB  1 
ATOM   234  C  CG  . MET A 1 37  ? -1.02156  -2.65019  11.58722  1.000 29.47558 ? 36   MET A CG  1 
ATOM   235  S  SD  . MET A 1 37  ? -2.28165  -2.23985  12.77706  1.000 28.49982 ? 36   MET A SD  1 
ATOM   236  C  CE  . MET A 1 37  ? -1.97744  -0.49904  13.00625  1.000 31.67875 ? 36   MET A CE  1 
ATOM   237  N  N   . ARG A 1 38  ? 3.18684   -4.16372  12.43136  1.000 30.30736 ? 37   ARG A N   1 
ATOM   238  C  CA  . ARG A 1 38  ? 4.53591   -4.22693  12.98245  1.000 34.66420 ? 37   ARG A CA  1 
ATOM   239  C  C   . ARG A 1 38  ? 5.57817   -4.17051  11.86877  1.000 34.04756 ? 37   ARG A C   1 
ATOM   240  O  O   . ARG A 1 38  ? 6.59411   -3.47690  11.98789  1.000 33.15185 ? 37   ARG A O   1 
ATOM   241  C  CB  . ARG A 1 38  ? 4.67907   -5.50396  13.81398  1.000 34.14743 ? 37   ARG A CB  1 
ATOM   242  C  CG  . ARG A 1 38  ? 4.02858   -5.41400  15.21155  1.000 34.09515 ? 37   ARG A CG  1 
ATOM   243  C  CD  . ARG A 1 38  ? 3.97205   -6.77814  15.91851  1.000 34.70276 ? 37   ARG A CD  1 
ATOM   244  N  NE  . ARG A 1 38  ? 4.84594   -7.75401  15.26199  1.000 51.35835 ? 37   ARG A NE  1 
ATOM   245  C  CZ  . ARG A 1 38  ? 5.92155   -8.30966  15.82414  1.000 58.18945 ? 37   ARG A CZ  1 
ATOM   246  N  NH1 . ARG A 1 38  ? 6.26291   -7.97345  17.05368  1.000 54.72929 ? 37   ARG A NH1 1 
ATOM   247  N  NH2 . ARG A 1 38  ? 6.67162   -9.18803  15.15873  1.000 60.07278 ? 37   ARG A NH2 1 
ATOM   248  N  N   . SER A 1 39  ? 5.31676   -4.86539  10.75951  1.000 30.56611 ? 38   SER A N   1 
ATOM   249  C  CA  . SER A 1 39  ? 6.22673   -4.83316  9.62209   1.000 30.59793 ? 38   SER A CA  1 
ATOM   250  C  C   . SER A 1 39  ? 6.37718   -3.42396  9.06661   1.000 29.26556 ? 38   SER A C   1 
ATOM   251  O  O   . SER A 1 39  ? 7.42453   -3.09008  8.49875   1.000 28.98676 ? 38   SER A O   1 
ATOM   252  C  CB  . SER A 1 39  ? 5.73808   -5.79956  8.53550   1.000 31.92361 ? 38   SER A CB  1 
ATOM   253  O  OG  . SER A 1 39  ? 4.65910   -5.24735  7.78555   1.000 30.56641 ? 38   SER A OG  1 
ATOM   254  N  N   . LEU A 1 40  ? 5.35323   -2.58578  9.21808   1.000 32.84247 ? 39   LEU A N   1 
ATOM   255  C  CA  . LEU A 1 40  ? 5.44564   -1.17541  8.84808   1.000 28.96937 ? 39   LEU A CA  1 
ATOM   256  C  C   . LEU A 1 40  ? 6.08365   -0.32435  9.94038   1.000 33.77768 ? 39   LEU A C   1 
ATOM   257  O  O   . LEU A 1 40  ? 6.16928   0.89900   9.78445   1.000 32.15479 ? 39   LEU A O   1 
ATOM   258  C  CB  . LEU A 1 40  ? 4.05272   -0.62692  8.49974   1.000 26.10919 ? 39   LEU A CB  1 
ATOM   259  C  CG  . LEU A 1 40  ? 3.38083   -1.27215  7.27499   1.000 31.47805 ? 39   LEU A CG  1 
ATOM   260  C  CD1 . LEU A 1 40  ? 1.86195   -1.04838  7.24816   1.000 25.42647 ? 39   LEU A CD1 1 
ATOM   261  C  CD2 . LEU A 1 40  ? 4.00329   -0.76505  5.98708   1.000 30.61784 ? 39   LEU A CD2 1 
ATOM   262  N  N   . GLY A 1 41  ? 6.54697   -0.93536  11.02870  1.000 33.10745 ? 40   GLY A N   1 
ATOM   263  C  CA  . GLY A 1 41  ? 7.16442   -0.18573  12.09966  1.000 31.29834 ? 40   GLY A CA  1 
ATOM   264  C  C   . GLY A 1 41  ? 6.19791   0.45709   13.06435  1.000 40.41625 ? 40   GLY A C   1 
ATOM   265  O  O   . GLY A 1 41  ? 6.62054   1.28279   13.88447  1.000 39.08925 ? 40   GLY A O   1 
ATOM   266  N  N   . GLN A 1 42  ? 4.91221   0.13207   12.97345  1.000 32.24576 ? 41   GLN A N   1 
ATOM   267  C  CA  . GLN A 1 42  ? 3.96330   0.54339   13.98903  1.000 35.59253 ? 41   GLN A CA  1 
ATOM   268  C  C   . GLN A 1 42  ? 3.98009   -0.47002  15.12969  1.000 38.43996 ? 41   GLN A C   1 
ATOM   269  O  O   . GLN A 1 42  ? 4.50568   -1.57975  14.99760  1.000 44.37123 ? 41   GLN A O   1 
ATOM   270  C  CB  . GLN A 1 42  ? 2.56482   0.69114   13.38223  1.000 34.73592 ? 41   GLN A CB  1 
ATOM   271  C  CG  . GLN A 1 42  ? 2.53984   1.57821   12.13263  1.000 34.94116 ? 41   GLN A CG  1 
ATOM   272  C  CD  . GLN A 1 42  ? 1.50817   1.14637   11.10024  1.000 42.69139 ? 41   GLN A CD  1 
ATOM   273  O  OE1 . GLN A 1 42  ? 0.65969   0.28829   11.36922  1.000 46.17288 ? 41   GLN A OE1 1 
ATOM   274  N  NE2 . GLN A 1 42  ? 1.57479   1.74318   9.90702   1.000 34.63024 ? 41   GLN A NE2 1 
ATOM   275  N  N   . ASN A 1 43  ? 3.42987   -0.06990  16.27176  1.000 42.49229 ? 42   ASN A N   1 
ATOM   276  C  CA  . ASN A 1 43  ? 3.45225   -0.88701  17.48825  1.000 45.92579 ? 42   ASN A CA  1 
ATOM   277  C  C   . ASN A 1 43  ? 2.04441   -0.95499  18.04988  1.000 42.49783 ? 42   ASN A C   1 
ATOM   278  O  O   . ASN A 1 43  ? 1.77493   -0.46285  19.15319  1.000 43.78754 ? 42   ASN A O   1 
ATOM   279  C  CB  . ASN A 1 43  ? 4.41932   -0.32309  18.53050  1.000 43.06505 ? 42   ASN A CB  1 
ATOM   280  C  CG  . ASN A 1 43  ? 5.82543   -0.15740  17.99851  1.000 39.37631 ? 42   ASN A CG  1 
ATOM   281  O  OD1 . ASN A 1 43  ? 6.30511   0.96265   17.84669  1.000 47.82843 ? 42   ASN A OD1 1 
ATOM   282  N  ND2 . ASN A 1 43  ? 6.50554   -1.27439  17.72779  1.000 38.08795 ? 42   ASN A ND2 1 
ATOM   283  N  N   . PRO A 1 44  ? 1.11772   -1.56632  17.31718  1.000 47.77922 ? 43   PRO A N   1 
ATOM   284  C  CA  . PRO A 1 44  ? -0.28626  -1.52303  17.73021  1.000 38.87115 ? 43   PRO A CA  1 
ATOM   285  C  C   . PRO A 1 44  ? -0.49535  -2.27641  19.03337  1.000 41.41219 ? 43   PRO A C   1 
ATOM   286  O  O   . PRO A 1 44  ? 0.15877   -3.28693  19.29903  1.000 39.70062 ? 43   PRO A O   1 
ATOM   287  C  CB  . PRO A 1 44  ? -1.01480  -2.20340  16.56810  1.000 44.17279 ? 43   PRO A CB  1 
ATOM   288  C  CG  . PRO A 1 44  ? 0.01294   -3.13835  16.00212  1.000 37.10223 ? 43   PRO A CG  1 
ATOM   289  C  CD  . PRO A 1 44  ? 1.33557   -2.45962  16.16516  1.000 39.87907 ? 43   PRO A CD  1 
ATOM   290  N  N   . THR A 1 45  ? -1.40652  -1.76506  19.85086  1.000 38.72609 ? 44   THR A N   1 
ATOM   291  C  CA  . THR A 1 45  ? -1.81893  -2.46699  21.05405  1.000 50.16271 ? 44   THR A CA  1 
ATOM   292  C  C   . THR A 1 45  ? -2.98516  -3.40111  20.74336  1.000 47.38029 ? 44   THR A C   1 
ATOM   293  O  O   . THR A 1 45  ? -3.65925  -3.27473  19.71952  1.000 46.98008 ? 44   THR A O   1 
ATOM   294  C  CB  . THR A 1 45  ? -2.21778  -1.48249  22.15123  1.000 50.30211 ? 44   THR A CB  1 
ATOM   295  O  OG1 . THR A 1 45  ? -2.85329  -2.19762  23.21918  1.000 66.43954 ? 44   THR A OG1 1 
ATOM   296  C  CG2 . THR A 1 45  ? -3.17429  -0.43074  21.60029  1.000 47.99502 ? 44   THR A CG2 1 
ATOM   297  N  N   . GLU A 1 46  ? -3.20568  -4.36243  21.64092  1.000 47.64391 ? 45   GLU A N   1 
ATOM   298  C  CA  . GLU A 1 46  ? -4.35780  -5.24401  21.49841  1.000 50.93709 ? 45   GLU A CA  1 
ATOM   299  C  C   . GLU A 1 46  ? -5.63776  -4.43403  21.35570  1.000 48.70188 ? 45   GLU A C   1 
ATOM   300  O  O   . GLU A 1 46  ? -6.51114  -4.76805  20.54652  1.000 45.17970 ? 45   GLU A O   1 
ATOM   301  C  CB  . GLU A 1 46  ? -4.44767  -6.19086  22.69680  1.000 50.63711 ? 45   GLU A CB  1 
ATOM   302  C  CG  . GLU A 1 46  ? -3.82966  -7.56521  22.46341  1.000 50.12331 ? 45   GLU A CG  1 
ATOM   303  C  CD  . GLU A 1 46  ? -4.38713  -8.26692  21.23871  1.000 56.82600 ? 45   GLU A CD  1 
ATOM   304  O  OE1 . GLU A 1 46  ? -3.61092  -8.95438  20.54439  1.000 57.05576 ? 45   GLU A OE1 1 
ATOM   305  O  OE2 . GLU A 1 46  ? -5.60066  -8.13569  20.96645  1.000 64.94638 ? 45   GLU A OE2 1 
ATOM   306  N  N   . ALA A 1 47  ? -5.75107  -3.34733  22.12161  1.000 49.60431 ? 46   ALA A N   1 
ATOM   307  C  CA  . ALA A 1 47  ? -6.94361  -2.51351  22.05581  1.000 47.28478 ? 46   ALA A CA  1 
ATOM   308  C  C   . ALA A 1 47  ? -7.12833  -1.92675  20.66682  1.000 40.58932 ? 46   ALA A C   1 
ATOM   309  O  O   . ALA A 1 47  ? -8.23585  -1.94674  20.12454  1.000 41.54227 ? 46   ALA A O   1 
ATOM   310  C  CB  . ALA A 1 47  ? -6.86859  -1.40056  23.09806  1.000 48.24996 ? 46   ALA A CB  1 
ATOM   311  N  N   . GLU A 1 48  ? -6.05708  -1.39993  20.07186  1.000 41.50975 ? 47   GLU A N   1 
ATOM   312  C  CA  . GLU A 1 48  ? -6.19053  -0.78905  18.75434  1.000 41.98540 ? 47   GLU A CA  1 
ATOM   313  C  C   . GLU A 1 48  ? -6.50477  -1.83781  17.69750  1.000 30.99317 ? 47   GLU A C   1 
ATOM   314  O  O   . GLU A 1 48  ? -7.29996  -1.58835  16.78567  1.000 35.25172 ? 47   GLU A O   1 
ATOM   315  C  CB  . GLU A 1 48  ? -4.91944  -0.01326  18.39444  1.000 38.73901 ? 47   GLU A CB  1 
ATOM   316  N  N   . LEU A 1 49  ? -5.90392  -3.02212  17.80769  1.000 32.21479 ? 48   LEU A N   1 
ATOM   317  C  CA  . LEU A 1 49  ? -6.19777  -4.07482  16.84388  1.000 36.67445 ? 48   LEU A CA  1 
ATOM   318  C  C   . LEU A 1 49  ? -7.66515  -4.47641  16.92179  1.000 37.26573 ? 48   LEU A C   1 
ATOM   319  O  O   . LEU A 1 49  ? -8.35404  -4.56687  15.89574  1.000 24.15757 ? 48   LEU A O   1 
ATOM   320  C  CB  . LEU A 1 49  ? -5.28425  -5.27920  17.08147  1.000 32.66635 ? 48   LEU A CB  1 
ATOM   321  C  CG  . LEU A 1 49  ? -3.78184  -5.09430  16.80431  1.000 38.54264 ? 48   LEU A CG  1 
ATOM   322  C  CD1 . LEU A 1 49  ? -3.00324  -6.37373  17.15351  1.000 33.88080 ? 48   LEU A CD1 1 
ATOM   323  C  CD2 . LEU A 1 49  ? -3.51785  -4.67997  15.34653  1.000 30.80429 ? 48   LEU A CD2 1 
ATOM   324  N  N   . GLN A 1 50  ? -8.16768  -4.68830  18.14468  1.000 32.74586 ? 49   GLN A N   1 
ATOM   325  C  CA  . GLN A 1 50  ? -9.55742  -5.08770  18.32035  1.000 31.89187 ? 49   GLN A CA  1 
ATOM   326  C  C   . GLN A 1 50  ? -10.50662 -3.99446  17.85896  1.000 25.72156 ? 49   GLN A C   1 
ATOM   327  O  O   . GLN A 1 50  ? -11.54547 -4.28493  17.26177  1.000 32.89926 ? 49   GLN A O   1 
ATOM   328  C  CB  . GLN A 1 50  ? -9.82263  -5.45192  19.78511  1.000 36.33131 ? 49   GLN A CB  1 
ATOM   329  N  N   . ASP A 1 51  ? -10.16962 -2.73245  18.13301  1.000 30.92520 ? 50   ASP A N   1 
ATOM   330  C  CA  . ASP A 1 51  ? -11.00895 -1.61849  17.70137  1.000 30.07276 ? 50   ASP A CA  1 
ATOM   331  C  C   . ASP A 1 51  ? -11.09518 -1.54126  16.18089  1.000 34.34744 ? 50   ASP A C   1 
ATOM   332  O  O   . ASP A 1 51  ? -12.15571 -1.23189  15.62594  1.000 30.03149 ? 50   ASP A O   1 
ATOM   333  C  CB  . ASP A 1 51  ? -10.47107 -0.30078  18.27167  1.000 26.77092 ? 50   ASP A CB  1 
ATOM   334  C  CG  . ASP A 1 51  ? -10.48676 -0.27153  19.80771  1.000 50.04839 ? 50   ASP A CG  1 
ATOM   335  O  OD1 . ASP A 1 51  ? -11.07474 -1.19101  20.43334  1.000 44.29116 ? 50   ASP A OD1 1 
ATOM   336  O  OD2 . ASP A 1 51  ? -9.89925  0.66639   20.39465  1.000 61.06982 ? 50   ASP A OD2 1 
ATOM   337  N  N   . MET A 1 52  ? -9.98757  -1.81250  15.48915  1.000 31.67946 ? 51   MET A N   1 
ATOM   338  C  CA  . MET A 1 52  ? -9.99574  -1.74242  14.03366  1.000 31.17424 ? 51   MET A CA  1 
ATOM   339  C  C   . MET A 1 52  ? -10.78039 -2.89927  13.42426  1.000 28.46517 ? 51   MET A C   1 
ATOM   340  O  O   . MET A 1 52  ? -11.52924 -2.70741  12.46143  1.000 32.78457 ? 51   MET A O   1 
ATOM   341  C  CB  . MET A 1 52  ? -8.55922  -1.71393  13.52438  1.000 31.07980 ? 51   MET A CB  1 
ATOM   342  C  CG  . MET A 1 52  ? -7.88278  -0.42198  13.87788  1.000 38.10085 ? 51   MET A CG  1 
ATOM   343  S  SD  . MET A 1 52  ? -6.27234  -0.26285  13.12862  1.000 52.21109 ? 51   MET A SD  1 
ATOM   344  C  CE  . MET A 1 52  ? -5.50515  -1.73739  13.73304  1.000 28.72416 ? 51   MET A CE  1 
ATOM   345  N  N   . ILE A 1 53  ? -10.62697 -4.10677  13.97201  1.000 26.77955 ? 52   ILE A N   1 
ATOM   346  C  CA  . ILE A 1 53  ? -11.43949 -5.24087  13.53135  1.000 27.04107 ? 52   ILE A CA  1 
ATOM   347  C  C   . ILE A 1 53  ? -12.91897 -4.99550  13.81265  1.000 32.94161 ? 52   ILE A C   1 
ATOM   348  O  O   . ILE A 1 53  ? -13.78708 -5.29132  12.97699  1.000 29.50584 ? 52   ILE A O   1 
ATOM   349  C  CB  . ILE A 1 53  ? -10.96263 -6.52961  14.22176  1.000 26.32603 ? 52   ILE A CB  1 
ATOM   350  C  CG1 . ILE A 1 53  ? -9.47483  -6.75299  13.95850  1.000 37.49759 ? 52   ILE A CG1 1 
ATOM   351  C  CG2 . ILE A 1 53  ? -11.82402 -7.72738  13.80117  1.000 29.50659 ? 52   ILE A CG2 1 
ATOM   352  C  CD1 . ILE A 1 53  ? -9.08760  -6.74163  12.51895  1.000 32.13452 ? 52   ILE A CD1 1 
ATOM   353  N  N   . ILE A 1 54  ? -13.22828 -4.48141  15.00564  1.000 28.85252 ? 53   ILE A N   1 
ATOM   354  C  CA  . ILE A 1 54  ? -14.61770 -4.34473  15.44672  1.000 29.15615 ? 53   ILE A CA  1 
ATOM   355  C  C   . ILE A 1 54  ? -15.42876 -3.51458  14.45811  1.000 22.73425 ? 53   ILE A C   1 
ATOM   356  O  O   . ILE A 1 54  ? -16.58668 -3.83204  14.16285  1.000 27.67533 ? 53   ILE A O   1 
ATOM   357  C  CB  . ILE A 1 54  ? -14.65639 -3.74596  16.86883  1.000 35.27516 ? 53   ILE A CB  1 
ATOM   358  C  CG1 . ILE A 1 54  ? -14.62058 -4.85631  17.92508  1.000 40.58767 ? 53   ILE A CG1 1 
ATOM   359  C  CG2 . ILE A 1 54  ? -15.85146 -2.83724  17.06528  1.000 32.91904 ? 53   ILE A CG2 1 
ATOM   360  C  CD1 . ILE A 1 54  ? -14.47106 -4.33767  19.35450  1.000 47.05480 ? 53   ILE A CD1 1 
ATOM   361  N  N   . GLU A 1 55  ? -14.84282 -2.44448  13.93082  1.000 22.87502 ? 54   GLU A N   1 
ATOM   362  C  CA  . GLU A 1 55  ? -15.59438 -1.58789  13.01862  1.000 27.89005 ? 54   GLU A CA  1 
ATOM   363  C  C   . GLU A 1 55  ? -15.89089 -2.27912  11.69626  1.000 32.46051 ? 54   GLU A C   1 
ATOM   364  O  O   . GLU A 1 55  ? -16.89441 -1.96738  11.04915  1.000 33.42652 ? 54   GLU A O   1 
ATOM   365  C  CB  . GLU A 1 55  ? -14.83284 -0.29744  12.74762  1.000 32.18469 ? 54   GLU A CB  1 
ATOM   366  C  CG  . GLU A 1 55  ? -14.21696 0.29822   13.96825  1.000 34.10888 ? 54   GLU A CG  1 
ATOM   367  C  CD  . GLU A 1 55  ? -15.15493 1.25251   14.64336  1.000 47.45413 ? 54   GLU A CD  1 
ATOM   368  O  OE1 . GLU A 1 55  ? -16.29440 0.81638   14.94575  1.000 49.08117 ? 54   GLU A OE1 1 
ATOM   369  O  OE2 . GLU A 1 55  ? -14.76232 2.42928   14.85155  1.000 42.31262 ? 54   GLU A OE2 1 
ATOM   370  N  N   . VAL A 1 56  ? -15.03430 -3.20699  11.27586  1.000 27.80566 ? 55   VAL A N   1 
ATOM   371  C  CA  . VAL A 1 56  ? -15.16532 -3.84274  9.96948   1.000 26.28300 ? 55   VAL A CA  1 
ATOM   372  C  C   . VAL A 1 56  ? -15.84477 -5.20090  10.06038  1.000 24.53854 ? 55   VAL A C   1 
ATOM   373  O  O   . VAL A 1 56  ? -16.39725 -5.67035  9.05446   1.000 27.63437 ? 55   VAL A O   1 
ATOM   374  C  CB  . VAL A 1 56  ? -13.77744 -3.97579  9.29951   1.000 25.24945 ? 55   VAL A CB  1 
ATOM   375  C  CG1 . VAL A 1 56  ? -13.90576 -4.37594  7.83366   1.000 26.97712 ? 55   VAL A CG1 1 
ATOM   376  C  CG2 . VAL A 1 56  ? -13.02280 -2.67337  9.43169   1.000 24.56280 ? 55   VAL A CG2 1 
ATOM   377  N  N   . ASP A 1 57  ? -15.85726 -5.82348  11.23910  1.000 24.20442 ? 56   ASP A N   1 
ATOM   378  C  CA  . ASP A 1 57  ? -16.36536 -7.17715  11.44387  1.000 25.74116 ? 56   ASP A CA  1 
ATOM   379  C  C   . ASP A 1 57  ? -17.89149 -7.14163  11.50381  1.000 30.93180 ? 56   ASP A C   1 
ATOM   380  O  O   . ASP A 1 57  ? -18.49051 -7.09352  12.58112  1.000 30.37052 ? 56   ASP A O   1 
ATOM   381  C  CB  . ASP A 1 57  ? -15.78615 -7.76863  12.72446  1.000 30.81564 ? 56   ASP A CB  1 
ATOM   382  C  CG  . ASP A 1 57  ? -16.14281 -9.21604  12.88849  1.000 30.22674 ? 56   ASP A CG  1 
ATOM   383  O  OD1 . ASP A 1 57  ? -16.61933 -9.79717  11.89319  1.000 26.05155 ? 56   ASP A OD1 1 
ATOM   384  O  OD2 . ASP A 1 57  ? -15.97037 -9.76817  13.99427  1.000 27.92137 ? 56   ASP A OD2 1 
ATOM   385  N  N   . ALA A 1 58  ? -18.52750 -7.21443  10.32910  1.000 24.19717 ? 57   ALA A N   1 
ATOM   386  C  CA  . ALA A 1 58  ? -19.96517 -6.98855  10.24427  1.000 31.11149 ? 57   ALA A CA  1 
ATOM   387  C  C   . ALA A 1 58  ? -20.75125 -8.07715  10.96397  1.000 33.19049 ? 57   ALA A C   1 
ATOM   388  O  O   . ALA A 1 58  ? -21.73498 -7.78198  11.64736  1.000 39.15924 ? 57   ALA A O   1 
ATOM   389  C  CB  . ALA A 1 58  ? -20.39911 -6.88845  8.78159   1.000 25.79343 ? 57   ALA A CB  1 
ATOM   390  N  N   . ASP A 1 59  ? -20.34273 -9.33332  10.83699  1.000 29.15179 ? 58   ASP A N   1 
ATOM   391  C  CA  . ASP A 1 59  ? -21.08134 -10.40318 11.49703  1.000 33.25794 ? 58   ASP A CA  1 
ATOM   392  C  C   . ASP A 1 59  ? -20.56543 -10.70614 12.89616  1.000 31.66355 ? 58   ASP A C   1 
ATOM   393  O  O   . ASP A 1 59  ? -21.05154 -11.64403 13.52783  1.000 32.42473 ? 58   ASP A O   1 
ATOM   394  C  CB  . ASP A 1 59  ? -21.06568 -11.68387 10.64823  1.000 26.16969 ? 58   ASP A CB  1 
ATOM   395  C  CG  . ASP A 1 59  ? -19.66807 -12.25549 10.44460  1.000 30.46926 ? 58   ASP A CG  1 
ATOM   396  O  OD1 . ASP A 1 59  ? -18.75135 -11.99304 11.25305  1.000 26.16455 ? 58   ASP A OD1 1 
ATOM   397  O  OD2 . ASP A 1 59  ? -19.49627 -13.00039 9.47060   1.000 28.22955 ? 58   ASP A OD2 1 
ATOM   398  N  N   . GLY A 1 60  ? -19.57122 -9.96761  13.37995  1.000 33.43750 ? 59   GLY A N   1 
ATOM   399  C  CA  . GLY A 1 60  ? -19.14110 -10.12301 14.75292  1.000 28.37094 ? 59   GLY A CA  1 
ATOM   400  C  C   . GLY A 1 60  ? -18.47343 -11.43268 15.10057  1.000 35.37447 ? 59   GLY A C   1 
ATOM   401  O  O   . GLY A 1 60  ? -18.36292 -11.75878 16.28323  1.000 33.21881 ? 59   GLY A O   1 
ATOM   402  N  N   . ASN A 1 61  ? -17.99812 -12.19264 14.11693  1.000 33.83366 ? 60   ASN A N   1 
ATOM   403  C  CA  . ASN A 1 61  ? -17.35940 -13.45833 14.44972  1.000 26.86307 ? 60   ASN A CA  1 
ATOM   404  C  C   . ASN A 1 61  ? -15.91181 -13.30272 14.89324  1.000 26.16225 ? 60   ASN A C   1 
ATOM   405  O  O   . ASN A 1 61  ? -15.26786 -14.31017 15.19253  1.000 35.68676 ? 60   ASN A O   1 
ATOM   406  C  CB  . ASN A 1 61  ? -17.44874 -14.42594 13.26640  1.000 31.28472 ? 60   ASN A CB  1 
ATOM   407  C  CG  . ASN A 1 61  ? -16.41927 -14.14186 12.19363  1.000 31.41457 ? 60   ASN A CG  1 
ATOM   408  O  OD1 . ASN A 1 61  ? -16.00283 -13.00352 11.99638  1.000 24.53260 ? 60   ASN A OD1 1 
ATOM   409  N  ND2 . ASN A 1 61  ? -16.00878 -15.18708 11.48717  1.000 29.22825 ? 60   ASN A ND2 1 
ATOM   410  N  N   . GLY A 1 62  ? -15.38293 -12.07973 14.95068  1.000 29.06540 ? 61   GLY A N   1 
ATOM   411  C  CA  . GLY A 1 62  ? -14.04356 -11.83521 15.44241  1.000 21.80557 ? 61   GLY A CA  1 
ATOM   412  C  C   . GLY A 1 62  ? -12.97999 -11.67306 14.37208  1.000 29.48408 ? 61   GLY A C   1 
ATOM   413  O  O   . GLY A 1 62  ? -11.85375 -11.27723 14.69610  1.000 26.45552 ? 61   GLY A O   1 
ATOM   414  N  N   . THR A 1 63  ? -13.28843 -11.96663 13.11506  1.000 24.91110 ? 62   THR A N   1 
ATOM   415  C  CA  . THR A 1 63  ? -12.31416 -11.84844 12.03913  1.000 26.04088 ? 62   THR A CA  1 
ATOM   416  C  C   . THR A 1 63  ? -12.97134 -11.17637 10.84350  1.000 25.95831 ? 62   THR A C   1 
ATOM   417  O  O   . THR A 1 63  ? -14.19563 -11.05051 10.76383  1.000 23.31141 ? 62   THR A O   1 
ATOM   418  C  CB  . THR A 1 63  ? -11.76587 -13.21240 11.61987  1.000 26.84468 ? 62   THR A CB  1 
ATOM   419  O  OG1 . THR A 1 63  ? -12.83380 -13.97898 11.04621  1.000 25.95661 ? 62   THR A OG1 1 
ATOM   420  C  CG2 . THR A 1 63  ? -11.20181 -13.95424 12.81661  1.000 22.37372 ? 62   THR A CG2 1 
ATOM   421  N  N   . ILE A 1 64  ? -12.14264 -10.74594 9.90126   1.000 18.41807 ? 63   ILE A N   1 
ATOM   422  C  CA  . ILE A 1 64  ? -12.60601 -10.03357 8.72046   1.000 21.26149 ? 63   ILE A CA  1 
ATOM   423  C  C   . ILE A 1 64  ? -12.52020 -10.95683 7.51425   1.000 23.89816 ? 63   ILE A C   1 
ATOM   424  O  O   . ILE A 1 64  ? -11.42463 -11.37561 7.12338   1.000 27.19814 ? 63   ILE A O   1 
ATOM   425  C  CB  . ILE A 1 64  ? -11.78736 -8.76054  8.48713   1.000 21.52596 ? 63   ILE A CB  1 
ATOM   426  C  CG1 . ILE A 1 64  ? -11.85799 -7.90545  9.73609   1.000 20.55690 ? 63   ILE A CG1 1 
ATOM   427  C  CG2 . ILE A 1 64  ? -12.31688 -8.01973  7.28995   1.000 18.93866 ? 63   ILE A CG2 1 
ATOM   428  C  CD1 . ILE A 1 64  ? -11.05865 -6.75096  9.63034   1.000 28.16933 ? 63   ILE A CD1 1 
ATOM   429  N  N   . ASP A 1 65  ? -13.66256 -11.24995 6.90321   1.000 20.87686 ? 64   ASP A N   1 
ATOM   430  C  CA  . ASP A 1 65  ? -13.64624 -11.97797 5.64652   1.000 24.69712 ? 64   ASP A CA  1 
ATOM   431  C  C   . ASP A 1 65  ? -13.53925 -10.98096 4.49589   1.000 22.55677 ? 64   ASP A C   1 
ATOM   432  O  O   . ASP A 1 65  ? -13.54524 -9.76022  4.68764   1.000 22.22722 ? 64   ASP A O   1 
ATOM   433  C  CB  . ASP A 1 65  ? -14.88435 -12.87470 5.50522   1.000 20.44791 ? 64   ASP A CB  1 
ATOM   434  C  CG  . ASP A 1 65  ? -16.18666 -12.09619 5.60662   1.000 28.63906 ? 64   ASP A CG  1 
ATOM   435  O  OD1 . ASP A 1 65  ? -16.26396 -10.97700 5.04841   1.000 26.61076 ? 64   ASP A OD1 1 
ATOM   436  O  OD2 . ASP A 1 65  ? -17.13487 -12.60363 6.24054   1.000 28.18572 ? 64   ASP A OD2 1 
ATOM   437  N  N   . PHE A 1 66  ? -13.45643 -11.50091 3.29008   1.000 18.92858 ? 65   PHE A N   1 
ATOM   438  C  CA  . PHE A 1 66  ? -13.29332 -10.62615 2.14562   1.000 22.91746 ? 65   PHE A CA  1 
ATOM   439  C  C   . PHE A 1 66  ? -14.52129 -9.75844  1.89834   1.000 21.23869 ? 65   PHE A C   1 
ATOM   440  O  O   . PHE A 1 66  ? -14.35232 -8.59097  1.53806   1.000 20.12134 ? 65   PHE A O   1 
ATOM   441  C  CB  . PHE A 1 66  ? -12.96153 -11.40837 0.87745   1.000 21.07059 ? 65   PHE A CB  1 
ATOM   442  C  CG  . PHE A 1 66  ? -12.66521 -10.52261 -0.28918  1.000 24.38628 ? 65   PHE A CG  1 
ATOM   443  C  CD1 . PHE A 1 66  ? -11.60392 -9.63421  -0.23614  1.000 23.17829 ? 65   PHE A CD1 1 
ATOM   444  C  CD2 . PHE A 1 66  ? -13.46197 -10.54383 -1.42135  1.000 24.72155 ? 65   PHE A CD2 1 
ATOM   445  C  CE1 . PHE A 1 66  ? -11.33382 -8.78625  -1.29591  1.000 22.85867 ? 65   PHE A CE1 1 
ATOM   446  C  CE2 . PHE A 1 66  ? -13.18453 -9.70528  -2.49399  1.000 29.86419 ? 65   PHE A CE2 1 
ATOM   447  C  CZ  . PHE A 1 66  ? -12.11976 -8.82478  -2.42441  1.000 26.46179 ? 65   PHE A CZ  1 
ATOM   448  N  N   . PRO A 1 67  ? -15.75877 -10.26060 2.03356   1.000 23.83130 ? 66   PRO A N   1 
ATOM   449  C  CA  . PRO A 1 67  ? -16.89796 -9.34546  1.84324   1.000 23.52993 ? 66   PRO A CA  1 
ATOM   450  C  C   . PRO A 1 67  ? -16.90667 -8.19879  2.83367   1.000 24.88189 ? 66   PRO A C   1 
ATOM   451  O  O   . PRO A 1 67  ? -17.25098 -7.06483  2.46809   1.000 21.99066 ? 66   PRO A O   1 
ATOM   452  C  CB  . PRO A 1 67  ? -18.11695 -10.26299 2.00355   1.000 25.71562 ? 66   PRO A CB  1 
ATOM   453  C  CG  . PRO A 1 67  ? -17.62347 -11.59475 1.52986   1.000 24.03489 ? 66   PRO A CG  1 
ATOM   454  C  CD  . PRO A 1 67  ? -16.20026 -11.67525 2.02200   1.000 23.72220 ? 66   PRO A CD  1 
ATOM   455  N  N   . GLU A 1 68  ? -16.53393 -8.46628  4.08610   1.000 24.67885 ? 67   GLU A N   1 
ATOM   456  C  CA  . GLU A 1 68  ? -16.43630 -7.39444  5.06765   1.000 25.54645 ? 67   GLU A CA  1 
ATOM   457  C  C   . GLU A 1 68  ? -15.33733 -6.41271  4.68782   1.000 25.49245 ? 67   GLU A C   1 
ATOM   458  O  O   . GLU A 1 68  ? -15.52247 -5.19199  4.78357   1.000 21.64837 ? 67   GLU A O   1 
ATOM   459  C  CB  . GLU A 1 68  ? -16.17967 -7.97891  6.45479   1.000 21.71676 ? 67   GLU A CB  1 
ATOM   460  C  CG  . GLU A 1 68  ? -17.37777 -8.71478  7.04193   1.000 21.62833 ? 67   GLU A CG  1 
ATOM   461  C  CD  . GLU A 1 68  ? -17.00292 -9.54781  8.25250   1.000 30.55297 ? 67   GLU A CD  1 
ATOM   462  O  OE1 . GLU A 1 68  ? -15.79370 -9.85916  8.42183   1.000 24.66515 ? 67   GLU A OE1 1 
ATOM   463  O  OE2 . GLU A 1 68  ? -17.91998 -9.89236  9.03472   1.000 29.80650 ? 67   GLU A OE2 1 
ATOM   464  N  N   . PHE A 1 69  ? -14.19312 -6.94154  4.24918   1.000 18.54657 ? 68   PHE A N   1 
ATOM   465  C  CA  . PHE A 1 69  ? -13.08631 -6.11433  3.78936   1.000 26.49540 ? 68   PHE A CA  1 
ATOM   466  C  C   . PHE A 1 69  ? -13.49676 -5.30633  2.56743   1.000 27.30196 ? 68   PHE A C   1 
ATOM   467  O  O   . PHE A 1 69  ? -13.22163 -4.10368  2.47372   1.000 24.10465 ? 68   PHE A O   1 
ATOM   468  C  CB  . PHE A 1 69  ? -11.88816 -7.01919  3.47904   1.000 22.23409 ? 68   PHE A CB  1 
ATOM   469  C  CG  . PHE A 1 69  ? -10.65071 -6.28499  3.02139   1.000 26.02851 ? 68   PHE A CG  1 
ATOM   470  C  CD1 . PHE A 1 69  ? -9.73415  -5.78623  3.94517   1.000 20.39164 ? 68   PHE A CD1 1 
ATOM   471  C  CD2 . PHE A 1 69  ? -10.38121 -6.13811  1.67179   1.000 18.64054 ? 68   PHE A CD2 1 
ATOM   472  C  CE1 . PHE A 1 69  ? -8.60195  -5.12314  3.52286   1.000 25.19378 ? 68   PHE A CE1 1 
ATOM   473  C  CE2 . PHE A 1 69  ? -9.24602  -5.47892  1.24372   1.000 25.33099 ? 68   PHE A CE2 1 
ATOM   474  C  CZ  . PHE A 1 69  ? -8.35435  -4.96917  2.16681   1.000 20.86531 ? 68   PHE A CZ  1 
ATOM   475  N  N   . LEU A 1 70  ? -14.17829 -5.95892  1.62597   1.000 23.14571 ? 69   LEU A N   1 
ATOM   476  C  CA  . LEU A 1 70  ? -14.64372 -5.28050  0.42538   1.000 21.82495 ? 69   LEU A CA  1 
ATOM   477  C  C   . LEU A 1 70  ? -15.63399 -4.16840  0.76308   1.000 29.84516 ? 69   LEU A C   1 
ATOM   478  O  O   . LEU A 1 70  ? -15.59773 -3.09537  0.15130   1.000 31.50384 ? 69   LEU A O   1 
ATOM   479  C  CB  . LEU A 1 70  ? -15.26235 -6.30359  -0.52057  1.000 23.41929 ? 69   LEU A CB  1 
ATOM   480  C  CG  . LEU A 1 70  ? -15.41232 -5.85750  -1.97277  1.000 35.04345 ? 69   LEU A CG  1 
ATOM   481  C  CD1 . LEU A 1 70  ? -14.07686 -5.79790  -2.65663  1.000 37.98873 ? 69   LEU A CD1 1 
ATOM   482  C  CD2 . LEU A 1 70  ? -16.30287 -6.82117  -2.68610  1.000 34.35992 ? 69   LEU A CD2 1 
ATOM   483  N  N   . THR A 1 71  ? -16.51405 -4.39053  1.75055   1.000 26.96886 ? 70   THR A N   1 
ATOM   484  C  CA  . THR A 1 71  ? -17.43318 -3.32713  2.15363   1.000 26.09503 ? 70   THR A CA  1 
ATOM   485  C  C   . THR A 1 71  ? -16.67607 -2.12243  2.71512   1.000 30.54740 ? 70   THR A C   1 
ATOM   486  O  O   . THR A 1 71  ? -17.06442 -0.97106  2.48327   1.000 36.64393 ? 70   THR A O   1 
ATOM   487  C  CB  . THR A 1 71  ? -18.44064 -3.85062  3.17816   1.000 31.04994 ? 70   THR A CB  1 
ATOM   488  O  OG1 . THR A 1 71  ? -19.17233 -4.94761  2.62474   1.000 28.13240 ? 70   THR A OG1 1 
ATOM   489  C  CG2 . THR A 1 71  ? -19.42377 -2.74800  3.58240   1.000 30.69191 ? 70   THR A CG2 1 
ATOM   490  N  N   . MET A 1 72  ? -15.59178 -2.36535  3.46043   1.000 25.43472 ? 71   MET A N   1 
ATOM   491  C  CA  . MET A 1 72  ? -14.77019 -1.25752  3.93960   1.000 23.46031 ? 71   MET A CA  1 
ATOM   492  C  C   . MET A 1 72  ? -14.07151 -0.53935  2.79103   1.000 31.54153 ? 71   MET A C   1 
ATOM   493  O  O   . MET A 1 72  ? -14.00129 0.69392   2.77585   1.000 32.27765 ? 71   MET A O   1 
ATOM   494  C  CB  . MET A 1 72  ? -13.73420 -1.75252  4.94216   1.000 25.75516 ? 71   MET A CB  1 
ATOM   495  C  CG  . MET A 1 72  ? -12.67456 -0.70750  5.26998   1.000 28.79390 ? 71   MET A CG  1 
ATOM   496  S  SD  . MET A 1 72  ? -11.34264 -1.37609  6.29065   1.000 30.84909 ? 71   MET A SD  1 
ATOM   497  C  CE  . MET A 1 72  ? -10.47100 -2.38163  5.08070   1.000 29.21551 ? 71   MET A CE  1 
ATOM   498  N  N   . MET A 1 73  ? -13.51225 -1.28846  1.84161   1.000 27.75117 ? 72   MET A N   1 
ATOM   499  C  CA  . MET A 1 73  ? -12.82793 -0.63914  0.73151   1.000 29.63317 ? 72   MET A CA  1 
ATOM   500  C  C   . MET A 1 73  ? -13.80249 0.12803   -0.14507  1.000 31.39346 ? 72   MET A C   1 
ATOM   501  O  O   . MET A 1 73  ? -13.45941 1.19268   -0.66693  1.000 37.57823 ? 72   MET A O   1 
ATOM   502  C  CB  . MET A 1 73  ? -12.07310 -1.67057  -0.10339  1.000 32.40500 ? 72   MET A CB  1 
ATOM   503  C  CG  . MET A 1 73  ? -11.06892 -2.48599  0.68265   1.000 35.61878 ? 72   MET A CG  1 
ATOM   504  S  SD  . MET A 1 73  ? -9.42323  -1.76471  0.66562   1.000 52.16242 ? 72   MET A SD  1 
ATOM   505  C  CE  . MET A 1 73  ? -9.53495  -0.62741  1.99383   1.000 23.64856 ? 72   MET A CE  1 
ATOM   506  N  N   . ALA A 1 74  ? -15.01377 -0.40119  -0.31445  1.000 34.70231 ? 73   ALA A N   1 
ATOM   507  C  CA  . ALA A 1 74  ? -16.02714 0.27253   -1.11478  1.000 40.32716 ? 73   ALA A CA  1 
ATOM   508  C  C   . ALA A 1 74  ? -16.45090 1.58419   -0.46978  1.000 42.74035 ? 73   ALA A C   1 
ATOM   509  O  O   . ALA A 1 74  ? -16.59649 2.60189   -1.16074  1.000 41.20345 ? 73   ALA A O   1 
ATOM   510  C  CB  . ALA A 1 74  ? -17.23128 -0.64898  -1.31097  1.000 38.55348 ? 73   ALA A CB  1 
ATOM   511  N  N   . ARG A 1 75  ? -16.65274 1.57920   0.85322   1.000 33.03578 ? 74   ARG A N   1 
ATOM   512  C  CA  . ARG A 1 75  ? -16.96007 2.82257   1.55502   1.000 40.44539 ? 74   ARG A CA  1 
ATOM   513  C  C   . ARG A 1 75  ? -15.86087 3.85801   1.33724   1.000 42.99395 ? 74   ARG A C   1 
ATOM   514  O  O   . ARG A 1 75  ? -16.14616 5.04217   1.12650   1.000 44.78795 ? 74   ARG A O   1 
ATOM   515  C  CB  . ARG A 1 75  ? -17.16991 2.55046   3.04442   1.000 37.88005 ? 74   ARG A CB  1 
ATOM   516  N  N   . LYS A 1 76  ? -14.59770 3.42605   1.36077   1.000 40.96636 ? 75   LYS A N   1 
ATOM   517  C  CA  . LYS A 1 76  ? -13.49980 4.33467   1.04627   1.000 48.30466 ? 75   LYS A CA  1 
ATOM   518  C  C   . LYS A 1 76  ? -13.69984 4.98890   -0.32066  1.000 49.39929 ? 75   LYS A C   1 
ATOM   519  O  O   . LYS A 1 76  ? -13.58600 6.21126   -0.45492  1.000 47.48157 ? 75   LYS A O   1 
ATOM   520  C  CB  . LYS A 1 76  ? -12.16086 3.58918   1.10148   1.000 45.32517 ? 75   LYS A CB  1 
ATOM   521  C  CG  . LYS A 1 76  ? -10.99626 4.40064   0.54275   1.000 51.31399 ? 75   LYS A CG  1 
ATOM   522  C  CD  . LYS A 1 76  ? -9.68333  3.62286   0.52150   1.000 52.44028 ? 75   LYS A CD  1 
ATOM   523  C  CE  . LYS A 1 76  ? -8.48403  4.57960   0.52807   1.000 49.39542 ? 75   LYS A CE  1 
ATOM   524  N  NZ  . LYS A 1 76  ? -7.17115  3.96220   0.89815   1.000 42.61125 ? 75   LYS A NZ  1 
ATOM   525  N  N   . MET A 1 77  ? -14.02209 4.18510   -1.34345  1.000 49.08701 ? 76   MET A N   1 
ATOM   526  C  CA  . MET A 1 77  ? -14.19301 4.71297   -2.69909  1.000 57.60221 ? 76   MET A CA  1 
ATOM   527  C  C   . MET A 1 77  ? -15.23194 5.83380   -2.74942  1.000 61.64437 ? 76   MET A C   1 
ATOM   528  O  O   . MET A 1 77  ? -15.04489 6.83086   -3.45735  1.000 67.67319 ? 76   MET A O   1 
ATOM   529  C  CB  . MET A 1 77  ? -14.59389 3.59120   -3.66488  1.000 50.87980 ? 76   MET A CB  1 
ATOM   530  C  CG  . MET A 1 77  ? -13.50193 2.58550   -4.03040  1.000 45.04418 ? 76   MET A CG  1 
ATOM   531  S  SD  . MET A 1 77  ? -11.92614 3.27737   -4.60318  1.000 71.45878 ? 76   MET A SD  1 
ATOM   532  C  CE  . MET A 1 77  ? -12.35991 4.01167   -6.18440  1.000 65.81410 ? 76   MET A CE  1 
ATOM   533  N  N   . LYS A 1 78  ? -16.33722 5.68471   -2.02534  1.000 58.49416 ? 77   LYS A N   1 
ATOM   534  C  CA  . LYS A 1 78  ? -17.38879 6.70017   -2.03464  1.000 59.86525 ? 77   LYS A CA  1 
ATOM   535  C  C   . LYS A 1 78  ? -16.85212 8.04914   -1.56137  1.000 59.18017 ? 77   LYS A C   1 
ATOM   536  O  O   . LYS A 1 78  ? -15.86753 8.11189   -0.81904  1.000 64.20767 ? 77   LYS A O   1 
ATOM   537  C  CB  . LYS A 1 78  ? -18.56699 6.26602   -1.15824  1.000 48.33921 ? 77   LYS A CB  1 
ATOM   538  N  N   . GLU A 1 83  ? -10.05130 6.92205   -6.43753  1.000 60.96080 ? 82   GLU A N   1 
ATOM   539  C  CA  . GLU A 1 83  ? -8.93748  6.65293   -7.34434  1.000 54.43932 ? 82   GLU A CA  1 
ATOM   540  C  C   . GLU A 1 83  ? -8.49943  5.18852   -7.26579  1.000 44.75898 ? 82   GLU A C   1 
ATOM   541  O  O   . GLU A 1 83  ? -8.68154  4.54582   -6.23934  1.000 52.81185 ? 82   GLU A O   1 
ATOM   542  C  CB  . GLU A 1 83  ? -7.75977  7.57597   -7.02363  1.000 44.53103 ? 82   GLU A CB  1 
ATOM   543  N  N   . GLU A 1 84  ? -7.93738  4.66149   -8.35427  1.000 48.08508 ? 83   GLU A N   1 
ATOM   544  C  CA  . GLU A 1 84  ? -7.37221  3.31796   -8.33224  1.000 44.07549 ? 83   GLU A CA  1 
ATOM   545  C  C   . GLU A 1 84  ? -6.15924  3.27080   -7.40618  1.000 47.50449 ? 83   GLU A C   1 
ATOM   546  O  O   . GLU A 1 84  ? -5.49355  4.28171   -7.16782  1.000 45.27008 ? 83   GLU A O   1 
ATOM   547  C  CB  . GLU A 1 84  ? -6.97483  2.87602   -9.74071  1.000 44.71272 ? 83   GLU A CB  1 
ATOM   548  N  N   . GLU A 1 85  ? -5.87422  2.07727   -6.87496  1.000 45.87637 ? 84   GLU A N   1 
ATOM   549  C  CA  . GLU A 1 85  ? -4.84540  1.96717   -5.84218  1.000 44.93274 ? 84   GLU A CA  1 
ATOM   550  C  C   . GLU A 1 85  ? -3.46884  2.32231   -6.38457  1.000 39.98066 ? 84   GLU A C   1 
ATOM   551  O  O   . GLU A 1 85  ? -2.62094  2.82181   -5.63969  1.000 35.57334 ? 84   GLU A O   1 
ATOM   552  C  CB  . GLU A 1 85  ? -4.83551  0.55829   -5.23921  1.000 44.01309 ? 84   GLU A CB  1 
ATOM   553  N  N   . ILE A 1 86  ? -3.23119  2.08539   -7.67712  1.000 39.65027 ? 85   ILE A N   1 
ATOM   554  C  CA  . ILE A 1 86  ? -1.95876  2.47131   -8.27257  1.000 39.93213 ? 85   ILE A CA  1 
ATOM   555  C  C   . ILE A 1 86  ? -1.89272  3.98401   -8.44247  1.000 40.68300 ? 85   ILE A C   1 
ATOM   556  O  O   . ILE A 1 86  ? -0.81480  4.58281   -8.37872  1.000 38.36783 ? 85   ILE A O   1 
ATOM   557  C  CB  . ILE A 1 86  ? -1.75694  1.73094   -9.60201  1.000 42.78714 ? 85   ILE A CB  1 
ATOM   558  C  CG1 . ILE A 1 86  ? -0.34230  1.96245   -10.12081 1.000 40.31887 ? 85   ILE A CG1 1 
ATOM   559  C  CG2 . ILE A 1 86  ? -2.79947  2.17045   -10.61238 1.000 44.28116 ? 85   ILE A CG2 1 
ATOM   560  C  CD1 . ILE A 1 86  ? 0.71462   1.30877   -9.28105  1.000 40.06860 ? 85   ILE A CD1 1 
ATOM   561  N  N   . ARG A 1 87  ? -3.04170  4.62514   -8.62334  1.000 41.87791 ? 86   ARG A N   1 
ATOM   562  C  CA  . ARG A 1 87  ? -3.09105  6.07546   -8.66608  1.000 35.86322 ? 86   ARG A CA  1 
ATOM   563  C  C   . ARG A 1 87  ? -2.78140  6.66823   -7.30326  1.000 32.79609 ? 86   ARG A C   1 
ATOM   564  O  O   . ARG A 1 87  ? -1.92694  7.55435   -7.17890  1.000 31.47336 ? 86   ARG A O   1 
ATOM   565  C  CB  . ARG A 1 87  ? -4.46993  6.52292   -9.13797  1.000 41.87618 ? 86   ARG A CB  1 
ATOM   566  C  CG  . ARG A 1 87  ? -4.53323  7.97048   -9.49589  1.000 41.04543 ? 86   ARG A CG  1 
ATOM   567  C  CD  . ARG A 1 87  ? -4.24332  8.11560   -10.95826 1.000 49.90549 ? 86   ARG A CD  1 
ATOM   568  N  NE  . ARG A 1 87  ? -3.31442  9.20255   -11.20676 1.000 55.64564 ? 86   ARG A NE  1 
ATOM   569  C  CZ  . ARG A 1 87  ? -3.09872  9.73203   -12.40360 1.000 53.50997 ? 86   ARG A CZ  1 
ATOM   570  N  NH1 . ARG A 1 87  ? -3.75066  9.26653   -13.46194 1.000 56.18716 ? 86   ARG A NH1 1 
ATOM   571  N  NH2 . ARG A 1 87  ? -2.23582  10.72757  -12.53577 1.000 49.03584 ? 86   ARG A NH2 1 
ATOM   572  N  N   . GLU A 1 88  ? -3.49088  6.20942   -6.26770  1.000 35.58770 ? 87   GLU A N   1 
ATOM   573  C  CA  . GLU A 1 88  ? -3.19231  6.65664   -4.90867  1.000 37.02270 ? 87   GLU A CA  1 
ATOM   574  C  C   . GLU A 1 88  ? -1.72490  6.40133   -4.55288  1.000 26.70382 ? 87   GLU A C   1 
ATOM   575  O  O   . GLU A 1 88  ? -1.08269  7.23057   -3.89907  1.000 25.31402 ? 87   GLU A O   1 
ATOM   576  C  CB  . GLU A 1 88  ? -4.12846  5.96161   -3.90473  1.000 27.80186 ? 87   GLU A CB  1 
ATOM   577  N  N   . ALA A 1 89  ? -1.17421  5.26050   -4.97864  1.000 24.83626 ? 88   ALA A N   1 
ATOM   578  C  CA  . ALA A 1 89  ? 0.23327   4.98052   -4.69688  1.000 28.70912 ? 88   ALA A CA  1 
ATOM   579  C  C   . ALA A 1 89  ? 1.14068   6.01762   -5.34908  1.000 24.69371 ? 88   ALA A C   1 
ATOM   580  O  O   . ALA A 1 89  ? 2.03080   6.57181   -4.69518  1.000 24.36821 ? 88   ALA A O   1 
ATOM   581  C  CB  . ALA A 1 89  ? 0.60940   3.57302   -5.15836  1.000 27.80473 ? 88   ALA A CB  1 
ATOM   582  N  N   . PHE A 1 90  ? 0.92161   6.30798   -6.63649  1.000 27.59111 ? 89   PHE A N   1 
ATOM   583  C  CA  . PHE A 1 90  ? 1.71023   7.35129   -7.28812  1.000 23.50892 ? 89   PHE A CA  1 
ATOM   584  C  C   . PHE A 1 90  ? 1.62471   8.66893   -6.52750  1.000 26.08124 ? 89   PHE A C   1 
ATOM   585  O  O   . PHE A 1 90  ? 2.64855   9.33474   -6.31184  1.000 22.41858 ? 89   PHE A O   1 
ATOM   586  C  CB  . PHE A 1 90  ? 1.25588   7.55976   -8.73012  1.000 20.59223 ? 89   PHE A CB  1 
ATOM   587  C  CG  . PHE A 1 90  ? 2.06518   8.60786   -9.46648  1.000 22.64441 ? 89   PHE A CG  1 
ATOM   588  C  CD1 . PHE A 1 90  ? 3.32992   8.31341   -9.95255  1.000 24.79031 ? 89   PHE A CD1 1 
ATOM   589  C  CD2 . PHE A 1 90  ? 1.56587   9.89070   -9.66013  1.000 26.75531 ? 89   PHE A CD2 1 
ATOM   590  C  CE1 . PHE A 1 90  ? 4.08526   9.27862   -10.64375 1.000 21.16866 ? 89   PHE A CE1 1 
ATOM   591  C  CE2 . PHE A 1 90  ? 2.31425   10.86179  -10.33872 1.000 23.02530 ? 89   PHE A CE2 1 
ATOM   592  C  CZ  . PHE A 1 90  ? 3.57659   10.54954  -10.82425 1.000 20.22238 ? 89   PHE A CZ  1 
ATOM   593  N  N   . ARG A 1 91  ? 0.41176   9.05434   -6.09424  1.000 23.23746 ? 90   ARG A N   1 
ATOM   594  C  CA  . ARG A 1 91  ? 0.25725   10.30850  -5.36041  1.000 21.78616 ? 90   ARG A CA  1 
ATOM   595  C  C   . ARG A 1 91  ? 1.06739   10.31143  -4.07593  1.000 24.67272 ? 90   ARG A C   1 
ATOM   596  O  O   . ARG A 1 91  ? 1.52186   11.37346  -3.63503  1.000 29.61158 ? 90   ARG A O   1 
ATOM   597  C  CB  . ARG A 1 91  ? -1.21625  10.56992  -5.04656  1.000 29.73633 ? 90   ARG A CB  1 
ATOM   598  N  N   . VAL A 1 92  ? 1.26221   9.14505   -3.45663  1.000 24.22321 ? 91   VAL A N   1 
ATOM   599  C  CA  . VAL A 1 92  ? 2.07824   9.10143   -2.24695  1.000 28.52708 ? 91   VAL A CA  1 
ATOM   600  C  C   . VAL A 1 92  ? 3.53342   9.41169   -2.57696  1.000 22.95902 ? 91   VAL A C   1 
ATOM   601  O  O   . VAL A 1 92  ? 4.21826   10.12125  -1.82591  1.000 27.21144 ? 91   VAL A O   1 
ATOM   602  C  CB  . VAL A 1 92  ? 1.93950   7.74249   -1.53731  1.000 24.64216 ? 91   VAL A CB  1 
ATOM   603  C  CG1 . VAL A 1 92  ? 3.05205   7.57393   -0.48552  1.000 26.24082 ? 91   VAL A CG1 1 
ATOM   604  C  CG2 . VAL A 1 92  ? 0.55818   7.60093   -0.91845  1.000 24.92783 ? 91   VAL A CG2 1 
ATOM   605  N  N   . PHE A 1 93  ? 4.03572   8.88990   -3.69755  1.000 20.54796 ? 92   PHE A N   1 
ATOM   606  C  CA  . PHE A 1 93  ? 5.38866   9.25531   -4.11031  1.000 20.18772 ? 92   PHE A CA  1 
ATOM   607  C  C   . PHE A 1 93  ? 5.43907   10.71168  -4.55522  1.000 21.74727 ? 92   PHE A C   1 
ATOM   608  O  O   . PHE A 1 93  ? 6.32507   11.46810  -4.14525  1.000 21.50547 ? 92   PHE A O   1 
ATOM   609  C  CB  . PHE A 1 93  ? 5.86972   8.34310   -5.23828  1.000 23.80622 ? 92   PHE A CB  1 
ATOM   610  C  CG  . PHE A 1 93  ? 6.14232   6.91144   -4.82295  1.000 23.13874 ? 92   PHE A CG  1 
ATOM   611  C  CD1 . PHE A 1 93  ? 7.44481   6.44391   -4.71282  1.000 24.76197 ? 92   PHE A CD1 1 
ATOM   612  C  CD2 . PHE A 1 93  ? 5.10155   6.02161   -4.60545  1.000 26.13597 ? 92   PHE A CD2 1 
ATOM   613  C  CE1 . PHE A 1 93  ? 7.70673   5.11987   -4.36295  1.000 22.76581 ? 92   PHE A CE1 1 
ATOM   614  C  CE2 . PHE A 1 93  ? 5.35326   4.69546   -4.25797  1.000 25.05976 ? 92   PHE A CE2 1 
ATOM   615  C  CZ  . PHE A 1 93  ? 6.65492   4.24818   -4.13563  1.000 27.01531 ? 92   PHE A CZ  1 
ATOM   616  N  N   . ASP A 1 94  ? 4.48962   11.12726  -5.39957  1.000 20.32285 ? 93   ASP A N   1 
ATOM   617  C  CA  . ASP A 1 94  ? 4.52100   12.46954  -5.98997  1.000 22.77349 ? 93   ASP A CA  1 
ATOM   618  C  C   . ASP A 1 94  ? 3.92280   13.45929  -4.99059  1.000 22.59383 ? 93   ASP A C   1 
ATOM   619  O  O   . ASP A 1 94  ? 2.80040   13.94549  -5.13348  1.000 23.70235 ? 93   ASP A O   1 
ATOM   620  C  CB  . ASP A 1 94  ? 3.77441   12.48813  -7.32012  1.000 21.14227 ? 93   ASP A CB  1 
ATOM   621  C  CG  . ASP A 1 94  ? 3.67214   13.88512  -7.90737  1.000 21.14281 ? 93   ASP A CG  1 
ATOM   622  O  OD1 . ASP A 1 94  ? 4.54959   14.71102  -7.62220  1.000 18.80076 ? 93   ASP A OD1 1 
ATOM   623  O  OD2 . ASP A 1 94  ? 2.71592   14.15579  -8.64866  1.000 20.13929 ? 93   ASP A OD2 1 
ATOM   624  N  N   . LYS A 1 95  ? 4.70265   13.77749  -3.95274  1.000 27.05554 ? 94   LYS A N   1 
ATOM   625  C  CA  . LYS A 1 95  ? 4.14099   14.55148  -2.84713  1.000 28.07067 ? 94   LYS A CA  1 
ATOM   626  C  C   . LYS A 1 95  ? 3.78060   15.97476  -3.26435  1.000 28.24518 ? 94   LYS A C   1 
ATOM   627  O  O   . LYS A 1 95  ? 2.76602   16.51278  -2.80739  1.000 29.38329 ? 94   LYS A O   1 
ATOM   628  C  CB  . LYS A 1 95  ? 5.10531   14.55889  -1.66299  1.000 30.20144 ? 94   LYS A CB  1 
ATOM   629  C  CG  . LYS A 1 95  ? 5.35968   13.15364  -1.11332  1.000 38.07324 ? 94   LYS A CG  1 
ATOM   630  C  CD  . LYS A 1 95  ? 4.59367   12.84902  0.16076   1.000 39.64356 ? 94   LYS A CD  1 
ATOM   631  C  CE  . LYS A 1 95  ? 5.32426   11.79105  1.00443   1.000 39.06205 ? 94   LYS A CE  1 
ATOM   632  N  NZ  . LYS A 1 95  ? 4.64683   10.45418  0.94159   1.000 25.80458 ? 94   LYS A NZ  1 
ATOM   633  N  N   . ASP A 1 96  ? 4.57599   16.60900  -4.13068  1.000 22.21988 ? 95   ASP A N   1 
ATOM   634  C  CA  . ASP A 1 96  ? 4.18353   17.95686  -4.53085  1.000 22.32957 ? 95   ASP A CA  1 
ATOM   635  C  C   . ASP A 1 96  ? 3.16287   17.96643  -5.67322  1.000 22.75389 ? 95   ASP A C   1 
ATOM   636  O  O   . ASP A 1 96  ? 2.71361   19.04124  -6.07076  1.000 24.38369 ? 95   ASP A O   1 
ATOM   637  C  CB  . ASP A 1 96  ? 5.42684   18.82816  -4.85674  1.000 25.22628 ? 95   ASP A CB  1 
ATOM   638  C  CG  . ASP A 1 96  ? 6.17457   18.41945  -6.13326  1.000 22.20667 ? 95   ASP A CG  1 
ATOM   639  O  OD1 . ASP A 1 96  ? 5.77992   17.49107  -6.88420  1.000 20.51439 ? 95   ASP A OD1 1 
ATOM   640  O  OD2 . ASP A 1 96  ? 7.20360   19.07519  -6.38727  1.000 27.36561 ? 95   ASP A OD2 1 
ATOM   641  N  N   . GLY A 1 97  ? 2.74802   16.80486  -6.17266  1.000 25.52275 ? 96   GLY A N   1 
ATOM   642  C  CA  . GLY A 1 97  ? 1.61443   16.74212  -7.08004  1.000 23.66960 ? 96   GLY A CA  1 
ATOM   643  C  C   . GLY A 1 97  ? 1.85133   17.26257  -8.48648  1.000 24.76451 ? 96   GLY A C   1 
ATOM   644  O  O   . GLY A 1 97  ? 0.88462   17.52042  -9.20777  1.000 21.60739 ? 96   GLY A O   1 
ATOM   645  N  N   . ASN A 1 98  ? 3.10196   17.41473  -8.91100  1.000 19.14124 ? 97   ASN A N   1 
ATOM   646  C  CA  . ASN A 1 98  ? 3.34309   17.90613  -10.26519 1.000 23.27192 ? 97   ASN A CA  1 
ATOM   647  C  C   . ASN A 1 98  ? 3.28301   16.80417  -11.30720 1.000 24.76558 ? 97   ASN A C   1 
ATOM   648  O  O   . ASN A 1 98  ? 3.46745   17.08557  -12.49648 1.000 24.26335 ? 97   ASN A O   1 
ATOM   649  C  CB  . ASN A 1 98  ? 4.69161   18.63548  -10.35313 1.000 20.85249 ? 97   ASN A CB  1 
ATOM   650  C  CG  . ASN A 1 98  ? 5.89251   17.72303  -10.06505 1.000 23.56889 ? 97   ASN A CG  1 
ATOM   651  O  OD1 . ASN A 1 98  ? 5.74770   16.54308  -9.71725  1.000 19.52015 ? 97   ASN A OD1 1 
ATOM   652  N  ND2 . ASN A 1 98  ? 7.08538   18.27524  -10.23156 1.000 19.22075 ? 97   ASN A ND2 1 
ATOM   653  N  N   . GLY A 1 99  ? 2.99640   15.57249  -10.89628 1.000 22.44864 ? 98   GLY A N   1 
ATOM   654  C  CA  . GLY A 1 99  ? 2.95403   14.45048  -11.80900 1.000 19.04874 ? 98   GLY A CA  1 
ATOM   655  C  C   . GLY A 1 99  ? 4.28394   13.77471  -12.04113 1.000 20.52744 ? 98   GLY A C   1 
ATOM   656  O  O   . GLY A 1 99  ? 4.37184   12.90297  -12.91578 1.000 23.64045 ? 98   GLY A O   1 
ATOM   657  N  N   . TYR A 1 100 ? 5.32221   14.14028  -11.28942 1.000 18.33843 ? 99   TYR A N   1 
ATOM   658  C  CA  . TYR A 1 100 ? 6.64751   13.55807  -11.47232 1.000 19.37972 ? 99   TYR A CA  1 
ATOM   659  C  C   . TYR A 1 100 ? 7.22799   13.17801  -10.11951 1.000 22.84426 ? 99   TYR A C   1 
ATOM   660  O  O   . TYR A 1 100 ? 7.11780   13.93673  -9.14967  1.000 24.11739 ? 99   TYR A O   1 
ATOM   661  C  CB  . TYR A 1 100 ? 7.58407   14.53685  -12.18866 1.000 20.20800 ? 99   TYR A CB  1 
ATOM   662  C  CG  . TYR A 1 100 ? 7.07733   14.97982  -13.55444 1.000 21.86899 ? 99   TYR A CG  1 
ATOM   663  C  CD1 . TYR A 1 100 ? 7.27286   14.19066  -14.67818 1.000 23.62639 ? 99   TYR A CD1 1 
ATOM   664  C  CD2 . TYR A 1 100 ? 6.40645   16.19161  -13.71063 1.000 23.55330 ? 99   TYR A CD2 1 
ATOM   665  C  CE1 . TYR A 1 100 ? 6.81080   14.59586  -15.93861 1.000 25.64593 ? 99   TYR A CE1 1 
ATOM   666  C  CE2 . TYR A 1 100 ? 5.94121   16.61176  -14.95610 1.000 21.54672 ? 99   TYR A CE2 1 
ATOM   667  C  CZ  . TYR A 1 100 ? 6.14961   15.80875  -16.06556 1.000 28.92485 ? 99   TYR A CZ  1 
ATOM   668  O  OH  . TYR A 1 100 ? 5.68554   16.21021  -17.29935 1.000 21.43805 ? 99   TYR A OH  1 
ATOM   669  N  N   . ILE A 1 101 ? 7.85368   12.01282  -10.04880 1.000 19.38469 ? 100  ILE A N   1 
ATOM   670  C  CA  . ILE A 1 101 ? 8.53226   11.60409  -8.82583  1.000 18.76287 ? 100  ILE A CA  1 
ATOM   671  C  C   . ILE A 1 101 ? 9.98931   12.02593  -8.94716  1.000 24.12516 ? 100  ILE A C   1 
ATOM   672  O  O   . ILE A 1 101 ? 10.69280  11.59173  -9.86392  1.000 20.76341 ? 100  ILE A O   1 
ATOM   673  C  CB  . ILE A 1 101 ? 8.41115   10.09479  -8.58305  1.000 14.22088 ? 100  ILE A CB  1 
ATOM   674  C  CG1 . ILE A 1 101 ? 6.94722   9.67601   -8.47526  1.000 16.68226 ? 100  ILE A CG1 1 
ATOM   675  C  CG2 . ILE A 1 101 ? 9.19303   9.68542   -7.31759  1.000 16.23363 ? 100  ILE A CG2 1 
ATOM   676  C  CD1 . ILE A 1 101 ? 6.76866   8.16826   -8.57270  1.000 15.75229 ? 100  ILE A CD1 1 
ATOM   677  N  N   . SER A 1 102 ? 10.43721  12.89027  -8.04246  1.000 14.84464 ? 101  SER A N   1 
ATOM   678  C  CA  . SER A 1 102 ? 11.82286  13.31913  -8.04560  1.000 19.15842 ? 101  SER A CA  1 
ATOM   679  C  C   . SER A 1 102 ? 12.64257  12.40107  -7.14916  1.000 19.91316 ? 101  SER A C   1 
ATOM   680  O  O   . SER A 1 102 ? 12.10312  11.56051  -6.42420  1.000 19.52178 ? 101  SER A O   1 
ATOM   681  C  CB  . SER A 1 102 ? 11.93465  14.77317  -7.57707  1.000 18.70874 ? 101  SER A CB  1 
ATOM   682  O  OG  . SER A 1 102 ? 11.43830  14.90016  -6.26238  1.000 21.32422 ? 101  SER A OG  1 
ATOM   683  N  N   . ALA A 1 103 ? 13.96986  12.57365  -7.19007  1.000 19.77411 ? 102  ALA A N   1 
ATOM   684  C  CA  . ALA A 1 103 ? 14.81670  11.76436  -6.31871  1.000 20.07372 ? 102  ALA A CA  1 
ATOM   685  C  C   . ALA A 1 103 ? 14.50094  12.04155  -4.85531  1.000 20.69047 ? 102  ALA A C   1 
ATOM   686  O  O   . ALA A 1 103 ? 14.39894  11.11079  -4.04439  1.000 21.40387 ? 102  ALA A O   1 
ATOM   687  C  CB  . ALA A 1 103 ? 16.29992  12.01932  -6.62047  1.000 19.65656 ? 102  ALA A CB  1 
ATOM   688  N  N   . ALA A 1 104 ? 14.29257  13.31504  -4.51105  1.000 21.33780 ? 103  ALA A N   1 
ATOM   689  C  CA  . ALA A 1 104 ? 13.99672  13.67103  -3.12819  1.000 20.59530 ? 103  ALA A CA  1 
ATOM   690  C  C   . ALA A 1 104 ? 12.68368  13.05582  -2.66645  1.000 21.63520 ? 103  ALA A C   1 
ATOM   691  O  O   . ALA A 1 104 ? 12.57428  12.59689  -1.51942  1.000 18.65362 ? 103  ALA A O   1 
ATOM   692  C  CB  . ALA A 1 104 ? 13.95691  15.18996  -2.97819  1.000 25.18638 ? 103  ALA A CB  1 
ATOM   693  N  N   . GLU A 1 105 ? 11.67067  13.04623  -3.54185  1.000 17.34782 ? 104  GLU A N   1 
ATOM   694  C  CA  . GLU A 1 105 ? 10.39694  12.43615  -3.17827  1.000 17.67558 ? 104  GLU A CA  1 
ATOM   695  C  C   . GLU A 1 105 ? 10.54800  10.92832  -3.03447  1.000 14.82704 ? 104  GLU A C   1 
ATOM   696  O  O   . GLU A 1 105 ? 9.97442   10.32214  -2.12293  1.000 17.03348 ? 104  GLU A O   1 
ATOM   697  C  CB  . GLU A 1 105 ? 9.32705   12.78857  -4.21818  1.000 19.04417 ? 104  GLU A CB  1 
ATOM   698  C  CG  . GLU A 1 105 ? 8.88730   14.25859  -4.20134  1.000 19.53744 ? 104  GLU A CG  1 
ATOM   699  C  CD  . GLU A 1 105 ? 7.93478   14.62372  -5.34587  1.000 21.13180 ? 104  GLU A CD  1 
ATOM   700  O  OE1 . GLU A 1 105 ? 7.14338   15.58257  -5.18190  1.000 25.56521 ? 104  GLU A OE1 1 
ATOM   701  O  OE2 . GLU A 1 105 ? 7.97125   13.96097  -6.40398  1.000 16.53025 ? 104  GLU A OE2 1 
ATOM   702  N  N   . LEU A 1 106 ? 11.33789  10.29955  -3.90873  1.000 17.98595 ? 105  LEU A N   1 
ATOM   703  C  CA  . LEU A 1 106 ? 11.56682  8.86691   -3.73328  1.000 18.02775 ? 105  LEU A CA  1 
ATOM   704  C  C   . LEU A 1 106 ? 12.32973  8.59737   -2.44226  1.000 17.57580 ? 105  LEU A C   1 
ATOM   705  O  O   . LEU A 1 106 ? 11.99914  7.65796   -1.70894  1.000 19.92062 ? 105  LEU A O   1 
ATOM   706  C  CB  . LEU A 1 106 ? 12.30508  8.29169   -4.93963  1.000 19.27204 ? 105  LEU A CB  1 
ATOM   707  C  CG  . LEU A 1 106 ? 12.68018  6.81916   -4.89071  1.000 16.80613 ? 105  LEU A CG  1 
ATOM   708  C  CD1 . LEU A 1 106 ? 11.45237  5.93508   -4.73375  1.000 14.97902 ? 105  LEU A CD1 1 
ATOM   709  C  CD2 . LEU A 1 106 ? 13.42429  6.45773   -6.15726  1.000 22.56754 ? 105  LEU A CD2 1 
ATOM   710  N  N   . ARG A 1 107 ? 13.33776  9.42661   -2.13398  1.000 18.88590 ? 106  ARG A N   1 
ATOM   711  C  CA  . ARG A 1 107 ? 14.02132  9.30177   -0.85209  1.000 17.86983 ? 106  ARG A CA  1 
ATOM   712  C  C   . ARG A 1 107 ? 13.02843  9.41288   0.28498   1.000 17.91872 ? 106  ARG A C   1 
ATOM   713  O  O   . ARG A 1 107 ? 13.11361  8.67288   1.27012   1.000 19.41484 ? 106  ARG A O   1 
ATOM   714  C  CB  . ARG A 1 107 ? 15.10909  10.36996  -0.70233  1.000 19.78674 ? 106  ARG A CB  1 
ATOM   715  C  CG  . ARG A 1 107 ? 16.38497  10.10917  -1.53024  1.000 23.20456 ? 106  ARG A CG  1 
ATOM   716  C  CD  . ARG A 1 107 ? 17.58444  10.91771  -1.01336  1.000 18.91003 ? 106  ARG A CD  1 
ATOM   717  N  NE  . ARG A 1 107 ? 17.29140  12.34584  -0.95173  1.000 19.98946 ? 106  ARG A NE  1 
ATOM   718  C  CZ  . ARG A 1 107 ? 17.42651  13.18098  -1.97595  1.000 25.86165 ? 106  ARG A CZ  1 
ATOM   719  N  NH1 . ARG A 1 107 ? 17.86379  12.72751  -3.14811  1.000 22.18424 ? 106  ARG A NH1 1 
ATOM   720  N  NH2 . ARG A 1 107 ? 17.12121  14.46843  -1.82963  1.000 22.89208 ? 106  ARG A NH2 1 
ATOM   721  N  N   . HIS A 1 108 ? 12.07808  10.33809  0.16490   1.000 18.07794 ? 107  HIS A N   1 
ATOM   722  C  CA  . HIS A 1 108 ? 11.11117  10.52574  1.23253   1.000 19.37773 ? 107  HIS A CA  1 
ATOM   723  C  C   . HIS A 1 108 ? 10.28888  9.26390   1.44774   1.000 21.41611 ? 107  HIS A C   1 
ATOM   724  O  O   . HIS A 1 108 ? 10.10432  8.83099   2.59290   1.000 24.06278 ? 107  HIS A O   1 
ATOM   725  C  CB  . HIS A 1 108 ? 10.20861  11.71760  0.93025   1.000 23.41401 ? 107  HIS A CB  1 
ATOM   726  C  CG  . HIS A 1 108 ? 9.54588   12.28495  2.14366   1.000 27.00141 ? 107  HIS A CG  1 
ATOM   727  N  ND1 . HIS A 1 108 ? 8.49797   13.17663  2.07187   1.000 34.32318 ? 107  HIS A ND1 1 
ATOM   728  C  CD2 . HIS A 1 108 ? 9.79137   12.09854  3.46479   1.000 31.17628 ? 107  HIS A CD2 1 
ATOM   729  C  CE1 . HIS A 1 108 ? 8.11950   13.50791  3.29550   1.000 37.72164 ? 107  HIS A CE1 1 
ATOM   730  N  NE2 . HIS A 1 108 ? 8.89134   12.87159  4.15999   1.000 29.94504 ? 107  HIS A NE2 1 
ATOM   731  N  N   . VAL A 1 109 ? 9.82139   8.63748   0.35981   1.000 18.91209 ? 108  VAL A N   1 
ATOM   732  C  CA  . VAL A 1 109 ? 8.99648   7.43722   0.48735   1.000 14.70463 ? 108  VAL A CA  1 
ATOM   733  C  C   . VAL A 1 109 ? 9.81984   6.28325   1.04780   1.000 18.82641 ? 108  VAL A C   1 
ATOM   734  O  O   . VAL A 1 109 ? 9.38852   5.58705   1.96713   1.000 17.51794 ? 108  VAL A O   1 
ATOM   735  C  CB  . VAL A 1 109 ? 8.34952   7.06567   -0.85720  1.000 19.70964 ? 108  VAL A CB  1 
ATOM   736  C  CG1 . VAL A 1 109 ? 7.62065   5.75225   -0.72441  1.000 21.72010 ? 108  VAL A CG1 1 
ATOM   737  C  CG2 . VAL A 1 109 ? 7.35239   8.11184   -1.26585  1.000 17.37557 ? 108  VAL A CG2 1 
ATOM   738  N  N   . MET A 1 110 ? 11.03064  6.08187   0.52832   1.000 19.62984 ? 109  MET A N   1 
ATOM   739  C  CA  . MET A 1 110 ? 11.88442  5.02605   1.06474   1.000 21.34436 ? 109  MET A CA  1 
ATOM   740  C  C   . MET A 1 110 ? 12.12618  5.21748   2.55585   1.000 22.28382 ? 109  MET A C   1 
ATOM   741  O  O   . MET A 1 110 ? 12.07531  4.25567   3.33236   1.000 23.12340 ? 109  MET A O   1 
ATOM   742  C  CB  . MET A 1 110 ? 13.20669  4.98866   0.29952   1.000 21.65122 ? 109  MET A CB  1 
ATOM   743  C  CG  . MET A 1 110 ? 13.00628  4.74518   -1.18314  1.000 20.85454 ? 109  MET A CG  1 
ATOM   744  S  SD  . MET A 1 110 ? 14.53178  4.63844   -2.10799  1.000 23.41098 ? 109  MET A SD  1 
ATOM   745  C  CE  . MET A 1 110 ? 14.99802  2.96193   -1.68785  1.000 21.32772 ? 109  MET A CE  1 
ATOM   746  N  N   . THR A 1 111 ? 12.35522  6.46093   2.97665   1.000 20.27153 ? 110  THR A N   1 
ATOM   747  C  CA  . THR A 1 111 ? 12.57075  6.74735   4.39188   1.000 24.57018 ? 110  THR A CA  1 
ATOM   748  C  C   . THR A 1 111 ? 11.33032  6.44919   5.21716   1.000 29.07062 ? 110  THR A C   1 
ATOM   749  O  O   . THR A 1 111 ? 11.43378  5.89943   6.31934   1.000 23.61224 ? 110  THR A O   1 
ATOM   750  C  CB  . THR A 1 111 ? 12.95745  8.20722   4.56810   1.000 16.72182 ? 110  THR A CB  1 
ATOM   751  O  OG1 . THR A 1 111 ? 14.14977  8.44697   3.83588   1.000 21.18119 ? 110  THR A OG1 1 
ATOM   752  C  CG2 . THR A 1 111 ? 13.15588  8.54524   6.06237   1.000 24.85739 ? 110  THR A CG2 1 
ATOM   753  N  N   . ASN A 1 112 ? 10.15230  6.84642   4.71013   1.000 28.60594 ? 111  ASN A N   1 
ATOM   754  C  CA  . ASN A 1 112 ? 8.89905   6.64160   5.42826   1.000 21.31877 ? 111  ASN A CA  1 
ATOM   755  C  C   . ASN A 1 112 ? 8.55247   5.16515   5.53064   1.000 27.48013 ? 111  ASN A C   1 
ATOM   756  O  O   . ASN A 1 112 ? 7.84812   4.75879   6.46515   1.000 26.71656 ? 111  ASN A O   1 
ATOM   757  C  CB  . ASN A 1 112 ? 7.75494   7.39244   4.73104   1.000 26.32488 ? 111  ASN A CB  1 
ATOM   758  C  CG  . ASN A 1 112 ? 7.75662   8.89365   5.03344   1.000 31.08358 ? 111  ASN A CG  1 
ATOM   759  O  OD1 . ASN A 1 112 ? 8.46046   9.35417   5.92590   1.000 29.61803 ? 111  ASN A OD1 1 
ATOM   760  N  ND2 . ASN A 1 112 ? 6.95063   9.65213   4.29691   1.000 33.67114 ? 111  ASN A ND2 1 
ATOM   761  N  N   . LEU A 1 113 ? 9.01455   4.35574   4.57679   1.000 24.28678 ? 112  LEU A N   1 
ATOM   762  C  CA  . LEU A 1 113 ? 8.74815   2.92434   4.56009   1.000 25.56537 ? 112  LEU A CA  1 
ATOM   763  C  C   . LEU A 1 113 ? 9.90821   2.10910   5.11550   1.000 23.89040 ? 112  LEU A C   1 
ATOM   764  O  O   . LEU A 1 113 ? 9.91677   0.88346   4.97274   1.000 31.18750 ? 112  LEU A O   1 
ATOM   765  C  CB  . LEU A 1 113 ? 8.41154   2.47410   3.13710   1.000 25.03288 ? 112  LEU A CB  1 
ATOM   766  C  CG  . LEU A 1 113 ? 7.14616   3.13385   2.56026   1.000 25.41626 ? 112  LEU A CG  1 
ATOM   767  C  CD1 . LEU A 1 113 ? 6.94671   2.81990   1.08253   1.000 22.15007 ? 112  LEU A CD1 1 
ATOM   768  C  CD2 . LEU A 1 113 ? 5.91914   2.72081   3.35949   1.000 24.60968 ? 112  LEU A CD2 1 
ATOM   769  N  N   . GLY A 1 114 ? 10.87880  2.75725   5.75060   1.000 26.46883 ? 113  GLY A N   1 
ATOM   770  C  CA  . GLY A 1 114 ? 11.99847  2.03649   6.31997   1.000 34.09276 ? 113  GLY A CA  1 
ATOM   771  C  C   . GLY A 1 114 ? 12.92598  1.37780   5.32309   1.000 33.14846 ? 113  GLY A C   1 
ATOM   772  O  O   . GLY A 1 114 ? 13.69585  0.49823   5.70954   1.000 35.53801 ? 113  GLY A O   1 
ATOM   773  N  N   . GLU A 1 115 ? 12.87093  1.76418   4.04746   1.000 32.01382 ? 114  GLU A N   1 
ATOM   774  C  CA  . GLU A 1 115 ? 13.82859  1.28244   3.04990   1.000 31.67772 ? 114  GLU A CA  1 
ATOM   775  C  C   . GLU A 1 115 ? 15.12155  2.07239   3.16500   1.000 34.37095 ? 114  GLU A C   1 
ATOM   776  O  O   . GLU A 1 115 ? 15.14981  3.25722   2.82153   1.000 36.97474 ? 114  GLU A O   1 
ATOM   777  C  CB  . GLU A 1 115 ? 13.28314  1.43001   1.62929   1.000 29.60592 ? 114  GLU A CB  1 
ATOM   778  C  CG  . GLU A 1 115 ? 12.86566  0.12525   0.97767   1.000 43.01271 ? 114  GLU A CG  1 
ATOM   779  C  CD  . GLU A 1 115 ? 13.82568  -1.01071  1.27394   1.000 44.04239 ? 114  GLU A CD  1 
ATOM   780  O  OE1 . GLU A 1 115 ? 14.81617  -1.20537  0.51658   1.000 35.90223 ? 114  GLU A OE1 1 
ATOM   781  O  OE2 . GLU A 1 115 ? 13.59051  -1.69681  2.29268   1.000 39.24733 ? 114  GLU A OE2 1 
ATOM   782  N  N   . LYS A 1 116 ? 16.20463  1.42003   3.59276   1.000 30.64950 ? 115  LYS A N   1 
ATOM   783  C  CA  . LYS A 1 116 ? 17.50799  2.07063   3.54743   1.000 28.34192 ? 115  LYS A CA  1 
ATOM   784  C  C   . LYS A 1 116 ? 17.84444  2.45698   2.10848   1.000 27.76738 ? 115  LYS A C   1 
ATOM   785  O  O   . LYS A 1 116 ? 17.50993  1.75085   1.15470   1.000 29.43605 ? 115  LYS A O   1 
ATOM   786  C  CB  . LYS A 1 116 ? 18.58586  1.15672   4.13015   1.000 32.03412 ? 115  LYS A CB  1 
ATOM   787  N  N   . LEU A 1 117 ? 18.48264  3.60230   1.94228   1.000 27.71303 ? 116  LEU A N   1 
ATOM   788  C  CA  . LEU A 1 117 ? 18.72400  4.11706   0.60967   1.000 20.95498 ? 116  LEU A CA  1 
ATOM   789  C  C   . LEU A 1 117 ? 20.16765  4.57390   0.47372   1.000 24.29179 ? 116  LEU A C   1 
ATOM   790  O  O   . LEU A 1 117 ? 20.86169  4.83207   1.46149   1.000 23.23472 ? 116  LEU A O   1 
ATOM   791  C  CB  . LEU A 1 117 ? 17.76615  5.27846   0.28641   1.000 18.24155 ? 116  LEU A CB  1 
ATOM   792  C  CG  . LEU A 1 117 ? 17.91711  6.60927   1.02582   1.000 22.57133 ? 116  LEU A CG  1 
ATOM   793  C  CD1 . LEU A 1 117 ? 18.86717  7.53255   0.25873   1.000 16.75702 ? 116  LEU A CD1 1 
ATOM   794  C  CD2 . LEU A 1 117 ? 16.56204  7.27814   1.18548   1.000 20.39228 ? 116  LEU A CD2 1 
ATOM   795  N  N   . THR A 1 118 ? 20.60742  4.66463   -0.77775  1.000 19.26592 ? 117  THR A N   1 
ATOM   796  C  CA  . THR A 1 118 ? 21.76176  5.46551   -1.15422  1.000 21.77788 ? 117  THR A CA  1 
ATOM   797  C  C   . THR A 1 118 ? 21.42146  6.25959   -2.40705  1.000 20.62217 ? 117  THR A C   1 
ATOM   798  O  O   . THR A 1 118 ? 20.52315  5.90121   -3.17427  1.000 18.37941 ? 117  THR A O   1 
ATOM   799  C  CB  . THR A 1 118 ? 23.01655  4.62208   -1.43151  1.000 20.75765 ? 117  THR A CB  1 
ATOM   800  O  OG1 . THR A 1 118 ? 22.77986  3.81540   -2.58956  1.000 21.40287 ? 117  THR A OG1 1 
ATOM   801  C  CG2 . THR A 1 118 ? 23.38055  3.73095   -0.23030  1.000 22.37101 ? 117  THR A CG2 1 
ATOM   802  N  N   . ASP A 1 119 ? 22.17011  7.34677   -2.60285  1.000 22.58001 ? 118  ASP A N   1 
ATOM   803  C  CA  . ASP A 1 119 ? 22.00317  8.19427   -3.77913  1.000 20.30737 ? 118  ASP A CA  1 
ATOM   804  C  C   . ASP A 1 119 ? 22.08955  7.39162   -5.07024  1.000 24.46560 ? 118  ASP A C   1 
ATOM   805  O  O   . ASP A 1 119 ? 21.29773  7.59028   -6.00008  1.000 26.39542 ? 118  ASP A O   1 
ATOM   806  C  CB  . ASP A 1 119 ? 23.07615  9.27625   -3.77353  1.000 21.01877 ? 118  ASP A CB  1 
ATOM   807  C  CG  . ASP A 1 119 ? 22.76040  10.38116  -2.81163  1.000 26.15761 ? 118  ASP A CG  1 
ATOM   808  O  OD1 . ASP A 1 119 ? 21.55642  10.59832  -2.52943  1.000 24.83515 ? 118  ASP A OD1 1 
ATOM   809  O  OD2 . ASP A 1 119 ? 23.71356  11.01592  -2.33018  1.000 25.02122 ? 118  ASP A OD2 1 
ATOM   810  N  N   . GLU A 1 120 ? 23.07353  6.49866   -5.15724  1.000 21.31313 ? 119  GLU A N   1 
ATOM   811  C  CA  . GLU A 1 120 ? 23.23265  5.72444   -6.37914  1.000 26.68129 ? 119  GLU A CA  1 
ATOM   812  C  C   . GLU A 1 120 ? 22.05004  4.78415   -6.60005  1.000 27.50317 ? 119  GLU A C   1 
ATOM   813  O  O   . GLU A 1 120 ? 21.55273  4.65706   -7.72747  1.000 19.89881 ? 119  GLU A O   1 
ATOM   814  C  CB  . GLU A 1 120 ? 24.54418  4.94682   -6.34316  1.000 22.54341 ? 119  GLU A CB  1 
ATOM   815  C  CG  . GLU A 1 120 ? 24.79116  4.19649   -7.60645  1.000 23.07561 ? 119  GLU A CG  1 
ATOM   816  C  CD  . GLU A 1 120 ? 24.77057  5.11256   -8.83513  1.000 28.17019 ? 119  GLU A CD  1 
ATOM   817  O  OE1 . GLU A 1 120 ? 25.08494  6.32232   -8.71148  1.000 25.62065 ? 119  GLU A OE1 1 
ATOM   818  O  OE2 . GLU A 1 120 ? 24.42157  4.61866   -9.92638  1.000 28.15195 ? 119  GLU A OE2 1 
ATOM   819  N  N   . GLU A 1 121 ? 21.59663  4.10386   -5.54285  1.000 19.94925 ? 120  GLU A N   1 
ATOM   820  C  CA  . GLU A 1 121 ? 20.40285  3.27528   -5.66569  1.000 18.52573 ? 120  GLU A CA  1 
ATOM   821  C  C   . GLU A 1 121 ? 19.22251  4.11037   -6.13661  1.000 23.21976 ? 120  GLU A C   1 
ATOM   822  O  O   . GLU A 1 121 ? 18.46692  3.70069   -7.02751  1.000 19.16095 ? 120  GLU A O   1 
ATOM   823  C  CB  . GLU A 1 121 ? 20.07152  2.60393   -4.32866  1.000 20.51425 ? 120  GLU A CB  1 
ATOM   824  C  CG  . GLU A 1 121 ? 18.71294  1.91628   -4.31681  1.000 21.47840 ? 120  GLU A CG  1 
ATOM   825  C  CD  . GLU A 1 121 ? 18.30480  1.42748   -2.91836  1.000 20.59215 ? 120  GLU A CD  1 
ATOM   826  O  OE1 . GLU A 1 121 ? 18.72589  2.06211   -1.93083  1.000 21.07813 ? 120  GLU A OE1 1 
ATOM   827  O  OE2 . GLU A 1 121 ? 17.56480  0.41615   -2.81371  1.000 19.31444 ? 120  GLU A OE2 1 
ATOM   828  N  N   . VAL A 1 122 ? 19.04847  5.29249   -5.54280  1.000 20.44285 ? 121  VAL A N   1 
ATOM   829  C  CA  . VAL A 1 122 ? 17.92881  6.14553   -5.92110  1.000 21.35816 ? 121  VAL A CA  1 
ATOM   830  C  C   . VAL A 1 122 ? 18.05128  6.57208   -7.37885  1.000 22.74111 ? 121  VAL A C   1 
ATOM   831  O  O   . VAL A 1 122 ? 17.07163  6.53080   -8.13565  1.000 18.86192 ? 121  VAL A O   1 
ATOM   832  C  CB  . VAL A 1 122 ? 17.83429  7.35853   -4.97507  1.000 22.42498 ? 121  VAL A CB  1 
ATOM   833  C  CG1 . VAL A 1 122 ? 16.95810  8.43554   -5.58824  1.000 17.78772 ? 121  VAL A CG1 1 
ATOM   834  C  CG2 . VAL A 1 122 ? 17.28883  6.92494   -3.59986  1.000 18.58368 ? 121  VAL A CG2 1 
ATOM   835  N  N   . ASP A 1 123 ? 19.25854  6.96279   -7.80162  1.000 23.15869 ? 122  ASP A N   1 
ATOM   836  C  CA  . ASP A 1 123 ? 19.46351  7.35244   -9.19697  1.000 26.75089 ? 122  ASP A CA  1 
ATOM   837  C  C   . ASP A 1 123 ? 19.18580  6.19499   -10.14834 1.000 21.69674 ? 122  ASP A C   1 
ATOM   838  O  O   . ASP A 1 123 ? 18.58788  6.38758   -11.20879 1.000 20.49774 ? 122  ASP A O   1 
ATOM   839  C  CB  . ASP A 1 123 ? 20.88693  7.87062   -9.39929  1.000 20.42493 ? 122  ASP A CB  1 
ATOM   840  C  CG  . ASP A 1 123 ? 21.16769  9.09020   -8.57339  1.000 36.20058 ? 122  ASP A CG  1 
ATOM   841  O  OD1 . ASP A 1 123 ? 22.31130  9.60418   -8.60176  1.000 36.56755 ? 122  ASP A OD1 1 
ATOM   842  O  OD2 . ASP A 1 123 ? 20.22889  9.53399   -7.87724  1.000 42.58285 ? 122  ASP A OD2 1 
ATOM   843  N  N   . GLU A 1 124 ? 19.60227  4.98070   -9.78355  1.000 20.62344 ? 123  GLU A N   1 
ATOM   844  C  CA  . GLU A 1 124 ? 19.40290  3.85231   -10.68463 1.000 21.78289 ? 123  GLU A CA  1 
ATOM   845  C  C   . GLU A 1 124 ? 17.93737  3.45632   -10.75206 1.000 24.58924 ? 123  GLU A C   1 
ATOM   846  O  O   . GLU A 1 124 ? 17.44066  3.08299   -11.82554 1.000 22.63424 ? 123  GLU A O   1 
ATOM   847  C  CB  . GLU A 1 124 ? 20.27935  2.67730   -10.24764 1.000 24.74258 ? 123  GLU A CB  1 
ATOM   848  C  CG  . GLU A 1 124 ? 21.76540  2.99058   -10.40830 1.000 26.95187 ? 123  GLU A CG  1 
ATOM   849  C  CD  . GLU A 1 124 ? 22.67380  1.81415   -10.08393 1.000 31.05979 ? 123  GLU A CD  1 
ATOM   850  O  OE1 . GLU A 1 124 ? 23.90290  2.00375   -10.09244 1.000 28.06907 ? 123  GLU A OE1 1 
ATOM   851  O  OE2 . GLU A 1 124 ? 22.16081  0.70824   -9.81223  1.000 39.34603 ? 123  GLU A OE2 1 
ATOM   852  N  N   . MET A 1 125 ? 17.22798  3.53503   -9.61773  1.000 22.38818 ? 124  MET A N   1 
ATOM   853  C  CA  . MET A 1 125 ? 15.78474  3.29284   -9.61621  1.000 19.16725 ? 124  MET A CA  1 
ATOM   854  C  C   . MET A 1 125 ? 15.07708  4.26187   -10.55086 1.000 19.96902 ? 124  MET A C   1 
ATOM   855  O  O   . MET A 1 125 ? 14.21461  3.87371   -11.34540 1.000 19.55930 ? 124  MET A O   1 
ATOM   856  C  CB  . MET A 1 125 ? 15.22637  3.43386   -8.19270  1.000 17.65487 ? 124  MET A CB  1 
ATOM   857  C  CG  . MET A 1 125 ? 15.63704  2.32621   -7.22507  1.000 22.39466 ? 124  MET A CG  1 
ATOM   858  S  SD  . MET A 1 125 ? 15.05618  2.68342   -5.56093  1.000 21.73138 ? 124  MET A SD  1 
ATOM   859  C  CE  . MET A 1 125 ? 13.28254  2.53829   -5.79689  1.000 16.88933 ? 124  MET A CE  1 
ATOM   860  N  N   . ILE A 1 126 ? 15.42835  5.54050   -10.45186 1.000 23.33659 ? 125  ILE A N   1 
ATOM   861  C  CA  . ILE A 1 126 ? 14.84599  6.56130   -11.31770 1.000 21.42793 ? 125  ILE A CA  1 
ATOM   862  C  C   . ILE A 1 126 ? 15.24353  6.30930   -12.76199 1.000 21.05047 ? 125  ILE A C   1 
ATOM   863  O  O   . ILE A 1 126 ? 14.40708  6.32777   -13.67139 1.000 20.57831 ? 125  ILE A O   1 
ATOM   864  C  CB  . ILE A 1 126 ? 15.29436  7.95695   -10.84034 1.000 24.90425 ? 125  ILE A CB  1 
ATOM   865  C  CG1 . ILE A 1 126 ? 14.40894  8.42742   -9.68122  1.000 19.84296 ? 125  ILE A CG1 1 
ATOM   866  C  CG2 . ILE A 1 126 ? 15.31614  8.96944   -11.99772 1.000 18.90613 ? 125  ILE A CG2 1 
ATOM   867  C  CD1 . ILE A 1 126 ? 14.93403  9.63409   -9.02353  1.000 28.32347 ? 125  ILE A CD1 1 
ATOM   868  N  N   . ARG A 1 127 ? 16.53422  6.06674   -12.98610 1.000 23.62611 ? 126  ARG A N   1 
ATOM   869  C  CA  . ARG A 1 127 ? 17.03201  5.87436   -14.33929 1.000 23.43890 ? 126  ARG A CA  1 
ATOM   870  C  C   . ARG A 1 127 ? 16.33999  4.69925   -15.00852 1.000 24.83455 ? 126  ARG A C   1 
ATOM   871  O  O   . ARG A 1 127 ? 15.97774  4.76906   -16.19070 1.000 28.79307 ? 126  ARG A O   1 
ATOM   872  C  CB  . ARG A 1 127 ? 18.54595  5.66530   -14.30216 1.000 23.80571 ? 126  ARG A CB  1 
ATOM   873  C  CG  . ARG A 1 127 ? 19.16104  5.28420   -15.63548 1.000 27.32189 ? 126  ARG A CG  1 
ATOM   874  C  CD  . ARG A 1 127 ? 20.65323  5.00135   -15.48735 1.000 23.03122 ? 126  ARG A CD  1 
ATOM   875  N  NE  . ARG A 1 127 ? 21.21914  4.54764   -16.74457 1.000 26.57799 ? 126  ARG A NE  1 
ATOM   876  C  CZ  . ARG A 1 127 ? 21.05473  3.32152   -17.22908 1.000 28.08574 ? 126  ARG A CZ  1 
ATOM   877  N  NH1 . ARG A 1 127 ? 20.35041  2.42736   -16.53932 1.000 22.70099 ? 126  ARG A NH1 1 
ATOM   878  N  NH2 . ARG A 1 127 ? 21.58946  2.99507   -18.40108 1.000 25.28575 ? 126  ARG A NH2 1 
ATOM   879  N  N   . GLU A 1 128 ? 16.14273  3.61094   -14.26588 1.000 24.25185 ? 127  GLU A N   1 
ATOM   880  C  CA  . GLU A 1 128 ? 15.48962  2.44116   -14.83796 1.000 23.97060 ? 127  GLU A CA  1 
ATOM   881  C  C   . GLU A 1 128 ? 14.03500  2.72496   -15.17382 1.000 30.12932 ? 127  GLU A C   1 
ATOM   882  O  O   . GLU A 1 128 ? 13.51469  2.19590   -16.16028 1.000 27.61520 ? 127  GLU A O   1 
ATOM   883  C  CB  . GLU A 1 128 ? 15.59356  1.26189   -13.87178 1.000 22.88119 ? 127  GLU A CB  1 
ATOM   884  C  CG  . GLU A 1 128 ? 15.36846  -0.08996  -14.52477 1.000 35.89380 ? 127  GLU A CG  1 
ATOM   885  C  CD  . GLU A 1 128 ? 15.59479  -1.25984  -13.57849 1.000 41.26429 ? 127  GLU A CD  1 
ATOM   886  O  OE1 . GLU A 1 128 ? 14.92782  -2.31085  -13.76445 1.000 35.35799 ? 127  GLU A OE1 1 
ATOM   887  O  OE2 . GLU A 1 128 ? 16.43996  -1.13120  -12.65845 1.000 38.50088 ? 127  GLU A OE2 1 
ATOM   888  N  N   . ALA A 1 129 ? 13.36223  3.54998   -14.36930 1.000 23.61101 ? 128  ALA A N   1 
ATOM   889  C  CA  . ALA A 1 129 ? 11.96680  3.86973   -14.62169 1.000 23.56922 ? 128  ALA A CA  1 
ATOM   890  C  C   . ALA A 1 129 ? 11.79271  4.96592   -15.67417 1.000 24.99980 ? 128  ALA A C   1 
ATOM   891  O  O   . ALA A 1 129 ? 10.71722  5.07498   -16.27300 1.000 25.37475 ? 128  ALA A O   1 
ATOM   892  C  CB  . ALA A 1 129 ? 11.30491  4.28618   -13.30818 1.000 22.24986 ? 128  ALA A CB  1 
ATOM   893  N  N   . ASP A 1 130 ? 12.83785  5.74532   -15.93963 1.000 24.30750 ? 129  ASP A N   1 
ATOM   894  C  CA  . ASP A 1 130 ? 12.72066  7.03637   -16.62033 1.000 24.99387 ? 129  ASP A CA  1 
ATOM   895  C  C   . ASP A 1 130 ? 12.80163  6.84231   -18.12807 1.000 20.93160 ? 129  ASP A C   1 
ATOM   896  O  O   . ASP A 1 130 ? 13.86241  6.96676   -18.72692 1.000 23.60415 ? 129  ASP A O   1 
ATOM   897  C  CB  . ASP A 1 130 ? 13.81273  7.97719   -16.13672 1.000 23.77507 ? 129  ASP A CB  1 
ATOM   898  C  CG  . ASP A 1 130 ? 13.68377  9.33921   -16.72449 1.000 25.08438 ? 129  ASP A CG  1 
ATOM   899  O  OD1 . ASP A 1 130 ? 12.61286  9.64493   -17.27569 1.000 19.93004 ? 129  ASP A OD1 1 
ATOM   900  O  OD2 . ASP A 1 130 ? 14.65138  10.10150  -16.62924 1.000 24.59421 ? 129  ASP A OD2 1 
ATOM   901  N  N   . ILE A 1 131 ? 11.65642  6.57016   -18.74936 1.000 21.79829 ? 130  ILE A N   1 
ATOM   902  C  CA  . ILE A 1 131 ? 11.63145  6.27576   -20.18011 1.000 25.83569 ? 130  ILE A CA  1 
ATOM   903  C  C   . ILE A 1 131 ? 12.01688  7.50015   -20.99253 1.000 24.28606 ? 130  ILE A C   1 
ATOM   904  O  O   . ILE A 1 131 ? 12.83697  7.40908   -21.91003 1.000 31.08685 ? 130  ILE A O   1 
ATOM   905  C  CB  . ILE A 1 131 ? 10.24903  5.74507   -20.60403 1.000 29.44633 ? 130  ILE A CB  1 
ATOM   906  C  CG1 . ILE A 1 131 ? 9.89508   4.49074   -19.79906 1.000 28.92908 ? 130  ILE A CG1 1 
ATOM   907  C  CG2 . ILE A 1 131 ? 10.22380  5.47158   -22.11644 1.000 21.55111 ? 130  ILE A CG2 1 
ATOM   908  C  CD1 . ILE A 1 131 ? 8.49038   4.00865   -19.99745 1.000 35.26986 ? 130  ILE A CD1 1 
ATOM   909  N  N   . ASP A 1 132 ? 11.41560  8.65900   -20.69429 1.000 25.65184 ? 131  ASP A N   1 
ATOM   910  C  CA  . ASP A 1 132 ? 11.63471  9.83937   -21.53036 1.000 25.55763 ? 131  ASP A CA  1 
ATOM   911  C  C   . ASP A 1 132 ? 12.90206  10.60752  -21.16798 1.000 26.34466 ? 131  ASP A C   1 
ATOM   912  O  O   . ASP A 1 132 ? 13.18207  11.63649  -21.79221 1.000 28.48846 ? 131  ASP A O   1 
ATOM   913  C  CB  . ASP A 1 132 ? 10.41342  10.78254  -21.48017 1.000 21.92587 ? 131  ASP A CB  1 
ATOM   914  C  CG  . ASP A 1 132 ? 10.19875  11.41454  -20.11501 1.000 20.55746 ? 131  ASP A CG  1 
ATOM   915  O  OD1 . ASP A 1 132 ? 10.98025  11.16202  -19.18418 1.000 20.36355 ? 131  ASP A OD1 1 
ATOM   916  O  OD2 . ASP A 1 132 ? 9.23838   12.18742  -19.95907 1.000 29.66913 ? 131  ASP A OD2 1 
ATOM   917  N  N   . GLY A 1 133 ? 13.65164  10.16063  -20.16342 1.000 25.08033 ? 132  GLY A N   1 
ATOM   918  C  CA  . GLY A 1 133 ? 14.94220  10.74304  -19.85444 1.000 21.45582 ? 132  GLY A CA  1 
ATOM   919  C  C   . GLY A 1 133 ? 14.91094  12.13274  -19.24961 1.000 28.20453 ? 132  GLY A C   1 
ATOM   920  O  O   . GLY A 1 133 ? 15.87894  12.88346  -19.39988 1.000 24.37037 ? 132  GLY A O   1 
ATOM   921  N  N   . ASP A 1 134 ? 13.83637  12.50654  -18.56179 1.000 23.17185 ? 133  ASP A N   1 
ATOM   922  C  CA  . ASP A 1 134 ? 13.76649  13.83026  -17.96032 1.000 21.16671 ? 133  ASP A CA  1 
ATOM   923  C  C   . ASP A 1 134 ? 14.27924  13.86056  -16.52018 1.000 24.08485 ? 133  ASP A C   1 
ATOM   924  O  O   . ASP A 1 134 ? 14.22714  14.91046  -15.87251 1.000 23.75856 ? 133  ASP A O   1 
ATOM   925  C  CB  . ASP A 1 134 ? 12.33242  14.37919  -18.06166 1.000 24.57540 ? 133  ASP A CB  1 
ATOM   926  C  CG  . ASP A 1 134 ? 11.31107  13.62216  -17.18041 1.000 25.45181 ? 133  ASP A CG  1 
ATOM   927  O  OD1 . ASP A 1 134 ? 11.64550  12.64513  -16.48777 1.000 21.07899 ? 133  ASP A OD1 1 
ATOM   928  O  OD2 . ASP A 1 134 ? 10.13306  14.02166  -17.20477 1.000 26.42235 ? 133  ASP A OD2 1 
ATOM   929  N  N   . GLY A 1 135 ? 14.80386  12.75022  -16.01613 1.000 23.65286 ? 134  GLY A N   1 
ATOM   930  C  CA  . GLY A 1 135 ? 15.32190  12.70401  -14.67125 1.000 21.93249 ? 134  GLY A CA  1 
ATOM   931  C  C   . GLY A 1 135 ? 14.30058  12.41070  -13.59083 1.000 23.02217 ? 134  GLY A C   1 
ATOM   932  O  O   . GLY A 1 135 ? 14.67689  12.34378  -12.41714 1.000 19.75738 ? 134  GLY A O   1 
ATOM   933  N  N   . GLN A 1 136 ? 13.02616  12.25298  -13.93601 1.000 19.24325 ? 135  GLN A N   1 
ATOM   934  C  CA  . GLN A 1 136 ? 11.99737  11.93891  -12.94909 1.000 23.45291 ? 135  GLN A CA  1 
ATOM   935  C  C   . GLN A 1 136 ? 11.08017  10.84608  -13.48410 1.000 22.89088 ? 135  GLN A C   1 
ATOM   936  O  O   . GLN A 1 136 ? 11.11180  10.50161  -14.66321 1.000 21.77017 ? 135  GLN A O   1 
ATOM   937  C  CB  . GLN A 1 136 ? 11.16922  13.17608  -12.58006 1.000 25.92142 ? 135  GLN A CB  1 
ATOM   938  C  CG  . GLN A 1 136 ? 11.95862  14.34063  -12.01852 1.000 19.58101 ? 135  GLN A CG  1 
ATOM   939  C  CD  . GLN A 1 136 ? 11.04350  15.30304  -11.31107 1.000 24.06716 ? 135  GLN A CD  1 
ATOM   940  O  OE1 . GLN A 1 136 ? 10.27703  14.90596  -10.43637 1.000 25.36100 ? 135  GLN A OE1 1 
ATOM   941  N  NE2 . GLN A 1 136 ? 11.09039  16.56500  -11.69986 1.000 22.26131 ? 135  GLN A NE2 1 
ATOM   942  N  N   . VAL A 1 137 ? 10.23418  10.31241  -12.60677 1.000 21.74340 ? 136  VAL A N   1 
ATOM   943  C  CA  . VAL A 1 137 ? 9.32940   9.21909   -12.94488 1.000 20.83255 ? 136  VAL A CA  1 
ATOM   944  C  C   . VAL A 1 137 ? 7.90969   9.77813   -12.96783 1.000 26.02699 ? 136  VAL A C   1 
ATOM   945  O  O   . VAL A 1 137 ? 7.36902   10.15849  -11.91950 1.000 17.01141 ? 136  VAL A O   1 
ATOM   946  C  CB  . VAL A 1 137 ? 9.45695   8.05354   -11.95617 1.000 21.15285 ? 136  VAL A CB  1 
ATOM   947  C  CG1 . VAL A 1 137 ? 8.65237   6.86048   -12.44099 1.000 21.03675 ? 136  VAL A CG1 1 
ATOM   948  C  CG2 . VAL A 1 137 ? 10.92942  7.67851   -11.77851 1.000 20.24484 ? 136  VAL A CG2 1 
ATOM   949  N  N   . ASN A 1 138 ? 7.31054   9.86158   -14.16646 1.000 22.34293 ? 137  ASN A N   1 
ATOM   950  C  CA  . ASN A 1 138 ? 5.92767   10.29712  -14.27670 1.000 21.95854 ? 137  ASN A CA  1 
ATOM   951  C  C   . ASN A 1 138 ? 4.99806   9.09529   -14.07478 1.000 21.28730 ? 137  ASN A C   1 
ATOM   952  O  O   . ASN A 1 138 ? 5.44623   7.96536   -13.85703 1.000 21.38580 ? 137  ASN A O   1 
ATOM   953  C  CB  . ASN A 1 138 ? 5.68756   11.02422  -15.60840 1.000 22.77698 ? 137  ASN A CB  1 
ATOM   954  C  CG  . ASN A 1 138 ? 5.90780   10.14000  -16.84260 1.000 29.11181 ? 137  ASN A CG  1 
ATOM   955  O  OD1 . ASN A 1 138 ? 5.84366   8.91432   -16.77650 1.000 25.08418 ? 137  ASN A OD1 1 
ATOM   956  N  ND2 . ASN A 1 138 ? 6.13683   10.78498  -17.99438 1.000 33.24179 ? 137  ASN A ND2 1 
ATOM   957  N  N   . TYR A 1 139 ? 3.68500   9.33044   -14.14765 1.000 22.31463 ? 138  TYR A N   1 
ATOM   958  C  CA  . TYR A 1 139 ? 2.74317   8.26642   -13.79816 1.000 24.57753 ? 138  TYR A CA  1 
ATOM   959  C  C   . TYR A 1 139 ? 2.86919   7.08385   -14.74298 1.000 27.55013 ? 138  TYR A C   1 
ATOM   960  O  O   . TYR A 1 139 ? 2.84778   5.92628   -14.30700 1.000 27.74947 ? 138  TYR A O   1 
ATOM   961  C  CB  . TYR A 1 139 ? 1.30046   8.77955   -13.80345 1.000 29.87563 ? 138  TYR A CB  1 
ATOM   962  C  CG  . TYR A 1 139 ? 0.28660   7.67000   -13.54165 1.000 40.23889 ? 138  TYR A CG  1 
ATOM   963  C  CD1 . TYR A 1 139 ? 0.25763   7.00730   -12.31500 1.000 36.24494 ? 138  TYR A CD1 1 
ATOM   964  C  CD2 . TYR A 1 139 ? -0.61971  7.27496   -14.51691 1.000 39.50420 ? 138  TYR A CD2 1 
ATOM   965  C  CE1 . TYR A 1 139 ? -0.64146  6.00506   -12.06276 1.000 40.40888 ? 138  TYR A CE1 1 
ATOM   966  C  CE2 . TYR A 1 139 ? -1.53610  6.26368   -14.27042 1.000 40.83506 ? 138  TYR A CE2 1 
ATOM   967  C  CZ  . TYR A 1 139 ? -1.53983  5.63359   -13.03874 1.000 46.24068 ? 138  TYR A CZ  1 
ATOM   968  O  OH  . TYR A 1 139 ? -2.43118  4.62066   -12.77595 1.000 46.78609 ? 138  TYR A OH  1 
ATOM   969  N  N   . GLU A 1 140 ? 2.97778   7.35507   -16.04371 1.000 24.46607 ? 139  GLU A N   1 
ATOM   970  C  CA  . GLU A 1 140 ? 3.02554   6.27305   -17.01673 1.000 28.51897 ? 139  GLU A CA  1 
ATOM   971  C  C   . GLU A 1 140 ? 4.27217   5.42804   -16.81833 1.000 27.34440 ? 139  GLU A C   1 
ATOM   972  O  O   . GLU A 1 140 ? 4.22653   4.19516   -16.90775 1.000 31.66747 ? 139  GLU A O   1 
ATOM   973  C  CB  . GLU A 1 140 ? 2.97153   6.85425   -18.43326 1.000 33.08065 ? 139  GLU A CB  1 
ATOM   974  C  CG  . GLU A 1 140 ? 3.40729   5.88457   -19.50362 1.000 35.48801 ? 139  GLU A CG  1 
ATOM   975  C  CD  . GLU A 1 140 ? 2.30263   4.92207   -19.88240 1.000 43.85316 ? 139  GLU A CD  1 
ATOM   976  O  OE1 . GLU A 1 140 ? 1.66740   5.11780   -20.94354 1.000 58.30572 ? 139  GLU A OE1 1 
ATOM   977  O  OE2 . GLU A 1 140 ? 2.05532   3.97148   -19.11805 1.000 47.38658 ? 139  GLU A OE2 1 
ATOM   978  N  N   . GLU A 1 141 ? 5.39379   6.08167   -16.52998 1.000 25.18594 ? 140  GLU A N   1 
ATOM   979  C  CA  . GLU A 1 141 ? 6.61963   5.36865   -16.21531 1.000 24.55514 ? 140  GLU A CA  1 
ATOM   980  C  C   . GLU A 1 141 ? 6.49444   4.62398   -14.89366 1.000 27.28638 ? 140  GLU A C   1 
ATOM   981  O  O   . GLU A 1 141 ? 7.04484   3.52880   -14.72936 1.000 23.03111 ? 140  GLU A O   1 
ATOM   982  C  CB  . GLU A 1 141 ? 7.78116   6.36468   -16.15966 1.000 23.01757 ? 140  GLU A CB  1 
ATOM   983  C  CG  . GLU A 1 141 ? 8.09149   7.04341   -17.49301 1.000 22.56283 ? 140  GLU A CG  1 
ATOM   984  C  CD  . GLU A 1 141 ? 9.04029   8.22374   -17.33847 1.000 25.70001 ? 140  GLU A CD  1 
ATOM   985  O  OE1 . GLU A 1 141 ? 9.32042   8.61452   -16.18537 1.000 20.65342 ? 140  GLU A OE1 1 
ATOM   986  O  OE2 . GLU A 1 141 ? 9.51131   8.74980   -18.36807 1.000 22.95447 ? 140  GLU A OE2 1 
ATOM   987  N  N   . PHE A 1 142 ? 5.81503   5.23056   -13.92207 1.000 22.22449 ? 141  PHE A N   1 
ATOM   988  C  CA  . PHE A 1 142 ? 5.56940   4.55382   -12.65373 1.000 23.30802 ? 141  PHE A CA  1 
ATOM   989  C  C   . PHE A 1 142 ? 4.84523   3.22500   -12.88003 1.000 29.66688 ? 141  PHE A C   1 
ATOM   990  O  O   . PHE A 1 142 ? 5.31850   2.16663   -12.44908 1.000 28.78137 ? 141  PHE A O   1 
ATOM   991  C  CB  . PHE A 1 142 ? 4.77484   5.48671   -11.74047 1.000 23.57270 ? 141  PHE A CB  1 
ATOM   992  C  CG  . PHE A 1 142 ? 4.48012   4.92166   -10.36824 1.000 26.69884 ? 141  PHE A CG  1 
ATOM   993  C  CD1 . PHE A 1 142 ? 5.43958   4.97366   -9.35425  1.000 17.18586 ? 141  PHE A CD1 1 
ATOM   994  C  CD2 . PHE A 1 142 ? 3.23146   4.38710   -10.08405 1.000 24.56862 ? 141  PHE A CD2 1 
ATOM   995  C  CE1 . PHE A 1 142 ? 5.16909   4.46775   -8.09011  1.000 22.93204 ? 141  PHE A CE1 1 
ATOM   996  C  CE2 . PHE A 1 142 ? 2.94405   3.88939   -8.81216  1.000 25.41687 ? 141  PHE A CE2 1 
ATOM   997  C  CZ  . PHE A 1 142 ? 3.91801   3.93139   -7.81862  1.000 23.99188 ? 141  PHE A CZ  1 
ATOM   998  N  N   . VAL A 1 143 ? 3.71674   3.25065   -13.60357 1.000 30.99109 ? 142  VAL A N   1 
ATOM   999  C  CA  . VAL A 1 143 ? 2.92354   2.02880   -13.75059 1.000 25.22469 ? 142  VAL A CA  1 
ATOM   1000 C  C   . VAL A 1 143 ? 3.70531   0.97598   -14.51671 1.000 28.04777 ? 142  VAL A C   1 
ATOM   1001 O  O   . VAL A 1 143 ? 3.67512   -0.20347  -14.16524 1.000 39.19312 ? 142  VAL A O   1 
ATOM   1002 C  CB  . VAL A 1 143 ? 1.55500   2.31365   -14.40496 1.000 37.68899 ? 142  VAL A CB  1 
ATOM   1003 C  CG1 . VAL A 1 143 ? 0.84905   3.45433   -13.71227 1.000 33.77979 ? 142  VAL A CG1 1 
ATOM   1004 C  CG2 . VAL A 1 143 ? 1.68595   2.58771   -15.87640 1.000 42.05214 ? 142  VAL A CG2 1 
ATOM   1005 N  N   . GLN A 1 144 ? 4.45912   1.38308   -15.54050 1.000 29.62265 ? 143  GLN A N   1 
ATOM   1006 C  CA  . GLN A 1 144 ? 5.25603   0.41122   -16.27698 1.000 29.86232 ? 143  GLN A CA  1 
ATOM   1007 C  C   . GLN A 1 144 ? 6.30226   -0.23334  -15.38274 1.000 32.76053 ? 143  GLN A C   1 
ATOM   1008 O  O   . GLN A 1 144 ? 6.56163   -1.43577  -15.48496 1.000 39.97475 ? 143  GLN A O   1 
ATOM   1009 C  CB  . GLN A 1 144 ? 5.92739   1.07092   -17.47218 1.000 34.48758 ? 143  GLN A CB  1 
ATOM   1010 C  CG  . GLN A 1 144 ? 5.11806   0.98240   -18.74698 1.000 34.98874 ? 143  GLN A CG  1 
ATOM   1011 C  CD  . GLN A 1 144 ? 5.48535   2.08456   -19.69691 1.000 41.98552 ? 143  GLN A CD  1 
ATOM   1012 O  OE1 . GLN A 1 144 ? 6.04941   1.84976   -20.76236 1.000 44.94935 ? 143  GLN A OE1 1 
ATOM   1013 N  NE2 . GLN A 1 144 ? 5.19098   3.31366   -19.29928 1.000 49.53943 ? 143  GLN A NE2 1 
ATOM   1014 N  N   . MET A 1 145 ? 6.93321   0.55501   -14.51303 1.000 32.42919 ? 144  MET A N   1 
ATOM   1015 C  CA  . MET A 1 145 ? 7.89476   -0.01701  -13.58389 1.000 30.34306 ? 144  MET A CA  1 
ATOM   1016 C  C   . MET A 1 145 ? 7.22335   -1.05150  -12.68688 1.000 34.83841 ? 144  MET A C   1 
ATOM   1017 O  O   . MET A 1 145 ? 7.80576   -2.10136  -12.39114 1.000 37.07269 ? 144  MET A O   1 
ATOM   1018 C  CB  . MET A 1 145 ? 8.54257   1.10025   -12.76126 1.000 27.36797 ? 144  MET A CB  1 
ATOM   1019 C  CG  . MET A 1 145 ? 9.48929   0.62530   -11.68066 1.000 27.77231 ? 144  MET A CG  1 
ATOM   1020 S  SD  . MET A 1 145 ? 10.76066  -0.49198  -12.29273 1.000 29.94246 ? 144  MET A SD  1 
ATOM   1021 C  CE  . MET A 1 145 ? 11.59082  0.53075   -13.48835 1.000 23.95601 ? 144  MET A CE  1 
ATOM   1022 N  N   . MET A 1 146 ? 5.97617   -0.79286  -12.28189 1.000 29.87368 ? 145  MET A N   1 
ATOM   1023 C  CA  . MET A 1 146 ? 5.29471   -1.69663  -11.36420 1.000 34.99180 ? 145  MET A CA  1 
ATOM   1024 C  C   . MET A 1 146 ? 4.82233   -2.98148  -12.04287 1.000 36.46720 ? 145  MET A C   1 
ATOM   1025 O  O   . MET A 1 146 ? 4.56073   -3.97138  -11.35204 1.000 41.53051 ? 145  MET A O   1 
ATOM   1026 C  CB  . MET A 1 146 ? 4.13662   -0.96175  -10.69888 1.000 28.74888 ? 145  MET A CB  1 
ATOM   1027 C  CG  . MET A 1 146 ? 4.59798   0.15275   -9.74854  1.000 28.68073 ? 145  MET A CG  1 
ATOM   1028 S  SD  . MET A 1 146 ? 6.00744   -0.33334  -8.70118  1.000 31.86174 ? 145  MET A SD  1 
ATOM   1029 C  CE  . MET A 1 146 ? 6.09744   1.03828   -7.56003  1.000 16.59188 ? 145  MET A CE  1 
ATOM   1030 N  N   . THR A 1 147 ? 4.75418   -3.01222  -13.36962 1.000 39.56721 ? 146  THR A N   1 
ATOM   1031 C  CA  . THR A 1 147 ? 4.35160   -4.22572  -14.07876 1.000 43.95519 ? 146  THR A CA  1 
ATOM   1032 C  C   . THR A 1 147 ? 5.45630   -5.28984  -14.00321 1.000 43.83715 ? 146  THR A C   1 
ATOM   1033 O  O   . THR A 1 147 ? 6.51910   -5.06395  -13.41141 1.000 38.58673 ? 146  THR A O   1 
ATOM   1034 C  CB  . THR A 1 147 ? 4.02305   -3.94559  -15.56379 1.000 40.70426 ? 146  THR A CB  1 
ATOM   1035 O  OG1 . THR A 1 147 ? 5.23190   -3.63317  -16.27570 1.000 44.53192 ? 146  THR A OG1 1 
ATOM   1036 C  CG2 . THR A 1 147 ? 3.04966   -2.79757  -15.69559 1.000 34.98201 ? 146  THR A CG2 1 
ATOM   1037 N  N   . SER B 2 5   ? 19.35432  -4.74200  -11.61866 1.000 50.86064 ? 3615 SER B N   1 
ATOM   1038 C  CA  . SER B 2 5   ? 18.03823  -4.12143  -11.78051 1.000 36.97044 ? 3615 SER B CA  1 
ATOM   1039 C  C   . SER B 2 5   ? 17.36493  -3.78831  -10.43752 1.000 46.59277 ? 3615 SER B C   1 
ATOM   1040 O  O   . SER B 2 5   ? 17.45809  -4.54640  -9.46761  1.000 48.32440 ? 3615 SER B O   1 
ATOM   1041 C  CB  . SER B 2 5   ? 17.11706  -5.01957  -12.59433 1.000 36.28937 ? 3615 SER B CB  1 
ATOM   1042 O  OG  . SER B 2 5   ? 15.77278  -4.55613  -12.50502 1.000 35.22940 ? 3615 SER B OG  1 
ATOM   1043 N  N   . LYS B 2 6   ? 16.66512  -2.65403  -10.40286 1.000 42.26925 ? 3616 LYS B N   1 
ATOM   1044 C  CA  . LYS B 2 6   ? 16.06410  -2.13193  -9.18225  1.000 31.95361 ? 3616 LYS B CA  1 
ATOM   1045 C  C   . LYS B 2 6   ? 14.54205  -2.21030  -9.20286  1.000 26.47191 ? 3616 LYS B C   1 
ATOM   1046 O  O   . LYS B 2 6   ? 13.88239  -1.62677  -8.33228  1.000 25.44860 ? 3616 LYS B O   1 
ATOM   1047 C  CB  . LYS B 2 6   ? 16.53245  -0.69187  -8.95796  1.000 38.00609 ? 3616 LYS B CB  1 
ATOM   1048 C  CG  . LYS B 2 6   ? 18.05022  -0.49444  -9.13533  1.000 31.55575 ? 3616 LYS B CG  1 
ATOM   1049 C  CD  . LYS B 2 6   ? 18.81023  -0.93850  -7.88643  1.000 42.41413 ? 3616 LYS B CD  1 
ATOM   1050 C  CE  . LYS B 2 6   ? 20.12811  -1.62296  -8.23523  1.000 48.70682 ? 3616 LYS B CE  1 
ATOM   1051 N  NZ  . LYS B 2 6   ? 19.94099  -3.08710  -8.50105  1.000 53.28066 ? 3616 LYS B NZ  1 
ATOM   1052 N  N   . LYS B 2 7   ? 13.97234  -2.93128  -10.17070 1.000 27.49179 ? 3617 LYS B N   1 
ATOM   1053 C  CA  . LYS B 2 7   ? 12.53554  -3.18435  -10.18809 1.000 26.53288 ? 3617 LYS B CA  1 
ATOM   1054 C  C   . LYS B 2 7   ? 12.04360  -3.80119  -8.88148  1.000 24.99642 ? 3617 LYS B C   1 
ATOM   1055 O  O   . LYS B 2 7   ? 10.92411  -3.50891  -8.44068  1.000 21.06943 ? 3617 LYS B O   1 
ATOM   1056 C  CB  . LYS B 2 7   ? 12.19954  -4.09329  -11.37138 1.000 27.73582 ? 3617 LYS B CB  1 
ATOM   1057 C  CG  . LYS B 2 7   ? 10.71310  -4.22718  -11.67555 1.000 35.07917 ? 3617 LYS B CG  1 
ATOM   1058 C  CD  . LYS B 2 7   ? 10.49873  -5.00206  -12.97369 1.000 41.84820 ? 3617 LYS B CD  1 
ATOM   1059 C  CE  . LYS B 2 7   ? 10.51737  -4.07659  -14.18935 1.000 39.71534 ? 3617 LYS B CE  1 
ATOM   1060 N  NZ  . LYS B 2 7   ? 9.18789   -3.40994  -14.40058 1.000 41.93904 ? 3617 LYS B NZ  1 
ATOM   1061 N  N   . ALA B 2 8   ? 12.86634  -4.64346  -8.24092  1.000 21.83001 ? 3618 ALA B N   1 
ATOM   1062 C  CA  . ALA B 2 8   ? 12.46326  -5.26605  -6.98248  1.000 21.42907 ? 3618 ALA B CA  1 
ATOM   1063 C  C   . ALA B 2 8   ? 12.24554  -4.23221  -5.88478  1.000 21.90607 ? 3618 ALA B C   1 
ATOM   1064 O  O   . ALA B 2 8   ? 11.27201  -4.31769  -5.12783  1.000 21.15351 ? 3618 ALA B O   1 
ATOM   1065 C  CB  . ALA B 2 8   ? 13.50389  -6.29028  -6.53891  1.000 25.74289 ? 3618 ALA B CB  1 
ATOM   1066 N  N   . VAL B 2 9   ? 13.15462  -3.25873  -5.76942  1.000 22.77659 ? 3619 VAL B N   1 
ATOM   1067 C  CA  . VAL B 2 9   ? 13.00473  -2.21375  -4.75994  1.000 21.87961 ? 3619 VAL B CA  1 
ATOM   1068 C  C   . VAL B 2 9   ? 11.73098  -1.41409  -5.00882  1.000 20.64381 ? 3619 VAL B C   1 
ATOM   1069 O  O   . VAL B 2 9   ? 10.95199  -1.15076  -4.08909  1.000 20.42684 ? 3619 VAL B O   1 
ATOM   1070 C  CB  . VAL B 2 9   ? 14.24041  -1.29816  -4.73996  1.000 21.69990 ? 3619 VAL B CB  1 
ATOM   1071 C  CG1 . VAL B 2 9   ? 14.07093  -0.24194  -3.65903  1.000 20.27206 ? 3619 VAL B CG1 1 
ATOM   1072 C  CG2 . VAL B 2 9   ? 15.48748  -2.11597  -4.49352  1.000 29.78025 ? 3619 VAL B CG2 1 
ATOM   1073 N  N   . TRP B 2 10  ? 11.51252  -1.00170  -6.25865  1.000 17.82564 ? 3620 TRP B N   1 
ATOM   1074 C  CA  . TRP B 2 10  ? 10.27516  -0.31784  -6.61244  1.000 21.82487 ? 3620 TRP B CA  1 
ATOM   1075 C  C   . TRP B 2 10  ? 9.05315   -1.14505  -6.21109  1.000 21.92208 ? 3620 TRP B C   1 
ATOM   1076 O  O   . TRP B 2 10  ? 8.09726   -0.62468  -5.62933  1.000 20.50486 ? 3620 TRP B O   1 
ATOM   1077 C  CB  . TRP B 2 10  ? 10.24967  -0.04481  -8.11424  1.000 20.95792 ? 3620 TRP B CB  1 
ATOM   1078 C  CG  . TRP B 2 10  ? 10.93448  1.18746   -8.62160  1.000 19.92129 ? 3620 TRP B CG  1 
ATOM   1079 C  CD1 . TRP B 2 10  ? 12.04177  1.23457   -9.41857  1.000 17.15614 ? 3620 TRP B CD1 1 
ATOM   1080 C  CD2 . TRP B 2 10  ? 10.51774  2.54822   -8.42977  1.000 15.82034 ? 3620 TRP B CD2 1 
ATOM   1081 N  NE1 . TRP B 2 10  ? 12.34593  2.54652   -9.73053  1.000 19.85176 ? 3620 TRP B NE1 1 
ATOM   1082 C  CE2 . TRP B 2 10  ? 11.41600  3.36690   -9.14534  1.000 18.55716 ? 3620 TRP B CE2 1 
ATOM   1083 C  CE3 . TRP B 2 10  ? 9.46397   3.15149   -7.73739  1.000 16.01167 ? 3620 TRP B CE3 1 
ATOM   1084 C  CZ2 . TRP B 2 10  ? 11.29911  4.75909   -9.17288  1.000 18.03851 ? 3620 TRP B CZ2 1 
ATOM   1085 C  CZ3 . TRP B 2 10  ? 9.35555   4.53438   -7.75711  1.000 16.22915 ? 3620 TRP B CZ3 1 
ATOM   1086 C  CH2 . TRP B 2 10  ? 10.26409  5.32062   -8.47078  1.000 14.71691 ? 3620 TRP B CH2 1 
ATOM   1087 N  N   . HIS B 2 11  ? 9.07556   -2.44724  -6.50362  1.000 19.02202 ? 3621 HIS B N   1 
ATOM   1088 C  CA  . HIS B 2 11  ? 7.93939   -3.28951  -6.14569  1.000 25.17153 ? 3621 HIS B CA  1 
ATOM   1089 C  C   . HIS B 2 11  ? 7.77279   -3.40272  -4.63592  1.000 23.61634 ? 3621 HIS B C   1 
ATOM   1090 O  O   . HIS B 2 11  ? 6.63964   -3.44863  -4.14313  1.000 21.49942 ? 3621 HIS B O   1 
ATOM   1091 C  CB  . HIS B 2 11  ? 8.08201   -4.67309  -6.77947  1.000 31.17025 ? 3621 HIS B CB  1 
ATOM   1092 C  CG  . HIS B 2 11  ? 7.66925   -4.71274  -8.22069  1.000 31.16652 ? 3621 HIS B CG  1 
ATOM   1093 N  ND1 . HIS B 2 11  ? 7.18662   -5.84952  -8.82918  1.000 39.69557 ? 3621 HIS B ND1 1 
ATOM   1094 C  CD2 . HIS B 2 11  ? 7.67187   -3.74925  -9.17457  1.000 32.93116 ? 3621 HIS B CD2 1 
ATOM   1095 C  CE1 . HIS B 2 11  ? 6.90904   -5.58738  -10.09543 1.000 38.33603 ? 3621 HIS B CE1 1 
ATOM   1096 N  NE2 . HIS B 2 11  ? 7.18812   -4.31806  -10.32899 1.000 35.98992 ? 3621 HIS B NE2 1 
ATOM   1097 N  N   . LYS B 2 12  ? 8.88163   -3.43183  -3.88131  1.000 21.89678 ? 3622 LYS B N   1 
ATOM   1098 C  CA  . LYS B 2 12  ? 8.77041   -3.53149  -2.42178  1.000 21.76612 ? 3622 LYS B CA  1 
ATOM   1099 C  C   . LYS B 2 12  ? 8.16267   -2.26724  -1.81188  1.000 21.34493 ? 3622 LYS B C   1 
ATOM   1100 O  O   . LYS B 2 12  ? 7.34161   -2.34762  -0.88937  1.000 24.17159 ? 3622 LYS B O   1 
ATOM   1101 C  CB  . LYS B 2 12  ? 10.13554  -3.83295  -1.79765  1.000 24.30957 ? 3622 LYS B CB  1 
ATOM   1102 C  CG  . LYS B 2 12  ? 10.13700  -3.84707  -0.27741  1.000 34.23990 ? 3622 LYS B CG  1 
ATOM   1103 C  CD  . LYS B 2 12  ? 11.49542  -3.49867  0.33587   1.000 36.97773 ? 3622 LYS B CD  1 
ATOM   1104 C  CE  . LYS B 2 12  ? 11.41169  -3.55806  1.86853   1.000 51.08906 ? 3622 LYS B CE  1 
ATOM   1105 N  NZ  . LYS B 2 12  ? 11.44567  -2.20000  2.53501   1.000 46.19462 ? 3622 LYS B NZ  1 
ATOM   1106 N  N   . LEU B 2 13  ? 8.54141   -1.09593  -2.31531  1.000 19.07268 ? 3623 LEU B N   1 
ATOM   1107 C  CA  . LEU B 2 13  ? 7.89909   0.14123   -1.87767  1.000 22.86224 ? 3623 LEU B CA  1 
ATOM   1108 C  C   . LEU B 2 13  ? 6.39834   0.11594   -2.14894  1.000 18.01351 ? 3623 LEU B C   1 
ATOM   1109 O  O   . LEU B 2 13  ? 5.60333   0.47981   -1.28266  1.000 16.58188 ? 3623 LEU B O   1 
ATOM   1110 C  CB  . LEU B 2 13  ? 8.53986   1.34250   -2.57099  1.000 18.48340 ? 3623 LEU B CB  1 
ATOM   1111 C  CG  . LEU B 2 13  ? 10.03022  1.54204   -2.27967  1.000 24.70076 ? 3623 LEU B CG  1 
ATOM   1112 C  CD1 . LEU B 2 13  ? 10.54345  2.74970   -3.05715  1.000 15.99310 ? 3623 LEU B CD1 1 
ATOM   1113 C  CD2 . LEU B 2 13  ? 10.22596  1.70728   -0.78467  1.000 16.16385 ? 3623 LEU B CD2 1 
ATOM   1114 N  N   . LEU B 2 14  ? 5.99445   -0.30432  -3.35504  1.000 22.39519 ? 3624 LEU B N   1 
ATOM   1115 C  CA  . LEU B 2 14  ? 4.56910   -0.36968  -3.68447  1.000 24.65842 ? 3624 LEU B CA  1 
ATOM   1116 C  C   . LEU B 2 14  ? 3.82099   -1.31794  -2.75506  1.000 23.18186 ? 3624 LEU B C   1 
ATOM   1117 O  O   . LEU B 2 14  ? 2.73466   -0.98948  -2.27175  1.000 20.60351 ? 3624 LEU B O   1 
ATOM   1118 C  CB  . LEU B 2 14  ? 4.36293   -0.80324  -5.13247  1.000 24.65931 ? 3624 LEU B CB  1 
ATOM   1119 C  CG  . LEU B 2 14  ? 2.89441   -0.94497  -5.55065  1.000 28.74621 ? 3624 LEU B CG  1 
ATOM   1120 C  CD1 . LEU B 2 14  ? 2.10320   0.33774   -5.33351  1.000 29.23552 ? 3624 LEU B CD1 1 
ATOM   1121 C  CD2 . LEU B 2 14  ? 2.80120   -1.36438  -7.00074  1.000 30.08677 ? 3624 LEU B CD2 1 
ATOM   1122 N  N   . SER B 2 15  ? 4.37939   -2.51078  -2.51521  1.000 22.52773 ? 3625 SER B N   1 
ATOM   1123 C  CA  . SER B 2 15  ? 3.76654   -3.46031  -1.58469  1.000 30.41331 ? 3625 SER B CA  1 
ATOM   1124 C  C   . SER B 2 15  ? 3.59437   -2.84138  -0.20555  1.000 20.01281 ? 3625 SER B C   1 
ATOM   1125 O  O   . SER B 2 15  ? 2.51660   -2.91111  0.39080   1.000 19.67714 ? 3625 SER B O   1 
ATOM   1126 C  CB  . SER B 2 15  ? 4.62269   -4.72719  -1.48359  1.000 29.40656 ? 3625 SER B CB  1 
ATOM   1127 O  OG  . SER B 2 15  ? 4.92389   -5.22433  -2.77731  1.000 43.95637 ? 3625 SER B OG  1 
ATOM   1128 N  N   . LYS B 2 16  ? 4.65262   -2.22472  0.31570   1.000 23.92582 ? 3626 LYS B N   1 
ATOM   1129 C  CA  . LYS B 2 16  ? 4.55261   -1.60137  1.62861   1.000 25.30171 ? 3626 LYS B CA  1 
ATOM   1130 C  C   . LYS B 2 16  ? 3.54289   -0.46639  1.62291   1.000 19.30056 ? 3626 LYS B C   1 
ATOM   1131 O  O   . LYS B 2 16  ? 2.72816   -0.35819  2.54120   1.000 19.22579 ? 3626 LYS B O   1 
ATOM   1132 C  CB  . LYS B 2 16  ? 5.91741   -1.09943  2.09338   1.000 23.59752 ? 3626 LYS B CB  1 
ATOM   1133 C  CG  . LYS B 2 16  ? 6.86213   -2.19898  2.51979   1.000 29.37728 ? 3626 LYS B CG  1 
ATOM   1134 C  CD  . LYS B 2 16  ? 7.92830   -1.64667  3.44523   1.000 37.25718 ? 3626 LYS B CD  1 
ATOM   1135 C  CE  . LYS B 2 16  ? 8.70497   -2.77823  4.10463   1.000 47.47617 ? 3626 LYS B CE  1 
ATOM   1136 N  NZ  . LYS B 2 16  ? 7.78769   -3.79006  4.72340   1.000 52.47227 ? 3626 LYS B NZ  1 
ATOM   1137 N  N   . GLN B 2 17  ? 3.57819   0.39096   0.59720   1.000 22.94646 ? 3627 GLN B N   1 
ATOM   1138 C  CA  . GLN B 2 17  ? 2.61333   1.48649   0.52654   1.000 21.75814 ? 3627 GLN B CA  1 
ATOM   1139 C  C   . GLN B 2 17  ? 1.18283   0.96470   0.49436   1.000 21.35609 ? 3627 GLN B C   1 
ATOM   1140 O  O   . GLN B 2 17  ? 0.29452   1.53327   1.14105   1.000 22.44091 ? 3627 GLN B O   1 
ATOM   1141 C  CB  . GLN B 2 17  ? 2.88699   2.36255   -0.69591  1.000 22.15109 ? 3627 GLN B CB  1 
ATOM   1142 C  CG  . GLN B 2 17  ? 2.58298   3.82643   -0.46633  1.000 31.46705 ? 3627 GLN B CG  1 
ATOM   1143 C  CD  . GLN B 2 17  ? 1.13977   4.06044   -0.10907  1.000 39.35012 ? 3627 GLN B CD  1 
ATOM   1144 O  OE1 . GLN B 2 17  ? 0.80945   4.49703   1.01617   1.000 32.04624 ? 3627 GLN B OE1 1 
ATOM   1145 N  NE2 . GLN B 2 17  ? 0.25079   3.73701   -1.05284  1.000 31.23707 ? 3627 GLN B NE2 1 
ATOM   1146 N  N   . ARG B 2 18  ? 0.93298   -0.10454  -0.26897  1.000 20.36525 ? 3628 ARG B N   1 
ATOM   1147 C  CA  . ARG B 2 18  ? -0.41002  -0.67512  -0.29756  1.000 21.01802 ? 3628 ARG B CA  1 
ATOM   1148 C  C   . ARG B 2 18  ? -0.81203  -1.17277  1.08265   1.000 19.88224 ? 3628 ARG B C   1 
ATOM   1149 O  O   . ARG B 2 18  ? -1.94830  -0.96301  1.51104   1.000 21.82137 ? 3628 ARG B O   1 
ATOM   1150 C  CB  . ARG B 2 18  ? -0.50423  -1.81698  -1.31854  1.000 23.36792 ? 3628 ARG B CB  1 
ATOM   1151 C  CG  . ARG B 2 18  ? -0.25919  -1.43904  -2.77367  1.000 30.14927 ? 3628 ARG B CG  1 
ATOM   1152 C  CD  . ARG B 2 18  ? -0.80679  -2.50931  -3.71139  1.000 32.65740 ? 3628 ARG B CD  1 
ATOM   1153 N  NE  . ARG B 2 18  ? -2.26895  -2.46601  -3.78914  1.000 52.72605 ? 3628 ARG B NE  1 
ATOM   1154 C  CZ  . ARG B 2 18  ? -3.01717  -3.33206  -4.47235  1.000 48.19043 ? 3628 ARG B CZ  1 
ATOM   1155 N  NH1 . ARG B 2 18  ? -2.44575  -4.32953  -5.12907  1.000 57.06145 ? 3628 ARG B NH1 1 
ATOM   1156 N  NH2 . ARG B 2 18  ? -4.33776  -3.20685  -4.48964  1.000 43.87842 ? 3628 ARG B NH2 1 
ATOM   1157 N  N   . LYS B 2 19  ? 0.11180   -1.82352  1.79883   1.000 21.94649 ? 3629 LYS B N   1 
ATOM   1158 C  CA  . LYS B 2 19  ? -0.19268  -2.28770  3.15246   1.000 20.96181 ? 3629 LYS B CA  1 
ATOM   1159 C  C   . LYS B 2 19  ? -0.49523  -1.10895  4.06012   1.000 22.86273 ? 3629 LYS B C   1 
ATOM   1160 O  O   . LYS B 2 19  ? -1.48597  -1.11459  4.79724   1.000 19.44472 ? 3629 LYS B O   1 
ATOM   1161 C  CB  . LYS B 2 19  ? 0.97597   -3.09991  3.71965   1.000 20.68017 ? 3629 LYS B CB  1 
ATOM   1162 C  CG  . LYS B 2 19  ? 1.22048   -4.44614  3.06035   1.000 22.02511 ? 3629 LYS B CG  1 
ATOM   1163 C  CD  . LYS B 2 19  ? 2.46050   -5.12127  3.65737   1.000 19.74673 ? 3629 LYS B CD  1 
ATOM   1164 C  CE  . LYS B 2 19  ? 2.78977   -6.42904  2.95314   1.000 20.02558 ? 3629 LYS B CE  1 
ATOM   1165 N  NZ  . LYS B 2 19  ? 4.15701   -6.89586  3.32440   1.000 23.37419 ? 3629 LYS B NZ  1 
ATOM   1166 N  N   . ARG B 2 20  ? 0.35597   -0.07825  4.00491   1.000 19.71399 ? 3630 ARG B N   1 
ATOM   1167 C  CA  . ARG B 2 20  ? 0.16665   1.10736   4.83143   1.000 20.88018 ? 3630 ARG B CA  1 
ATOM   1168 C  C   . ARG B 2 20  ? -1.18231  1.77206   4.55413   1.000 23.56038 ? 3630 ARG B C   1 
ATOM   1169 O  O   . ARG B 2 20  ? -1.85434  2.24042   5.47945   1.000 21.78386 ? 3630 ARG B O   1 
ATOM   1170 C  CB  . ARG B 2 20  ? 1.32824   2.07127   4.58025   1.000 21.94249 ? 3630 ARG B CB  1 
ATOM   1171 C  CG  . ARG B 2 20  ? 1.48312   3.16837   5.59602   1.000 27.55001 ? 3630 ARG B CG  1 
ATOM   1172 C  CD  . ARG B 2 20  ? 2.72652   3.98939   5.31708   1.000 25.56848 ? 3630 ARG B CD  1 
ATOM   1173 N  NE  . ARG B 2 20  ? 2.71628   4.52324   3.95636   1.000 23.09080 ? 3630 ARG B NE  1 
ATOM   1174 C  CZ  . ARG B 2 20  ? 3.55291   5.46022   3.52164   1.000 29.95929 ? 3630 ARG B CZ  1 
ATOM   1175 N  NH1 . ARG B 2 20  ? 4.45630   5.98244   4.35076   1.000 27.91740 ? 3630 ARG B NH1 1 
ATOM   1176 N  NH2 . ARG B 2 20  ? 3.47543   5.88960   2.27203   1.000 25.67747 ? 3630 ARG B NH2 1 
ATOM   1177 N  N   . ALA B 2 21  ? -1.60118  1.80559   3.28435   1.000 21.46844 ? 3631 ALA B N   1 
ATOM   1178 C  CA  . ALA B 2 21  ? -2.86965  2.43086   2.92647   1.000 20.88096 ? 3631 ALA B CA  1 
ATOM   1179 C  C   . ALA B 2 21  ? -4.06650  1.60606   3.39730   1.000 24.80836 ? 3631 ALA B C   1 
ATOM   1180 O  O   . ALA B 2 21  ? -5.10388  2.17319   3.74928   1.000 20.90856 ? 3631 ALA B O   1 
ATOM   1181 C  CB  . ALA B 2 21  ? -2.93035  2.65740   1.41266   1.000 20.97884 ? 3631 ALA B CB  1 
ATOM   1182 N  N   . VAL B 2 22  ? -3.95219  0.27609   3.41460   1.000 21.99630 ? 3632 VAL B N   1 
ATOM   1183 C  CA  . VAL B 2 22  ? -5.02425  -0.53900  3.98266   1.000 22.47404 ? 3632 VAL B CA  1 
ATOM   1184 C  C   . VAL B 2 22  ? -5.06410  -0.38622  5.49971   1.000 22.68892 ? 3632 VAL B C   1 
ATOM   1185 O  O   . VAL B 2 22  ? -6.14267  -0.31841  6.10164   1.000 21.94017 ? 3632 VAL B O   1 
ATOM   1186 C  CB  . VAL B 2 22  ? -4.86507  -2.01326  3.56906   1.000 21.81232 ? 3632 VAL B CB  1 
ATOM   1187 C  CG1 . VAL B 2 22  ? -5.86662  -2.87855  4.32114   1.000 22.16078 ? 3632 VAL B CG1 1 
ATOM   1188 C  CG2 . VAL B 2 22  ? -5.06783  -2.17833  2.05827   1.000 22.40704 ? 3632 VAL B CG2 1 
ATOM   1189 N  N   . VAL B 2 23  ? -3.89844  -0.33585  6.14593   1.000 19.10383 ? 3633 VAL B N   1 
ATOM   1190 C  CA  . VAL B 2 23  ? -3.88014  -0.07054  7.58127   1.000 22.78247 ? 3633 VAL B CA  1 
ATOM   1191 C  C   . VAL B 2 23  ? -4.58821  1.24619   7.87761   1.000 22.89170 ? 3633 VAL B C   1 
ATOM   1192 O  O   . VAL B 2 23  ? -5.42193  1.33241   8.78353   1.000 23.58066 ? 3633 VAL B O   1 
ATOM   1193 C  CB  . VAL B 2 23  ? -2.44167  -0.07207  8.12144   1.000 22.08302 ? 3633 VAL B CB  1 
ATOM   1194 C  CG1 . VAL B 2 23  ? -2.40965  0.50286   9.55102   1.000 22.41863 ? 3633 VAL B CG1 1 
ATOM   1195 C  CG2 . VAL B 2 23  ? -1.85354  -1.47975  8.09351   1.000 21.96670 ? 3633 VAL B CG2 1 
ATOM   1196 N  N   . ALA B 2 24  ? -4.28405  2.28410   7.09827   1.000 21.71032 ? 3634 ALA B N   1 
ATOM   1197 C  CA  . ALA B 2 24  ? -4.96794  3.56219   7.27195   1.000 27.21440 ? 3634 ALA B CA  1 
ATOM   1198 C  C   . ALA B 2 24  ? -6.48120  3.41557   7.12072   1.000 27.79149 ? 3634 ALA B C   1 
ATOM   1199 O  O   . ALA B 2 24  ? -7.24155  4.07220   7.83620   1.000 25.99764 ? 3634 ALA B O   1 
ATOM   1200 C  CB  . ALA B 2 24  ? -4.42169  4.58206   6.27687   1.000 24.72599 ? 3634 ALA B CB  1 
ATOM   1201 N  N   . CYS B 2 25  ? -6.93388  2.55333   6.20167   1.000 24.73351 ? 3635 CYS B N   1 
ATOM   1202 C  CA  A CYS B 2 25  ? -8.37174  2.34800   6.02318   0.433 27.81916 ? 3635 CYS B CA  1 
ATOM   1203 C  CA  B CYS B 2 25  ? -8.37022  2.35633   6.02667   0.567 27.80430 ? 3635 CYS B CA  1 
ATOM   1204 C  C   . CYS B 2 25  ? -8.99815  1.73083   7.26744   1.000 28.69070 ? 3635 CYS B C   1 
ATOM   1205 O  O   . CYS B 2 25  ? -10.05691 2.17639   7.72650   1.000 30.32275 ? 3635 CYS B O   1 
ATOM   1206 C  CB  A CYS B 2 25  ? -8.63139  1.46711   4.80283   0.433 28.80385 ? 3635 CYS B CB  1 
ATOM   1207 C  CB  B CYS B 2 25  ? -8.63840  1.49629   4.79624   0.567 28.68087 ? 3635 CYS B CB  1 
ATOM   1208 S  SG  A CYS B 2 25  ? -8.24041  2.26490   3.24534   0.433 32.61209 ? 3635 CYS B SG  1 
ATOM   1209 S  SG  B CYS B 2 25  ? -10.26009 1.79299   4.12691   0.567 35.85222 ? 3635 CYS B SG  1 
ATOM   1210 N  N   . PHE B 2 26  ? -8.36147  0.69148   7.82129   1.000 25.54402 ? 3636 PHE B N   1 
ATOM   1211 C  CA  . PHE B 2 26  ? -8.82239  0.12943   9.09154   1.000 27.76025 ? 3636 PHE B CA  1 
ATOM   1212 C  C   . PHE B 2 26  ? -8.89535  1.19893   10.16695  1.000 26.98666 ? 3636 PHE B C   1 
ATOM   1213 O  O   . PHE B 2 26  ? -9.86477  1.26366   10.92743  1.000 31.25975 ? 3636 PHE B O   1 
ATOM   1214 C  CB  . PHE B 2 26  ? -7.88616  -0.97714  9.55693   1.000 26.03905 ? 3636 PHE B CB  1 
ATOM   1215 C  CG  . PHE B 2 26  ? -8.14499  -2.28376  8.91132   1.000 31.03890 ? 3636 PHE B CG  1 
ATOM   1216 C  CD1 . PHE B 2 26  ? -7.25509  -2.80606  7.99276   1.000 27.19919 ? 3636 PHE B CD1 1 
ATOM   1217 C  CD2 . PHE B 2 26  ? -9.29569  -2.98616  9.20513   1.000 32.75340 ? 3636 PHE B CD2 1 
ATOM   1218 C  CE1 . PHE B 2 26  ? -7.50022  -4.01798  7.39429   1.000 27.34667 ? 3636 PHE B CE1 1 
ATOM   1219 C  CE2 . PHE B 2 26  ? -9.54080  -4.17328  8.60778   1.000 31.28522 ? 3636 PHE B CE2 1 
ATOM   1220 C  CZ  . PHE B 2 26  ? -8.64101  -4.70150  7.70409   1.000 27.92057 ? 3636 PHE B CZ  1 
ATOM   1221 N  N   . ARG B 2 27  ? -7.86667  2.04271   10.24296  1.000 31.81047 ? 3637 ARG B N   1 
ATOM   1222 C  CA  . ARG B 2 27  ? -7.81281  3.08522   11.25612  1.000 30.35549 ? 3637 ARG B CA  1 
ATOM   1223 C  C   . ARG B 2 27  ? -8.93590  4.09611   11.09599  1.000 34.16467 ? 3637 ARG B C   1 
ATOM   1224 O  O   . ARG B 2 27  ? -9.40904  4.65197   12.09138  1.000 38.94767 ? 3637 ARG B O   1 
ATOM   1225 C  CB  . ARG B 2 27  ? -6.45352  3.77832   11.19837  1.000 27.68079 ? 3637 ARG B CB  1 
ATOM   1226 C  CG  . ARG B 2 27  ? -5.47957  3.22164   12.20723  1.000 32.53691 ? 3637 ARG B CG  1 
ATOM   1227 C  CD  . ARG B 2 27  ? -4.05351  3.41832   11.79724  1.000 33.54591 ? 3637 ARG B CD  1 
ATOM   1228 N  NE  . ARG B 2 27  ? -3.16711  2.91189   12.83380  1.000 41.79641 ? 3637 ARG B NE  1 
ATOM   1229 C  CZ  . ARG B 2 27  ? -1.84790  2.86915   12.71868  1.000 49.45519 ? 3637 ARG B CZ  1 
ATOM   1230 N  NH1 . ARG B 2 27  ? -1.27081  3.31008   11.60452  1.000 44.15744 ? 3637 ARG B NH1 1 
ATOM   1231 N  NH2 . ARG B 2 27  ? -1.10908  2.39616   13.71724  1.000 42.26347 ? 3637 ARG B NH2 1 
ATOM   1232 N  N   . MET B 2 28  ? -9.38005  4.33434   9.86210   1.000 34.04438 ? 3638 MET B N   1 
ATOM   1233 C  CA  . MET B 2 28  ? -10.37321 5.35164   9.56286   1.000 35.19390 ? 3638 MET B CA  1 
ATOM   1234 C  C   . MET B 2 28  ? -11.80318 4.84021   9.59596   1.000 38.96315 ? 3638 MET B C   1 
ATOM   1235 O  O   . MET B 2 28  ? -12.72682 5.66096   9.61011   1.000 46.02157 ? 3638 MET B O   1 
ATOM   1236 C  CB  . MET B 2 28  ? -10.09690 5.95759   8.19359   1.000 27.12422 ? 3638 MET B CB  1 
ATOM   1237 C  CG  . MET B 2 28  ? -8.87771  6.83644   8.17967   1.000 31.49296 ? 3638 MET B CG  1 
ATOM   1238 S  SD  . MET B 2 28  ? -8.58185  7.47958   6.53528   1.000 40.71194 ? 3638 MET B SD  1 
ATOM   1239 C  CE  . MET B 2 28  ? -10.03356 8.51550   6.29387   1.000 38.07311 ? 3638 MET B CE  1 
ATOM   1240 N  N   . ALA B 2 29  ? -12.00766 3.52344   9.58127   1.000 47.67757 ? 3639 ALA B N   1 
ATOM   1241 C  CA  . ALA B 2 29  ? -13.33228 2.93010   9.78484   1.000 42.77747 ? 3639 ALA B CA  1 
ATOM   1242 C  C   . ALA B 2 29  ? -14.37925 3.49252   8.82435   1.000 46.31163 ? 3639 ALA B C   1 
ATOM   1243 O  O   . ALA B 2 29  ? -15.55550 3.60430   9.17100   1.000 47.35793 ? 3639 ALA B O   1 
ATOM   1244 C  CB  . ALA B 2 29  ? -13.77919 3.13218   11.23440  1.000 40.35910 ? 3639 ALA B CB  1 
HETATM 1245 CA CA  . CA  C 3 .   ? -5.93297  -15.40685 7.59488   1.000 21.12137 ? 201  CA  A CA  1 
HETATM 1246 CA CA  . CA  D 3 .   ? -16.40346 -11.32492 10.33744  1.000 26.83323 ? 202  CA  A CA  1 
HETATM 1247 CA CA  . CA  E 3 .   ? 6.69613   15.60880  -7.66862  1.000 20.63144 ? 203  CA  A CA  1 
HETATM 1248 CA CA  . CA  F 3 .   ? 10.65042  10.58855  -16.92124 1.000 21.28622 ? 204  CA  A CA  1 
HETATM 1249 O  O   . HOH G 4 .   ? 8.72113   -0.50660  18.06849  1.000 36.37215 ? 301  HOH A O   1 
HETATM 1250 O  O   . HOH G 4 .   ? 16.92292  -0.23685  -0.57436  1.000 28.50003 ? 302  HOH A O   1 
HETATM 1251 O  O   . HOH G 4 .   ? 6.84663   -2.16596  14.82348  1.000 37.10453 ? 303  HOH A O   1 
HETATM 1252 O  O   . HOH G 4 .   ? 24.79717  8.50539   -7.67039  1.000 33.48314 ? 304  HOH A O   1 
HETATM 1253 O  O   . HOH G 4 .   ? -6.54949  -14.53046 0.88964   1.000 31.77937 ? 305  HOH A O   1 
HETATM 1254 O  O   . HOH G 4 .   ? 24.11151  11.99894  -0.09541  1.000 29.51882 ? 306  HOH A O   1 
HETATM 1255 O  O   . HOH G 4 .   ? 12.36557  12.18291  -24.07843 1.000 25.68663 ? 307  HOH A O   1 
HETATM 1256 O  O   . HOH G 4 .   ? -2.27557  -13.84972 1.46249   1.000 22.80796 ? 308  HOH A O   1 
HETATM 1257 O  O   . HOH G 4 .   ? -5.48912  -18.29398 -0.13943  1.000 30.82366 ? 309  HOH A O   1 
HETATM 1258 O  O   . HOH G 4 .   ? -17.00778 -12.96202 8.72392   1.000 27.19810 ? 310  HOH A O   1 
HETATM 1259 O  O   . HOH G 4 .   ? -17.98141 -5.83626  14.75636  1.000 30.16406 ? 311  HOH A O   1 
HETATM 1260 O  O   . HOH G 4 .   ? 2.87139   19.39267  -13.38425 1.000 21.73351 ? 312  HOH A O   1 
HETATM 1261 O  O   . HOH G 4 .   ? 9.36963   18.23315  -7.42751  1.000 26.11526 ? 313  HOH A O   1 
HETATM 1262 O  O   . HOH G 4 .   ? 7.75828   11.49210  -1.60259  1.000 28.75881 ? 314  HOH A O   1 
HETATM 1263 O  O   . HOH G 4 .   ? 15.80816  5.23717   4.31356   1.000 25.21561 ? 315  HOH A O   1 
HETATM 1264 O  O   . HOH G 4 .   ? 16.53558  6.43271   -18.07761 1.000 25.26088 ? 316  HOH A O   1 
HETATM 1265 O  O   . HOH G 4 .   ? 8.60186   14.54323  -0.11031  1.000 34.26255 ? 317  HOH A O   1 
HETATM 1266 O  O   . HOH G 4 .   ? 11.39521  17.30066  -5.32303  1.000 20.91442 ? 318  HOH A O   1 
HETATM 1267 O  O   . HOH G 4 .   ? -12.82953 -16.51229 11.54109  1.000 35.47535 ? 319  HOH A O   1 
HETATM 1268 O  O   . HOH G 4 .   ? 8.80325   11.81870  -16.94151 1.000 24.02693 ? 320  HOH A O   1 
HETATM 1269 O  O   . HOH G 4 .   ? 2.59271   11.88057  -14.51067 1.000 24.86091 ? 321  HOH A O   1 
HETATM 1270 O  O   . HOH G 4 .   ? 5.46041   8.28834   2.15327   1.000 16.01340 ? 322  HOH A O   1 
HETATM 1271 O  O   . HOH G 4 .   ? 8.92522   3.00874   -16.49966 1.000 26.34367 ? 323  HOH A O   1 
HETATM 1272 O  O   . HOH G 4 .   ? 8.02242   17.14479  -3.19820  1.000 29.41286 ? 324  HOH A O   1 
HETATM 1273 O  O   . HOH G 4 .   ? -6.24406  -16.38753 9.73587   1.000 26.99145 ? 325  HOH A O   1 
HETATM 1274 O  O   . HOH G 4 .   ? -17.24992 -4.42946  6.70020   1.000 22.41169 ? 326  HOH A O   1 
HETATM 1275 O  O   . HOH G 4 .   ? 19.03398  10.43870  -3.97722  1.000 20.86003 ? 327  HOH A O   1 
HETATM 1276 O  O   . HOH G 4 .   ? -9.21627  -11.86790 15.01190  1.000 27.91495 ? 328  HOH A O   1 
HETATM 1277 O  O   . HOH G 4 .   ? -0.17153  -10.68221 8.54650   1.000 35.11756 ? 329  HOH A O   1 
HETATM 1278 O  O   . HOH G 4 .   ? 14.75477  13.92215  -9.43787  1.000 22.62170 ? 330  HOH A O   1 
HETATM 1279 O  O   . HOH G 4 .   ? 19.28628  2.29726   -13.69837 1.000 24.13920 ? 331  HOH A O   1 
HETATM 1280 O  O   . HOH G 4 .   ? -5.83485  -13.00600 16.08157  1.000 34.94687 ? 332  HOH A O   1 
HETATM 1281 O  O   . HOH G 4 .   ? -13.51060 -14.27267 2.73858   1.000 22.66920 ? 333  HOH A O   1 
HETATM 1282 O  O   . HOH G 4 .   ? 17.14488  12.44869  -11.05124 1.000 35.22393 ? 334  HOH A O   1 
HETATM 1283 O  O   . HOH G 4 .   ? -19.47818 -3.11595  10.83598  1.000 38.96934 ? 335  HOH A O   1 
HETATM 1284 O  O   . HOH G 4 .   ? 8.56852   16.38449  -8.61690  1.000 17.27023 ? 336  HOH A O   1 
HETATM 1285 O  O   . HOH G 4 .   ? 5.21973   13.73039  -18.72547 1.000 33.04150 ? 337  HOH A O   1 
HETATM 1286 O  O   . HOH G 4 .   ? 16.13097  -1.49901  3.68474   1.000 29.74696 ? 338  HOH A O   1 
HETATM 1287 O  O   . HOH G 4 .   ? 25.47397  6.17267   -3.51523  1.000 28.48985 ? 339  HOH A O   1 
HETATM 1288 O  O   . HOH G 4 .   ? -4.33450  -15.53740 11.84300  1.000 36.01462 ? 340  HOH A O   1 
HETATM 1289 O  O   . HOH G 4 .   ? -4.76364  4.90564   -0.55633  1.000 33.94516 ? 341  HOH A O   1 
HETATM 1290 O  O   . HOH G 4 .   ? 14.98345  14.28243  -21.87039 1.000 34.93490 ? 342  HOH A O   1 
HETATM 1291 O  O   . HOH G 4 .   ? 17.66814  15.32365  -4.63088  1.000 27.56995 ? 343  HOH A O   1 
HETATM 1292 O  O   . HOH G 4 .   ? -22.21317 -13.91070 8.62504   1.000 35.06708 ? 344  HOH A O   1 
HETATM 1293 O  O   . HOH G 4 .   ? 15.19313  15.67868  -6.13488  1.000 23.35054 ? 345  HOH A O   1 
HETATM 1294 O  O   . HOH G 4 .   ? 9.02149   12.26536  7.11886   1.000 35.14062 ? 346  HOH A O   1 
HETATM 1295 O  O   . HOH G 4 .   ? 18.46205  5.31425   4.45783   1.000 23.04606 ? 347  HOH A O   1 
HETATM 1296 O  O   . HOH G 4 .   ? -2.15339  16.71887  -8.45083  1.000 39.33683 ? 348  HOH A O   1 
HETATM 1297 O  O   . HOH G 4 .   ? 17.56074  9.53838   -15.29988 1.000 33.11823 ? 349  HOH A O   1 
HETATM 1298 O  O   . HOH G 4 .   ? 18.39515  10.75471  -19.52678 1.000 41.46395 ? 350  HOH A O   1 
HETATM 1299 O  O   . HOH G 4 .   ? 9.02790   2.96179   18.80673  1.000 31.40935 ? 351  HOH A O   1 
HETATM 1300 O  O   . HOH G 4 .   ? 14.77422  4.39822   6.88546   1.000 36.00988 ? 352  HOH A O   1 
HETATM 1301 O  O   . HOH G 4 .   ? -14.11086 -17.79825 9.35431   1.000 33.15862 ? 353  HOH A O   1 
HETATM 1302 O  O   . HOH G 4 .   ? 18.27446  8.82532   -17.57435 1.000 32.68267 ? 354  HOH A O   1 
HETATM 1303 O  O   . HOH H 4 .   ? 5.76106   -4.53996  5.21074   1.000 30.54563 ? 3701 HOH B O   1 
HETATM 1304 O  O   . HOH H 4 .   ? 5.70083   -5.61756  1.94100   1.000 33.78702 ? 3702 HOH B O   1 
HETATM 1305 O  O   . HOH H 4 .   ? -1.05172  2.99023   7.92823   1.000 23.89060 ? 3703 HOH B O   1 
HETATM 1306 O  O   . HOH H 4 .   ? 14.77767  -5.79097  -9.92143  1.000 32.95829 ? 3704 HOH B O   1 
HETATM 1307 O  O   . HOH H 4 .   ? -1.98573  5.39265   9.74039   1.000 38.05324 ? 3705 HOH B O   1 
HETATM 1308 O  O   . HOH H 4 .   ? 4.44090   -4.80376  -5.83814  1.000 33.31777 ? 3706 HOH B O   1 
HETATM 1309 O  O   . HOH H 4 .   ? -3.83338  0.22268   -0.86051  1.000 36.19345 ? 3707 HOH B O   1 
# 
